data_7IBF
# 
_entry.id   7IBF 
# 
_audit_conform.dict_name       mmcif_pdbx.dic 
_audit_conform.dict_version    5.408 
_audit_conform.dict_location   http://mmcif.pdb.org/dictionaries/ascii/mmcif_pdbx.dic 
# 
loop_
_database_2.database_id 
_database_2.database_code 
_database_2.pdbx_database_accession 
_database_2.pdbx_DOI 
PDB   7IBF         pdb_00007ibf 10.2210/pdb7ibf/pdb 
WWPDB D_1001408554 ?            ?                   
# 
loop_
_pdbx_audit_revision_history.ordinal 
_pdbx_audit_revision_history.data_content_type 
_pdbx_audit_revision_history.major_revision 
_pdbx_audit_revision_history.minor_revision 
_pdbx_audit_revision_history.revision_date 
_pdbx_audit_revision_history.part_number 
1 'Structure model' 1 0 2025-10-22 ? 
2 'Structure model' 1 1 2025-12-10 ? 
# 
_pdbx_audit_revision_details.ordinal             1 
_pdbx_audit_revision_details.revision_ordinal    1 
_pdbx_audit_revision_details.data_content_type   'Structure model' 
_pdbx_audit_revision_details.provider            repository 
_pdbx_audit_revision_details.type                'Initial release' 
_pdbx_audit_revision_details.description         ? 
_pdbx_audit_revision_details.details             ? 
# 
_pdbx_audit_revision_group.ordinal             1 
_pdbx_audit_revision_group.revision_ordinal    2 
_pdbx_audit_revision_group.data_content_type   'Structure model' 
_pdbx_audit_revision_group.group               'Database references' 
# 
_pdbx_audit_revision_category.ordinal             1 
_pdbx_audit_revision_category.revision_ordinal    2 
_pdbx_audit_revision_category.data_content_type   'Structure model' 
_pdbx_audit_revision_category.category            citation 
# 
loop_
_pdbx_audit_revision_item.ordinal 
_pdbx_audit_revision_item.revision_ordinal 
_pdbx_audit_revision_item.data_content_type 
_pdbx_audit_revision_item.item 
1 2 'Structure model' '_citation.journal_volume' 
2 2 'Structure model' '_citation.page_first'     
3 2 'Structure model' '_citation.page_last'      
# 
loop_
_database_PDB_caveat.id 
_database_PDB_caveat.text 
1 'A1CS1 A 201 HAS WRONG CHIRALITY AT ATOM C07'                                                                               
2 'ARG A 124 and LYS A 125 that are next to each other in the sample sequence are not properly linked in conformers C and D.' 
# 
_pdbx_database_status.entry_id                        7IBF 
_pdbx_database_status.status_code                     REL 
_pdbx_database_status.status_code_sf                  REL 
_pdbx_database_status.status_code_mr                  ? 
_pdbx_database_status.status_code_cs                  ? 
_pdbx_database_status.recvd_initial_deposition_date   2025-05-27 
_pdbx_database_status.status_code_nmr_data            ? 
_pdbx_database_status.deposit_site                    RCSB 
_pdbx_database_status.process_site                    RCSB 
_pdbx_database_status.SG_entry                        ? 
_pdbx_database_status.pdb_format_compatible           N 
_pdbx_database_status.methods_development_category    ? 
# 
_pdbx_contact_author.id                 2 
_pdbx_contact_author.name_last          Weiss 
_pdbx_contact_author.name_first         Manfred 
_pdbx_contact_author.name_mi            S. 
_pdbx_contact_author.email              manfred.weiss@helmholtz-berlin.de 
_pdbx_contact_author.identifier_ORCID   0000-0002-2362-7047 
_pdbx_contact_author.role               'principal investigator/group leader' 
# 
loop_
_audit_author.pdbx_ordinal 
_audit_author.name 
_audit_author.identifier_ORCID 
1 'Lennartz, F.' 0000-0001-5617-5502 
2 'Weiss, M.S.'  0000-0002-2362-7047 
# 
_citation.id                        primary 
_citation.title                     
;Crystallographic fragment screening against SARS-CoV-2 nonstructural protein 1 using the F2X-Entry Screen and a newly developed fragment library.
;
_citation.journal_abbrev            'Acta Crystallogr D Struct Biol' 
_citation.journal_volume            81 
_citation.page_first                630 
_citation.page_last                 645 
_citation.year                      2025 
_citation.journal_id_ASTM           ? 
_citation.country                   ? 
_citation.journal_id_ISSN           2059-7983 
_citation.journal_id_CSD            ? 
_citation.book_publisher            ? 
_citation.pdbx_database_id_PubMed   41081353 
_citation.pdbx_database_id_DOI      10.1107/S2059798325008563 
# 
loop_
_citation_author.ordinal 
_citation_author.citation_id 
_citation_author.name 
_citation_author.identifier_ORCID 
1  primary 'Lennartz, F.'    ?                   
2  primary 'Wollenhaupt, J.' 0000-0002-3418-5213 
3  primary 'Oelker, M.'      0000-0001-7301-8445 
4  primary 'Froling, P.'     ?                   
5  primary 'Mueller, U.'     0000-0002-7139-0718 
6  primary 'Deckers, A.'     ?                   
7  primary 'Grathwol, C.'    ?                   
8  primary 'Brase, S.'       ?                   
9  primary 'Jung, N.'        0000-0001-9513-2468 
10 primary 'Weiss, M.S.'     0000-0002-2362-7047 
# 
loop_
_entity.id 
_entity.type 
_entity.src_method 
_entity.pdbx_description 
_entity.formula_weight 
_entity.pdbx_number_of_molecules 
_entity.pdbx_ec 
_entity.pdbx_mutation 
_entity.pdbx_fragment 
_entity.details 
1 polymer     man 'Host translation inhibitor nsp1'         12863.854 1  ? ? ? ? 
2 non-polymer syn '(3S)-3-(4-hydroxyphenyl)piperazin-2-one' 192.214   1  ? ? ? ? 
3 water       nat water                                     18.015    83 ? ? ? ? 
# 
_entity_name_com.entity_id   1 
_entity_name_com.name        'Leader protein,Non-structural protein 1,nsp1' 
# 
_entity_poly.entity_id                      1 
_entity_poly.type                           'polypeptide(L)' 
_entity_poly.nstd_linkage                   no 
_entity_poly.nstd_monomer                   no 
_entity_poly.pdbx_seq_one_letter_code       
;EKTHVQLSLPVLQVRDVLVRGFGDSVEEVLSEARQHLKDGTCGLVEVEKGVLPQLEQPYVFIKRSDARTAPHGHVMVELV
AELEGIQYGRSGETLGVLVPHVGEIPVAYRKVLLRK
;
_entity_poly.pdbx_seq_one_letter_code_can   
;EKTHVQLSLPVLQVRDVLVRGFGDSVEEVLSEARQHLKDGTCGLVEVEKGVLPQLEQPYVFIKRSDARTAPHGHVMVELV
AELEGIQYGRSGETLGVLVPHVGEIPVAYRKVLLRK
;
_entity_poly.pdbx_strand_id                 A 
_entity_poly.pdbx_target_identifier         ? 
# 
loop_
_pdbx_entity_nonpoly.entity_id 
_pdbx_entity_nonpoly.name 
_pdbx_entity_nonpoly.comp_id 
2 '(3S)-3-(4-hydroxyphenyl)piperazin-2-one' A1CS1 
3 water                                     HOH   
# 
loop_
_entity_poly_seq.entity_id 
_entity_poly_seq.num 
_entity_poly_seq.mon_id 
_entity_poly_seq.hetero 
1 1   GLU n 
1 2   LYS n 
1 3   THR n 
1 4   HIS n 
1 5   VAL n 
1 6   GLN n 
1 7   LEU n 
1 8   SER n 
1 9   LEU n 
1 10  PRO n 
1 11  VAL n 
1 12  LEU n 
1 13  GLN n 
1 14  VAL n 
1 15  ARG n 
1 16  ASP n 
1 17  VAL n 
1 18  LEU n 
1 19  VAL n 
1 20  ARG n 
1 21  GLY n 
1 22  PHE n 
1 23  GLY n 
1 24  ASP n 
1 25  SER n 
1 26  VAL n 
1 27  GLU n 
1 28  GLU n 
1 29  VAL n 
1 30  LEU n 
1 31  SER n 
1 32  GLU n 
1 33  ALA n 
1 34  ARG n 
1 35  GLN n 
1 36  HIS n 
1 37  LEU n 
1 38  LYS n 
1 39  ASP n 
1 40  GLY n 
1 41  THR n 
1 42  CYS n 
1 43  GLY n 
1 44  LEU n 
1 45  VAL n 
1 46  GLU n 
1 47  VAL n 
1 48  GLU n 
1 49  LYS n 
1 50  GLY n 
1 51  VAL n 
1 52  LEU n 
1 53  PRO n 
1 54  GLN n 
1 55  LEU n 
1 56  GLU n 
1 57  GLN n 
1 58  PRO n 
1 59  TYR n 
1 60  VAL n 
1 61  PHE n 
1 62  ILE n 
1 63  LYS n 
1 64  ARG n 
1 65  SER n 
1 66  ASP n 
1 67  ALA n 
1 68  ARG n 
1 69  THR n 
1 70  ALA n 
1 71  PRO n 
1 72  HIS n 
1 73  GLY n 
1 74  HIS n 
1 75  VAL n 
1 76  MET n 
1 77  VAL n 
1 78  GLU n 
1 79  LEU n 
1 80  VAL n 
1 81  ALA n 
1 82  GLU n 
1 83  LEU n 
1 84  GLU n 
1 85  GLY n 
1 86  ILE n 
1 87  GLN n 
1 88  TYR n 
1 89  GLY n 
1 90  ARG n 
1 91  SER n 
1 92  GLY n 
1 93  GLU n 
1 94  THR n 
1 95  LEU n 
1 96  GLY n 
1 97  VAL n 
1 98  LEU n 
1 99  VAL n 
1 100 PRO n 
1 101 HIS n 
1 102 VAL n 
1 103 GLY n 
1 104 GLU n 
1 105 ILE n 
1 106 PRO n 
1 107 VAL n 
1 108 ALA n 
1 109 TYR n 
1 110 ARG n 
1 111 LYS n 
1 112 VAL n 
1 113 LEU n 
1 114 LEU n 
1 115 ARG n 
1 116 LYS n 
# 
_entity_src_gen.entity_id                          1 
_entity_src_gen.pdbx_src_id                        1 
_entity_src_gen.pdbx_alt_source_flag               sample 
_entity_src_gen.pdbx_seq_type                      'Biological sequence' 
_entity_src_gen.pdbx_beg_seq_num                   1 
_entity_src_gen.pdbx_end_seq_num                   116 
_entity_src_gen.gene_src_common_name               ? 
_entity_src_gen.gene_src_genus                     ? 
_entity_src_gen.pdbx_gene_src_gene                 'rep, 1a-1b' 
_entity_src_gen.gene_src_species                   ? 
_entity_src_gen.gene_src_strain                    ? 
_entity_src_gen.gene_src_tissue                    ? 
_entity_src_gen.gene_src_tissue_fraction           ? 
_entity_src_gen.gene_src_details                   ? 
_entity_src_gen.pdbx_gene_src_fragment             ? 
_entity_src_gen.pdbx_gene_src_scientific_name      'Severe acute respiratory syndrome coronavirus 2' 
_entity_src_gen.pdbx_gene_src_ncbi_taxonomy_id     2697049 
_entity_src_gen.pdbx_gene_src_variant              ? 
_entity_src_gen.pdbx_gene_src_cell_line            ? 
_entity_src_gen.pdbx_gene_src_atcc                 ? 
_entity_src_gen.pdbx_gene_src_organ                ? 
_entity_src_gen.pdbx_gene_src_organelle            ? 
_entity_src_gen.pdbx_gene_src_cell                 ? 
_entity_src_gen.pdbx_gene_src_cellular_location    ? 
_entity_src_gen.host_org_common_name               ? 
_entity_src_gen.pdbx_host_org_scientific_name      'Escherichia coli BL21(DE3)' 
_entity_src_gen.pdbx_host_org_ncbi_taxonomy_id     469008 
_entity_src_gen.host_org_genus                     ? 
_entity_src_gen.pdbx_host_org_gene                 ? 
_entity_src_gen.pdbx_host_org_organ                ? 
_entity_src_gen.host_org_species                   ? 
_entity_src_gen.pdbx_host_org_tissue               ? 
_entity_src_gen.pdbx_host_org_tissue_fraction      ? 
_entity_src_gen.pdbx_host_org_strain               ? 
_entity_src_gen.pdbx_host_org_variant              ? 
_entity_src_gen.pdbx_host_org_cell_line            ? 
_entity_src_gen.pdbx_host_org_atcc                 ? 
_entity_src_gen.pdbx_host_org_culture_collection   ? 
_entity_src_gen.pdbx_host_org_cell                 ? 
_entity_src_gen.pdbx_host_org_organelle            ? 
_entity_src_gen.pdbx_host_org_cellular_location    ? 
_entity_src_gen.pdbx_host_org_vector_type          plasmid 
_entity_src_gen.pdbx_host_org_vector               ? 
_entity_src_gen.host_org_details                   ? 
_entity_src_gen.expression_system_id               ? 
_entity_src_gen.plasmid_name                       pET15b 
_entity_src_gen.plasmid_details                    ? 
_entity_src_gen.pdbx_description                   ? 
# 
loop_
_chem_comp.id 
_chem_comp.type 
_chem_comp.mon_nstd_flag 
_chem_comp.name 
_chem_comp.pdbx_synonyms 
_chem_comp.formula 
_chem_comp.formula_weight 
A1CS1 non-polymer         . '(3S)-3-(4-hydroxyphenyl)piperazin-2-one' ? 'C10 H12 N2 O2'  192.214 
ALA   'L-peptide linking' y ALANINE                                   ? 'C3 H7 N O2'     89.093  
ARG   'L-peptide linking' y ARGININE                                  ? 'C6 H15 N4 O2 1' 175.209 
ASP   'L-peptide linking' y 'ASPARTIC ACID'                           ? 'C4 H7 N O4'     133.103 
CYS   'L-peptide linking' y CYSTEINE                                  ? 'C3 H7 N O2 S'   121.158 
GLN   'L-peptide linking' y GLUTAMINE                                 ? 'C5 H10 N2 O3'   146.144 
GLU   'L-peptide linking' y 'GLUTAMIC ACID'                           ? 'C5 H9 N O4'     147.129 
GLY   'peptide linking'   y GLYCINE                                   ? 'C2 H5 N O2'     75.067  
HIS   'L-peptide linking' y HISTIDINE                                 ? 'C6 H10 N3 O2 1' 156.162 
HOH   non-polymer         . WATER                                     ? 'H2 O'           18.015  
ILE   'L-peptide linking' y ISOLEUCINE                                ? 'C6 H13 N O2'    131.173 
LEU   'L-peptide linking' y LEUCINE                                   ? 'C6 H13 N O2'    131.173 
LYS   'L-peptide linking' y LYSINE                                    ? 'C6 H15 N2 O2 1' 147.195 
MET   'L-peptide linking' y METHIONINE                                ? 'C5 H11 N O2 S'  149.211 
PHE   'L-peptide linking' y PHENYLALANINE                             ? 'C9 H11 N O2'    165.189 
PRO   'L-peptide linking' y PROLINE                                   ? 'C5 H9 N O2'     115.130 
SER   'L-peptide linking' y SERINE                                    ? 'C3 H7 N O3'     105.093 
THR   'L-peptide linking' y THREONINE                                 ? 'C4 H9 N O3'     119.119 
TYR   'L-peptide linking' y TYROSINE                                  ? 'C9 H11 N O3'    181.189 
VAL   'L-peptide linking' y VALINE                                    ? 'C5 H11 N O2'    117.146 
# 
loop_
_pdbx_poly_seq_scheme.asym_id 
_pdbx_poly_seq_scheme.entity_id 
_pdbx_poly_seq_scheme.seq_id 
_pdbx_poly_seq_scheme.mon_id 
_pdbx_poly_seq_scheme.ndb_seq_num 
_pdbx_poly_seq_scheme.pdb_seq_num 
_pdbx_poly_seq_scheme.auth_seq_num 
_pdbx_poly_seq_scheme.pdb_mon_id 
_pdbx_poly_seq_scheme.auth_mon_id 
_pdbx_poly_seq_scheme.pdb_strand_id 
_pdbx_poly_seq_scheme.pdb_ins_code 
_pdbx_poly_seq_scheme.hetero 
A 1 1   GLU 1   10  ?   ?   ?   A . n 
A 1 2   LYS 2   11  11  LYS LYS A . n 
A 1 3   THR 3   12  12  THR THR A . n 
A 1 4   HIS 4   13  13  HIS HIS A . n 
A 1 5   VAL 5   14  14  VAL VAL A . n 
A 1 6   GLN 6   15  15  GLN GLN A . n 
A 1 7   LEU 7   16  16  LEU LEU A . n 
A 1 8   SER 8   17  17  SER SER A . n 
A 1 9   LEU 9   18  18  LEU LEU A . n 
A 1 10  PRO 10  19  19  PRO PRO A . n 
A 1 11  VAL 11  20  20  VAL VAL A . n 
A 1 12  LEU 12  21  21  LEU LEU A . n 
A 1 13  GLN 13  22  22  GLN GLN A . n 
A 1 14  VAL 14  23  23  VAL VAL A . n 
A 1 15  ARG 15  24  24  ARG ARG A . n 
A 1 16  ASP 16  25  25  ASP ASP A . n 
A 1 17  VAL 17  26  26  VAL VAL A . n 
A 1 18  LEU 18  27  27  LEU LEU A . n 
A 1 19  VAL 19  28  28  VAL VAL A . n 
A 1 20  ARG 20  29  29  ARG ARG A . n 
A 1 21  GLY 21  30  30  GLY GLY A . n 
A 1 22  PHE 22  31  31  PHE PHE A . n 
A 1 23  GLY 23  32  32  GLY GLY A . n 
A 1 24  ASP 24  33  33  ASP ASP A . n 
A 1 25  SER 25  34  34  SER SER A . n 
A 1 26  VAL 26  35  35  VAL VAL A . n 
A 1 27  GLU 27  36  36  GLU GLU A . n 
A 1 28  GLU 28  37  37  GLU GLU A . n 
A 1 29  VAL 29  38  38  VAL VAL A . n 
A 1 30  LEU 30  39  39  LEU LEU A . n 
A 1 31  SER 31  40  40  SER SER A . n 
A 1 32  GLU 32  41  41  GLU GLU A . n 
A 1 33  ALA 33  42  42  ALA ALA A . n 
A 1 34  ARG 34  43  43  ARG ARG A . n 
A 1 35  GLN 35  44  44  GLN GLN A . n 
A 1 36  HIS 36  45  45  HIS HIS A . n 
A 1 37  LEU 37  46  46  LEU LEU A . n 
A 1 38  LYS 38  47  47  LYS LYS A . n 
A 1 39  ASP 39  48  48  ASP ASP A . n 
A 1 40  GLY 40  49  49  GLY GLY A . n 
A 1 41  THR 41  50  50  THR THR A . n 
A 1 42  CYS 42  51  51  CYS CYS A . n 
A 1 43  GLY 43  52  52  GLY GLY A . n 
A 1 44  LEU 44  53  53  LEU LEU A . n 
A 1 45  VAL 45  54  54  VAL VAL A . n 
A 1 46  GLU 46  55  55  GLU GLU A . n 
A 1 47  VAL 47  56  56  VAL VAL A . n 
A 1 48  GLU 48  57  57  GLU GLU A . n 
A 1 49  LYS 49  58  58  LYS LYS A . n 
A 1 50  GLY 50  59  59  GLY GLY A . n 
A 1 51  VAL 51  60  60  VAL VAL A . n 
A 1 52  LEU 52  61  61  LEU LEU A . n 
A 1 53  PRO 53  62  62  PRO PRO A . n 
A 1 54  GLN 54  63  63  GLN GLN A . n 
A 1 55  LEU 55  64  64  LEU LEU A . n 
A 1 56  GLU 56  65  65  GLU GLU A . n 
A 1 57  GLN 57  66  66  GLN GLN A . n 
A 1 58  PRO 58  67  67  PRO PRO A . n 
A 1 59  TYR 59  68  68  TYR TYR A . n 
A 1 60  VAL 60  69  69  VAL VAL A . n 
A 1 61  PHE 61  70  70  PHE PHE A . n 
A 1 62  ILE 62  71  71  ILE ILE A . n 
A 1 63  LYS 63  72  72  LYS LYS A . n 
A 1 64  ARG 64  73  73  ARG ARG A . n 
A 1 65  SER 65  74  74  SER SER A . n 
A 1 66  ASP 66  75  75  ASP ASP A . n 
A 1 67  ALA 67  76  76  ALA ALA A . n 
A 1 68  ARG 68  77  ?   ?   ?   A . n 
A 1 69  THR 69  78  ?   ?   ?   A . n 
A 1 70  ALA 70  79  79  ALA ALA A . n 
A 1 71  PRO 71  80  80  PRO PRO A . n 
A 1 72  HIS 72  81  81  HIS HIS A . n 
A 1 73  GLY 73  82  82  GLY GLY A . n 
A 1 74  HIS 74  83  83  HIS HIS A . n 
A 1 75  VAL 75  84  84  VAL VAL A . n 
A 1 76  MET 76  85  85  MET MET A . n 
A 1 77  VAL 77  86  86  VAL VAL A . n 
A 1 78  GLU 78  87  87  GLU GLU A . n 
A 1 79  LEU 79  88  88  LEU LEU A . n 
A 1 80  VAL 80  89  89  VAL VAL A . n 
A 1 81  ALA 81  90  90  ALA ALA A . n 
A 1 82  GLU 82  91  91  GLU GLU A . n 
A 1 83  LEU 83  92  92  LEU LEU A . n 
A 1 84  GLU 84  93  93  GLU GLU A . n 
A 1 85  GLY 85  94  94  GLY GLY A . n 
A 1 86  ILE 86  95  95  ILE ILE A . n 
A 1 87  GLN 87  96  96  GLN GLN A . n 
A 1 88  TYR 88  97  97  TYR TYR A . n 
A 1 89  GLY 89  98  98  GLY GLY A . n 
A 1 90  ARG 90  99  99  ARG ARG A . n 
A 1 91  SER 91  100 100 SER SER A . n 
A 1 92  GLY 92  101 101 GLY GLY A . n 
A 1 93  GLU 93  102 102 GLU GLU A . n 
A 1 94  THR 94  103 103 THR THR A . n 
A 1 95  LEU 95  104 104 LEU LEU A . n 
A 1 96  GLY 96  105 105 GLY GLY A . n 
A 1 97  VAL 97  106 106 VAL VAL A . n 
A 1 98  LEU 98  107 107 LEU LEU A . n 
A 1 99  VAL 99  108 108 VAL VAL A . n 
A 1 100 PRO 100 109 109 PRO PRO A . n 
A 1 101 HIS 101 110 110 HIS HIS A . n 
A 1 102 VAL 102 111 111 VAL VAL A . n 
A 1 103 GLY 103 112 112 GLY GLY A . n 
A 1 104 GLU 104 113 113 GLU GLU A . n 
A 1 105 ILE 105 114 114 ILE ILE A . n 
A 1 106 PRO 106 115 115 PRO PRO A . n 
A 1 107 VAL 107 116 116 VAL VAL A . n 
A 1 108 ALA 108 117 117 ALA ALA A . n 
A 1 109 TYR 109 118 118 TYR TYR A . n 
A 1 110 ARG 110 119 119 ARG ARG A . n 
A 1 111 LYS 111 120 120 LYS LYS A . n 
A 1 112 VAL 112 121 121 VAL VAL A . n 
A 1 113 LEU 113 122 122 LEU LEU A . n 
A 1 114 LEU 114 123 123 LEU LEU A . n 
A 1 115 ARG 115 124 124 ARG ARG A . n 
A 1 116 LYS 116 125 125 LYS LYS A . n 
# 
loop_
_pdbx_nonpoly_scheme.asym_id 
_pdbx_nonpoly_scheme.entity_id 
_pdbx_nonpoly_scheme.mon_id 
_pdbx_nonpoly_scheme.ndb_seq_num 
_pdbx_nonpoly_scheme.pdb_seq_num 
_pdbx_nonpoly_scheme.auth_seq_num 
_pdbx_nonpoly_scheme.pdb_mon_id 
_pdbx_nonpoly_scheme.auth_mon_id 
_pdbx_nonpoly_scheme.pdb_strand_id 
_pdbx_nonpoly_scheme.pdb_ins_code 
B 2 A1CS1 1  201 210 A1CS1 LIG A . 
C 3 HOH   1  301 42  HOH   HOH A . 
C 3 HOH   2  302 35  HOH   HOH A . 
C 3 HOH   3  303 37  HOH   HOH A . 
C 3 HOH   4  304 56  HOH   HOH A . 
C 3 HOH   5  305 28  HOH   HOH A . 
C 3 HOH   6  306 40  HOH   HOH A . 
C 3 HOH   7  307 68  HOH   HOH A . 
C 3 HOH   8  308 44  HOH   HOH A . 
C 3 HOH   9  309 64  HOH   HOH A . 
C 3 HOH   10 310 77  HOH   HOH A . 
C 3 HOH   11 311 66  HOH   HOH A . 
C 3 HOH   12 312 25  HOH   HOH A . 
C 3 HOH   13 313 72  HOH   HOH A . 
C 3 HOH   14 314 19  HOH   HOH A . 
C 3 HOH   15 315 14  HOH   HOH A . 
C 3 HOH   16 316 83  HOH   HOH A . 
C 3 HOH   17 317 43  HOH   HOH A . 
C 3 HOH   18 318 78  HOH   HOH A . 
C 3 HOH   19 319 81  HOH   HOH A . 
C 3 HOH   20 320 76  HOH   HOH A . 
C 3 HOH   21 321 23  HOH   HOH A . 
C 3 HOH   22 322 74  HOH   HOH A . 
C 3 HOH   23 323 46  HOH   HOH A . 
C 3 HOH   24 324 10  HOH   HOH A . 
C 3 HOH   25 325 9   HOH   HOH A . 
C 3 HOH   26 326 6   HOH   HOH A . 
C 3 HOH   27 327 58  HOH   HOH A . 
C 3 HOH   28 328 30  HOH   HOH A . 
C 3 HOH   29 329 13  HOH   HOH A . 
C 3 HOH   30 330 3   HOH   HOH A . 
C 3 HOH   31 331 80  HOH   HOH A . 
C 3 HOH   32 332 15  HOH   HOH A . 
C 3 HOH   33 333 22  HOH   HOH A . 
C 3 HOH   34 334 36  HOH   HOH A . 
C 3 HOH   35 335 26  HOH   HOH A . 
C 3 HOH   36 336 73  HOH   HOH A . 
C 3 HOH   37 337 55  HOH   HOH A . 
C 3 HOH   38 338 39  HOH   HOH A . 
C 3 HOH   39 339 38  HOH   HOH A . 
C 3 HOH   40 340 67  HOH   HOH A . 
C 3 HOH   41 341 12  HOH   HOH A . 
C 3 HOH   42 342 50  HOH   HOH A . 
C 3 HOH   43 343 1   HOH   HOH A . 
C 3 HOH   44 344 2   HOH   HOH A . 
C 3 HOH   45 345 4   HOH   HOH A . 
C 3 HOH   46 346 17  HOH   HOH A . 
C 3 HOH   47 347 21  HOH   HOH A . 
C 3 HOH   48 348 29  HOH   HOH A . 
C 3 HOH   49 349 7   HOH   HOH A . 
C 3 HOH   50 350 8   HOH   HOH A . 
C 3 HOH   51 351 24  HOH   HOH A . 
C 3 HOH   52 352 71  HOH   HOH A . 
C 3 HOH   53 353 48  HOH   HOH A . 
C 3 HOH   54 354 51  HOH   HOH A . 
C 3 HOH   55 355 69  HOH   HOH A . 
C 3 HOH   56 356 60  HOH   HOH A . 
C 3 HOH   57 357 33  HOH   HOH A . 
C 3 HOH   58 358 27  HOH   HOH A . 
C 3 HOH   59 359 16  HOH   HOH A . 
C 3 HOH   60 360 18  HOH   HOH A . 
C 3 HOH   61 361 52  HOH   HOH A . 
C 3 HOH   62 362 20  HOH   HOH A . 
C 3 HOH   63 363 57  HOH   HOH A . 
C 3 HOH   64 364 49  HOH   HOH A . 
C 3 HOH   65 365 45  HOH   HOH A . 
C 3 HOH   66 366 63  HOH   HOH A . 
C 3 HOH   67 367 11  HOH   HOH A . 
C 3 HOH   68 368 32  HOH   HOH A . 
C 3 HOH   69 369 5   HOH   HOH A . 
C 3 HOH   70 370 34  HOH   HOH A . 
C 3 HOH   71 371 31  HOH   HOH A . 
C 3 HOH   72 372 65  HOH   HOH A . 
C 3 HOH   73 373 62  HOH   HOH A . 
C 3 HOH   74 374 47  HOH   HOH A . 
C 3 HOH   75 375 61  HOH   HOH A . 
C 3 HOH   76 376 53  HOH   HOH A . 
C 3 HOH   77 377 59  HOH   HOH A . 
C 3 HOH   78 378 70  HOH   HOH A . 
C 3 HOH   79 379 41  HOH   HOH A . 
C 3 HOH   80 380 79  HOH   HOH A . 
C 3 HOH   81 381 54  HOH   HOH A . 
C 3 HOH   82 382 75  HOH   HOH A . 
C 3 HOH   83 383 82  HOH   HOH A . 
# 
loop_
_software.classification 
_software.name 
_software.version 
_software.citation_id 
_software.pdbx_ordinal 
refinement       REFMAC 5.8.0267 ? 1 
phasing          PHASER .        ? 2 
'data scaling'   XDS    .        ? 3 
'data reduction' XDS    .        ? 4 
# 
_cell.entry_id           7IBF 
_cell.length_a           36.720 
_cell.length_b           36.720 
_cell.length_c           142.250 
_cell.angle_alpha        90.00 
_cell.angle_beta         90.00 
_cell.angle_gamma        90.00 
_cell.Z_PDB              8 
_cell.pdbx_unique_axis   ? 
# 
_symmetry.entry_id                         7IBF 
_symmetry.space_group_name_H-M             'P 43 21 2' 
_symmetry.pdbx_full_space_group_name_H-M   ? 
_symmetry.cell_setting                     ? 
_symmetry.Int_Tables_number                96 
# 
_exptl.entry_id          7IBF 
_exptl.method            'X-RAY DIFFRACTION' 
_exptl.crystals_number   1 
# 
_exptl_crystal.id                    1 
_exptl_crystal.density_Matthews      1.87 
_exptl_crystal.density_percent_sol   34.15 
_exptl_crystal.density_meas          ? 
_exptl_crystal.description           ? 
# 
_exptl_crystal_grow.crystal_id      1 
_exptl_crystal_grow.method          'VAPOR DIFFUSION, SITTING DROP' 
_exptl_crystal_grow.pdbx_details    '0.1 M HEPES pH 7.5 and 25% (w/v) PEG 3350. Reproducibility was improved by seeding.' 
_exptl_crystal_grow.temp            293 
_exptl_crystal_grow.pH              7.5 
_exptl_crystal_grow.temp_details    ? 
_exptl_crystal_grow.pdbx_pH_range   ? 
# 
_diffrn.id                     1 
_diffrn.ambient_temp           100 
_diffrn.crystal_id             1 
_diffrn.ambient_temp_details   ? 
# 
_diffrn_detector.diffrn_id              1 
_diffrn_detector.detector               PIXEL 
_diffrn_detector.pdbx_collection_date   2023-05-02 
_diffrn_detector.type                   'DECTRIS PILATUS3 6M' 
_diffrn_detector.id                     1 
_diffrn_detector.details                ? 
# 
_diffrn_radiation.diffrn_id                        1 
_diffrn_radiation.pdbx_diffrn_protocol             'SINGLE WAVELENGTH' 
_diffrn_radiation.pdbx_monochromatic_or_laue_m_l   M 
_diffrn_radiation.pdbx_scattering_type             x-ray 
_diffrn_radiation.wavelength_id                    1 
_diffrn_radiation.monochromator                    ? 
# 
_diffrn_radiation_wavelength.id           1 
_diffrn_radiation_wavelength.wavelength   0.9184 
_diffrn_radiation_wavelength.wt           1.0 
# 
_diffrn_source.diffrn_id                   1 
_diffrn_source.pdbx_wavelength_list        0.9184 
_diffrn_source.source                      SYNCHROTRON 
_diffrn_source.type                        'BESSY BEAMLINE 14.1' 
_diffrn_source.pdbx_synchrotron_site       BESSY 
_diffrn_source.pdbx_synchrotron_beamline   14.1 
_diffrn_source.pdbx_wavelength             ? 
# 
_reflns.entry_id                     7IBF 
_reflns.pdbx_diffrn_id               1 
_reflns.pdbx_ordinal                 1 
_reflns.d_resolution_low             35.55 
_reflns.d_resolution_high            1.61 
_reflns.number_obs                   13440 
_reflns.percent_possible_obs         99.9 
_reflns.pdbx_Rmerge_I_obs            0.057 
_reflns.pdbx_netI_over_sigmaI        23.62 
_reflns.pdbx_Rrim_I_all              0.059000000000000004 
_reflns.pdbx_CC_half                 1.0 
_reflns.pdbx_number_measured_all     166244 
_reflns.observed_criterion_sigma_I   ? 
_reflns.observed_criterion_sigma_F   ? 
_reflns.number_all                   ? 
_reflns.pdbx_Rsym_value              ? 
_reflns.B_iso_Wilson_estimate        ? 
_reflns.pdbx_redundancy              ? 
# 
loop_
_reflns_shell.pdbx_diffrn_id 
_reflns_shell.pdbx_ordinal 
_reflns_shell.d_res_high 
_reflns_shell.d_res_low 
_reflns_shell.number_measured_obs 
_reflns_shell.number_unique_obs 
_reflns_shell.Rmerge_I_obs 
_reflns_shell.percent_possible_obs 
_reflns_shell.pdbx_netI_over_sigmaI_obs 
_reflns_shell.pdbx_Rrim_I_all 
_reflns_shell.pdbx_CC_half 
_reflns_shell.percent_possible_all 
_reflns_shell.pdbx_Rsym_value 
_reflns_shell.meanI_over_sigI_obs 
_reflns_shell.pdbx_redundancy 
1 1 1.61 1.71 26991 2089 1.504               99.8  1.59  1.5659999999999998  0.654              ? ? ? ? 
1 2 1.71 1.82 25301 2010 0.841               100.0 2.89  0.877               0.856              ? ? ? ? 
1 3 1.82 1.97 22471 1830 0.42700000000000005 99.8  5.61  0.446               0.953              ? ? ? ? 
1 4 1.97 2.16 22562 1754 0.215               100.0 11.38 0.22399999999999998 0.988              ? ? ? ? 
1 5 2.16 2.41 18669 1563 0.131               100.0 18.15 0.13699999999999998 0.996              ? ? ? ? 
1 6 2.41 2.78 17997 1399 0.08199999999999999 100.0 29.60 0.085               0.998              ? ? ? ? 
1 7 2.78 3.4  14689 1218 0.043               99.8  53.01 0.045               0.9990000000000001 ? ? ? ? 
1 8 3.40 4.79 11291 963  0.023               99.9  90.35 0.024               1.0                ? ? ? ? 
1 9 4.79 ?    6273  614  0.02                99.8  92.43 0.021               1.0                ? ? ? ? 
# 
_refine.pdbx_refine_id                           'X-RAY DIFFRACTION' 
_refine.entry_id                                 7IBF 
_refine.pdbx_diffrn_id                           1 
_refine.pdbx_TLS_residual_ADP_flag               ? 
_refine.ls_number_reflns_obs                     12768 
_refine.ls_number_reflns_all                     ? 
_refine.pdbx_ls_sigma_I                          ? 
_refine.pdbx_ls_sigma_F                          ? 
_refine.pdbx_data_cutoff_high_absF               ? 
_refine.pdbx_data_cutoff_low_absF                ? 
_refine.pdbx_data_cutoff_high_rms_absF           ? 
_refine.ls_d_res_low                             35.55 
_refine.ls_d_res_high                            1.61 
_refine.ls_percent_reflns_obs                    99.91 
_refine.ls_R_factor_obs                          0.20174 
_refine.ls_R_factor_all                          ? 
_refine.ls_R_factor_R_work                       0.19907 
_refine.ls_R_factor_R_free                       0.25126 
_refine.ls_R_factor_R_free_error                 ? 
_refine.ls_R_factor_R_free_error_details         ? 
_refine.ls_percent_reflns_R_free                 5.0 
_refine.ls_number_reflns_R_free                  672 
_refine.ls_number_parameters                     ? 
_refine.ls_number_restraints                     ? 
_refine.occupancy_min                            ? 
_refine.occupancy_max                            ? 
_refine.correlation_coeff_Fo_to_Fc               0.962 
_refine.correlation_coeff_Fo_to_Fc_free          0.937 
_refine.B_iso_mean                               30.681 
_refine.aniso_B[1][1]                            0.19 
_refine.aniso_B[2][2]                            0.19 
_refine.aniso_B[3][3]                            -0.38 
_refine.aniso_B[1][2]                            -0.00 
_refine.aniso_B[1][3]                            -0.00 
_refine.aniso_B[2][3]                            -0.00 
_refine.solvent_model_details                    MASK 
_refine.solvent_model_param_ksol                 ? 
_refine.solvent_model_param_bsol                 ? 
_refine.pdbx_solvent_vdw_probe_radii             1.20 
_refine.pdbx_solvent_ion_probe_radii             0.80 
_refine.pdbx_solvent_shrinkage_radii             0.80 
_refine.pdbx_ls_cross_valid_method               THROUGHOUT 
_refine.details                                  'HYDROGENS HAVE BEEN ADDED IN THE RIDING POSITIONS' 
_refine.pdbx_starting_model                      ? 
_refine.pdbx_method_to_determine_struct          'MOLECULAR REPLACEMENT' 
_refine.pdbx_isotropic_thermal_model             ? 
_refine.pdbx_stereochemistry_target_values       'MAXIMUM LIKELIHOOD' 
_refine.pdbx_stereochem_target_val_spec_case     ? 
_refine.pdbx_R_Free_selection_details            RANDOM 
_refine.pdbx_overall_ESU_R                       0.147 
_refine.pdbx_overall_ESU_R_Free                  0.138 
_refine.overall_SU_ML                            0.102 
_refine.pdbx_overall_phase_error                 ? 
_refine.overall_SU_B                             3.017 
_refine.overall_SU_R_Cruickshank_DPI             ? 
_refine.pdbx_overall_SU_R_free_Cruickshank_DPI   ? 
_refine.pdbx_overall_SU_R_Blow_DPI               ? 
_refine.pdbx_overall_SU_R_free_Blow_DPI          ? 
# 
_refine_hist.pdbx_refine_id                   'X-RAY DIFFRACTION' 
_refine_hist.cycle_id                         1 
_refine_hist.pdbx_number_atoms_protein        877 
_refine_hist.pdbx_number_atoms_nucleic_acid   0 
_refine_hist.pdbx_number_atoms_ligand         14 
_refine_hist.number_atoms_solvent             83 
_refine_hist.number_atoms_total               974 
_refine_hist.d_res_high                       1.61 
_refine_hist.d_res_low                        35.55 
# 
loop_
_refine_ls_restr.type 
_refine_ls_restr.dev_ideal 
_refine_ls_restr.dev_ideal_target 
_refine_ls_restr.weight 
_refine_ls_restr.number 
_refine_ls_restr.pdbx_refine_id 
_refine_ls_restr.pdbx_restraint_function 
r_bond_refined_d             0.008  0.014  ? 1699 'X-RAY DIFFRACTION' ? 
r_bond_other_d               0.001  0.017  ? 1381 'X-RAY DIFFRACTION' ? 
r_angle_refined_deg          1.472  1.641  ? 1909 'X-RAY DIFFRACTION' ? 
r_angle_other_deg            1.295  1.598  ? 3196 'X-RAY DIFFRACTION' ? 
r_dihedral_angle_1_deg       6.853  5.000  ? 193  'X-RAY DIFFRACTION' ? 
r_dihedral_angle_2_deg       27.248 21.587 ? 63   'X-RAY DIFFRACTION' ? 
r_dihedral_angle_3_deg       15.108 15.000 ? 251  'X-RAY DIFFRACTION' ? 
r_dihedral_angle_4_deg       9.083  15.000 ? 10   'X-RAY DIFFRACTION' ? 
r_chiral_restr               0.076  0.200  ? 162  'X-RAY DIFFRACTION' ? 
r_gen_planes_refined         0.007  0.020  ? 1666 'X-RAY DIFFRACTION' ? 
r_gen_planes_other           0.002  0.020  ? 306  'X-RAY DIFFRACTION' ? 
r_nbd_refined                ?      ?      ? ?    'X-RAY DIFFRACTION' ? 
r_nbd_other                  ?      ?      ? ?    'X-RAY DIFFRACTION' ? 
r_nbtor_refined              ?      ?      ? ?    'X-RAY DIFFRACTION' ? 
r_nbtor_other                ?      ?      ? ?    'X-RAY DIFFRACTION' ? 
r_xyhbond_nbd_refined        ?      ?      ? ?    'X-RAY DIFFRACTION' ? 
r_xyhbond_nbd_other          ?      ?      ? ?    'X-RAY DIFFRACTION' ? 
r_metal_ion_refined          ?      ?      ? ?    'X-RAY DIFFRACTION' ? 
r_metal_ion_other            ?      ?      ? ?    'X-RAY DIFFRACTION' ? 
r_symmetry_vdw_refined       ?      ?      ? ?    'X-RAY DIFFRACTION' ? 
r_symmetry_vdw_other         ?      ?      ? ?    'X-RAY DIFFRACTION' ? 
r_symmetry_hbond_refined     ?      ?      ? ?    'X-RAY DIFFRACTION' ? 
r_symmetry_hbond_other       ?      ?      ? ?    'X-RAY DIFFRACTION' ? 
r_symmetry_metal_ion_refined ?      ?      ? ?    'X-RAY DIFFRACTION' ? 
r_symmetry_metal_ion_other   ?      ?      ? ?    'X-RAY DIFFRACTION' ? 
r_mcbond_it                  2.064  2.863  ? 866  'X-RAY DIFFRACTION' ? 
r_mcbond_other               2.065  2.856  ? 862  'X-RAY DIFFRACTION' ? 
r_mcangle_it                 3.227  4.268  ? 919  'X-RAY DIFFRACTION' ? 
r_mcangle_other              3.226  4.271  ? 920  'X-RAY DIFFRACTION' ? 
r_scbond_it                  3.144  3.318  ? 833  'X-RAY DIFFRACTION' ? 
r_scbond_other               3.142  3.318  ? 834  'X-RAY DIFFRACTION' ? 
r_scangle_it                 ?      ?      ? ?    'X-RAY DIFFRACTION' ? 
r_scangle_other              5.194  4.872  ? 991  'X-RAY DIFFRACTION' ? 
r_long_range_B_refined       7.051  34.231 ? 1432 'X-RAY DIFFRACTION' ? 
r_long_range_B_other         7.049  34.247 ? 1433 'X-RAY DIFFRACTION' ? 
r_rigid_bond_restr           ?      ?      ? ?    'X-RAY DIFFRACTION' ? 
r_sphericity_free            ?      ?      ? ?    'X-RAY DIFFRACTION' ? 
r_sphericity_bonded          ?      ?      ? ?    'X-RAY DIFFRACTION' ? 
# 
_refine_ls_shell.pdbx_refine_id                   'X-RAY DIFFRACTION' 
_refine_ls_shell.pdbx_total_number_of_bins_used   20 
_refine_ls_shell.d_res_high                       1.610 
_refine_ls_shell.d_res_low                        1.652 
_refine_ls_shell.number_reflns_R_work             898 
_refine_ls_shell.R_factor_R_work                  0.307 
_refine_ls_shell.percent_reflns_obs               99.47 
_refine_ls_shell.R_factor_R_free                  0.332 
_refine_ls_shell.R_factor_R_free_error            ? 
_refine_ls_shell.percent_reflns_R_free            ? 
_refine_ls_shell.number_reflns_R_free             47 
_refine_ls_shell.number_reflns_all                ? 
_refine_ls_shell.R_factor_all                     ? 
# 
_struct.entry_id                  7IBF 
_struct.title                     
'PanDDA analysis group deposition -- SARS-CoV-2 Nsp1 in complex with fragment X4161 (well F07) from the KIT library' 
_struct.pdbx_CASP_flag            N 
_struct.pdbx_model_details        ? 
_struct.pdbx_model_type_details   ? 
# 
_struct_keywords.entry_id        7IBF 
_struct_keywords.pdbx_keywords   'VIRAL PROTEIN' 
_struct_keywords.text            'SARS-CoV-2, fragment screen, Nsp1, KIT library, VIRAL PROTEIN' 
# 
loop_
_struct_asym.id 
_struct_asym.pdbx_blank_PDB_chainid_flag 
_struct_asym.pdbx_modified 
_struct_asym.entity_id 
_struct_asym.details 
A N N 1 ? 
B N N 2 ? 
C N N 3 ? 
# 
_struct_ref.id                         1 
_struct_ref.db_name                    UNP 
_struct_ref.db_code                    R1AB_SARS2 
_struct_ref.pdbx_db_accession          P0DTD1 
_struct_ref.pdbx_db_isoform            ? 
_struct_ref.entity_id                  1 
_struct_ref.pdbx_seq_one_letter_code   
;EKTHVQLSLPVLQVRDVLVRGFGDSVEEVLSEARQHLKDGTCGLVEVEKGVLPQLEQPYVFIKRSDARTAPHGHVMVELV
AELEGIQYGRSGETLGVLVPHVGEIPVAYRKVLLRK
;
_struct_ref.pdbx_align_begin           10 
# 
_struct_ref_seq.align_id                      1 
_struct_ref_seq.ref_id                        1 
_struct_ref_seq.pdbx_PDB_id_code              7IBF 
_struct_ref_seq.pdbx_strand_id                A 
_struct_ref_seq.seq_align_beg                 1 
_struct_ref_seq.pdbx_seq_align_beg_ins_code   ? 
_struct_ref_seq.seq_align_end                 116 
_struct_ref_seq.pdbx_seq_align_end_ins_code   ? 
_struct_ref_seq.pdbx_db_accession             P0DTD1 
_struct_ref_seq.db_align_beg                  10 
_struct_ref_seq.pdbx_db_align_beg_ins_code    ? 
_struct_ref_seq.db_align_end                  125 
_struct_ref_seq.pdbx_db_align_end_ins_code    ? 
_struct_ref_seq.pdbx_auth_seq_align_beg       10 
_struct_ref_seq.pdbx_auth_seq_align_end       125 
# 
_pdbx_struct_assembly.id                   1 
_pdbx_struct_assembly.details              author_and_software_defined_assembly 
_pdbx_struct_assembly.method_details       PISA 
_pdbx_struct_assembly.oligomeric_details   monomeric 
_pdbx_struct_assembly.oligomeric_count     1 
# 
loop_
_pdbx_struct_assembly_prop.biol_id 
_pdbx_struct_assembly_prop.type 
_pdbx_struct_assembly_prop.value 
_pdbx_struct_assembly_prop.details 
1 'ABSA (A^2)' 0    ? 
1 MORE         0    ? 
1 'SSA (A^2)'  6390 ? 
# 
_pdbx_struct_assembly_gen.assembly_id       1 
_pdbx_struct_assembly_gen.oper_expression   1 
_pdbx_struct_assembly_gen.asym_id_list      A,B,C 
# 
_pdbx_struct_oper_list.id                   1 
_pdbx_struct_oper_list.type                 'identity operation' 
_pdbx_struct_oper_list.name                 1_555 
_pdbx_struct_oper_list.symmetry_operation   x,y,z 
_pdbx_struct_oper_list.matrix[1][1]         1.0000000000 
_pdbx_struct_oper_list.matrix[1][2]         0.0000000000 
_pdbx_struct_oper_list.matrix[1][3]         0.0000000000 
_pdbx_struct_oper_list.vector[1]            0.0000000000 
_pdbx_struct_oper_list.matrix[2][1]         0.0000000000 
_pdbx_struct_oper_list.matrix[2][2]         1.0000000000 
_pdbx_struct_oper_list.matrix[2][3]         0.0000000000 
_pdbx_struct_oper_list.vector[2]            0.0000000000 
_pdbx_struct_oper_list.matrix[3][1]         0.0000000000 
_pdbx_struct_oper_list.matrix[3][2]         0.0000000000 
_pdbx_struct_oper_list.matrix[3][3]         1.0000000000 
_pdbx_struct_oper_list.vector[3]            0.0000000000 
# 
loop_
_struct_conf.conf_type_id 
_struct_conf.id 
_struct_conf.pdbx_PDB_helix_id 
_struct_conf.beg_label_comp_id 
_struct_conf.beg_label_asym_id 
_struct_conf.beg_label_seq_id 
_struct_conf.pdbx_beg_PDB_ins_code 
_struct_conf.end_label_comp_id 
_struct_conf.end_label_asym_id 
_struct_conf.end_label_seq_id 
_struct_conf.pdbx_end_PDB_ins_code 
_struct_conf.beg_auth_comp_id 
_struct_conf.beg_auth_asym_id 
_struct_conf.beg_auth_seq_id 
_struct_conf.end_auth_comp_id 
_struct_conf.end_auth_asym_id 
_struct_conf.end_auth_seq_id 
_struct_conf.pdbx_PDB_helix_class 
_struct_conf.details 
_struct_conf.pdbx_PDB_helix_length 
HELX_P HELX_P1 AA1 GLN A 13 ? VAL A 17 ? GLN A 22 VAL A 26 5 ? 5  
HELX_P HELX_P2 AA2 SER A 25 ? GLY A 40 ? SER A 34 GLY A 49 1 ? 16 
HELX_P HELX_P3 AA3 VAL A 51 ? LEU A 55 ? VAL A 60 LEU A 64 5 ? 5  
HELX_P HELX_P4 AA4 ALA A 70 ? HIS A 74 ? ALA A 79 HIS A 83 5 ? 5  
# 
_struct_conf_type.id          HELX_P 
_struct_conf_type.criteria    ? 
_struct_conf_type.reference   ? 
# 
_struct_mon_prot_cis.pdbx_id                1 
_struct_mon_prot_cis.label_comp_id          GLN 
_struct_mon_prot_cis.label_seq_id           57 
_struct_mon_prot_cis.label_asym_id          A 
_struct_mon_prot_cis.label_alt_id           . 
_struct_mon_prot_cis.pdbx_PDB_ins_code      ? 
_struct_mon_prot_cis.auth_comp_id           GLN 
_struct_mon_prot_cis.auth_seq_id            66 
_struct_mon_prot_cis.auth_asym_id           A 
_struct_mon_prot_cis.pdbx_label_comp_id_2   PRO 
_struct_mon_prot_cis.pdbx_label_seq_id_2    58 
_struct_mon_prot_cis.pdbx_label_asym_id_2   A 
_struct_mon_prot_cis.pdbx_PDB_ins_code_2    ? 
_struct_mon_prot_cis.pdbx_auth_comp_id_2    PRO 
_struct_mon_prot_cis.pdbx_auth_seq_id_2     67 
_struct_mon_prot_cis.pdbx_auth_asym_id_2    A 
_struct_mon_prot_cis.pdbx_PDB_model_num     1 
_struct_mon_prot_cis.pdbx_omega_angle       -7.34 
# 
_struct_sheet.id               AA1 
_struct_sheet.type             ? 
_struct_sheet.number_strands   8 
_struct_sheet.details          ? 
# 
loop_
_struct_sheet_order.sheet_id 
_struct_sheet_order.range_id_1 
_struct_sheet_order.range_id_2 
_struct_sheet_order.offset 
_struct_sheet_order.sense 
AA1 1 2 ? anti-parallel 
AA1 2 3 ? parallel      
AA1 3 4 ? anti-parallel 
AA1 4 5 ? parallel      
AA1 5 6 ? anti-parallel 
AA1 6 7 ? anti-parallel 
AA1 7 8 ? anti-parallel 
# 
loop_
_struct_sheet_range.sheet_id 
_struct_sheet_range.id 
_struct_sheet_range.beg_label_comp_id 
_struct_sheet_range.beg_label_asym_id 
_struct_sheet_range.beg_label_seq_id 
_struct_sheet_range.pdbx_beg_PDB_ins_code 
_struct_sheet_range.end_label_comp_id 
_struct_sheet_range.end_label_asym_id 
_struct_sheet_range.end_label_seq_id 
_struct_sheet_range.pdbx_end_PDB_ins_code 
_struct_sheet_range.beg_auth_comp_id 
_struct_sheet_range.beg_auth_asym_id 
_struct_sheet_range.beg_auth_seq_id 
_struct_sheet_range.end_auth_comp_id 
_struct_sheet_range.end_auth_asym_id 
_struct_sheet_range.end_auth_seq_id 
AA1 1 ILE A 86  ? TYR A 88  ? ILE A 95  TYR A 97  
AA1 2 VAL A 75  ? LEU A 83  ? VAL A 84  LEU A 92  
AA1 3 ALA A 108 ? ARG A 115 ? ALA A 117 ARG A 124 
AA1 4 HIS A 4   ? VAL A 11  ? HIS A 13  VAL A 20  
AA1 5 CYS A 42  ? VAL A 45  ? CYS A 51  VAL A 54  
AA1 6 THR A 94  ? PRO A 100 ? THR A 103 PRO A 109 
AA1 7 TYR A 59  ? ARG A 64  ? TYR A 68  ARG A 73  
AA1 8 VAL A 75  ? LEU A 83  ? VAL A 84  LEU A 92  
# 
loop_
_pdbx_struct_sheet_hbond.sheet_id 
_pdbx_struct_sheet_hbond.range_id_1 
_pdbx_struct_sheet_hbond.range_id_2 
_pdbx_struct_sheet_hbond.range_1_label_atom_id 
_pdbx_struct_sheet_hbond.range_1_label_comp_id 
_pdbx_struct_sheet_hbond.range_1_label_asym_id 
_pdbx_struct_sheet_hbond.range_1_label_seq_id 
_pdbx_struct_sheet_hbond.range_1_PDB_ins_code 
_pdbx_struct_sheet_hbond.range_1_auth_atom_id 
_pdbx_struct_sheet_hbond.range_1_auth_comp_id 
_pdbx_struct_sheet_hbond.range_1_auth_asym_id 
_pdbx_struct_sheet_hbond.range_1_auth_seq_id 
_pdbx_struct_sheet_hbond.range_2_label_atom_id 
_pdbx_struct_sheet_hbond.range_2_label_comp_id 
_pdbx_struct_sheet_hbond.range_2_label_asym_id 
_pdbx_struct_sheet_hbond.range_2_label_seq_id 
_pdbx_struct_sheet_hbond.range_2_PDB_ins_code 
_pdbx_struct_sheet_hbond.range_2_auth_atom_id 
_pdbx_struct_sheet_hbond.range_2_auth_comp_id 
_pdbx_struct_sheet_hbond.range_2_auth_asym_id 
_pdbx_struct_sheet_hbond.range_2_auth_seq_id 
AA1 1 2 O TYR A 88  ? O TYR A 97  N ALA A 81  ? N ALA A 90  
AA1 2 3 N VAL A 77  ? N VAL A 86  O ARG A 115 ? O ARG A 124 
AA1 3 4 O VAL A 112 ? O VAL A 121 N LEU A 7   ? N LEU A 16  
AA1 4 5 N PRO A 10  ? N PRO A 19  O LEU A 44  ? O LEU A 53  
AA1 5 6 N VAL A 45  ? N VAL A 54  O VAL A 97  ? O VAL A 106 
AA1 6 7 O LEU A 95  ? O LEU A 104 N ILE A 62  ? N ILE A 71  
AA1 7 8 N PHE A 61  ? N PHE A 70  O VAL A 80  ? O VAL A 89  
# 
_pdbx_entry_details.entry_id                   7IBF 
_pdbx_entry_details.has_ligand_of_interest     Y 
_pdbx_entry_details.compound_details           ? 
_pdbx_entry_details.source_details             ? 
_pdbx_entry_details.nonpolymer_details         ? 
_pdbx_entry_details.sequence_details           ? 
_pdbx_entry_details.has_protein_modification   N 
# 
_pdbx_validate_close_contact.id               1 
_pdbx_validate_close_contact.PDB_model_num    1 
_pdbx_validate_close_contact.auth_atom_id_1   O 
_pdbx_validate_close_contact.auth_asym_id_1   A 
_pdbx_validate_close_contact.auth_comp_id_1   HOH 
_pdbx_validate_close_contact.auth_seq_id_1    368 
_pdbx_validate_close_contact.PDB_ins_code_1   ? 
_pdbx_validate_close_contact.label_alt_id_1   ? 
_pdbx_validate_close_contact.auth_atom_id_2   O 
_pdbx_validate_close_contact.auth_asym_id_2   A 
_pdbx_validate_close_contact.auth_comp_id_2   HOH 
_pdbx_validate_close_contact.auth_seq_id_2    373 
_pdbx_validate_close_contact.PDB_ins_code_2   ? 
_pdbx_validate_close_contact.label_alt_id_2   ? 
_pdbx_validate_close_contact.dist             2.16 
# 
_pdbx_validate_symm_contact.id                1 
_pdbx_validate_symm_contact.PDB_model_num     1 
_pdbx_validate_symm_contact.auth_atom_id_1    O 
_pdbx_validate_symm_contact.auth_asym_id_1    A 
_pdbx_validate_symm_contact.auth_comp_id_1    HOH 
_pdbx_validate_symm_contact.auth_seq_id_1     353 
_pdbx_validate_symm_contact.PDB_ins_code_1    ? 
_pdbx_validate_symm_contact.label_alt_id_1    ? 
_pdbx_validate_symm_contact.site_symmetry_1   1_555 
_pdbx_validate_symm_contact.auth_atom_id_2    O 
_pdbx_validate_symm_contact.auth_asym_id_2    A 
_pdbx_validate_symm_contact.auth_comp_id_2    HOH 
_pdbx_validate_symm_contact.auth_seq_id_2     361 
_pdbx_validate_symm_contact.PDB_ins_code_2    ? 
_pdbx_validate_symm_contact.label_alt_id_2    ? 
_pdbx_validate_symm_contact.site_symmetry_2   7_645 
_pdbx_validate_symm_contact.dist              1.90 
# 
loop_
_pdbx_validate_chiral.id 
_pdbx_validate_chiral.PDB_model_num 
_pdbx_validate_chiral.auth_atom_id 
_pdbx_validate_chiral.label_alt_id 
_pdbx_validate_chiral.auth_asym_id 
_pdbx_validate_chiral.auth_comp_id 
_pdbx_validate_chiral.auth_seq_id 
_pdbx_validate_chiral.PDB_ins_code 
_pdbx_validate_chiral.details 
_pdbx_validate_chiral.omega 
1 1 C07 C A A1CS1 201 ? PLANAR . 
2 1 C07 D A A1CS1 201 ? PLANAR . 
# 
loop_
_pdbx_validate_polymer_linkage.id 
_pdbx_validate_polymer_linkage.PDB_model_num 
_pdbx_validate_polymer_linkage.auth_atom_id_1 
_pdbx_validate_polymer_linkage.auth_asym_id_1 
_pdbx_validate_polymer_linkage.auth_comp_id_1 
_pdbx_validate_polymer_linkage.auth_seq_id_1 
_pdbx_validate_polymer_linkage.PDB_ins_code_1 
_pdbx_validate_polymer_linkage.label_alt_id_1 
_pdbx_validate_polymer_linkage.auth_atom_id_2 
_pdbx_validate_polymer_linkage.auth_asym_id_2 
_pdbx_validate_polymer_linkage.auth_comp_id_2 
_pdbx_validate_polymer_linkage.auth_seq_id_2 
_pdbx_validate_polymer_linkage.PDB_ins_code_2 
_pdbx_validate_polymer_linkage.label_alt_id_2 
_pdbx_validate_polymer_linkage.dist 
1 1 C A ARG 124 ? ? N A LYS 125 ? C 2.08 
2 1 C A ARG 124 ? ? N A LYS 125 ? D 2.08 
# 
loop_
_pdbx_struct_special_symmetry.id 
_pdbx_struct_special_symmetry.PDB_model_num 
_pdbx_struct_special_symmetry.auth_asym_id 
_pdbx_struct_special_symmetry.auth_comp_id 
_pdbx_struct_special_symmetry.auth_seq_id 
_pdbx_struct_special_symmetry.PDB_ins_code 
_pdbx_struct_special_symmetry.label_asym_id 
_pdbx_struct_special_symmetry.label_comp_id 
_pdbx_struct_special_symmetry.label_seq_id 
1 1 A HOH 301 ? C HOH . 
2 1 A HOH 308 ? C HOH . 
3 1 A HOH 340 ? C HOH . 
4 1 A HOH 383 ? C HOH . 
# 
loop_
_pdbx_unobs_or_zero_occ_residues.id 
_pdbx_unobs_or_zero_occ_residues.PDB_model_num 
_pdbx_unobs_or_zero_occ_residues.polymer_flag 
_pdbx_unobs_or_zero_occ_residues.occupancy_flag 
_pdbx_unobs_or_zero_occ_residues.auth_asym_id 
_pdbx_unobs_or_zero_occ_residues.auth_comp_id 
_pdbx_unobs_or_zero_occ_residues.auth_seq_id 
_pdbx_unobs_or_zero_occ_residues.PDB_ins_code 
_pdbx_unobs_or_zero_occ_residues.label_asym_id 
_pdbx_unobs_or_zero_occ_residues.label_comp_id 
_pdbx_unobs_or_zero_occ_residues.label_seq_id 
1 1 Y 1 A GLU 10 ? A GLU 1  
2 1 Y 1 A ARG 77 ? A ARG 68 
3 1 Y 1 A THR 78 ? A THR 69 
# 
loop_
_chem_comp_atom.comp_id 
_chem_comp_atom.atom_id 
_chem_comp_atom.type_symbol 
_chem_comp_atom.pdbx_aromatic_flag 
_chem_comp_atom.pdbx_stereo_config 
_chem_comp_atom.pdbx_ordinal 
A1CS1 C10  C Y N 1   
A1CS1 C13  C Y N 2   
A1CS1 O01  O N N 3   
A1CS1 C02  C N N 4   
A1CS1 N03  N N N 5   
A1CS1 C04  C N N 6   
A1CS1 C05  C N N 7   
A1CS1 N06  N N N 8   
A1CS1 C07  C N S 9   
A1CS1 C08  C Y N 10  
A1CS1 C09  C Y N 11  
A1CS1 C11  C Y N 12  
A1CS1 C12  C Y N 13  
A1CS1 O14  O N N 14  
A1CS1 H1   H N N 15  
A1CS1 H2   H N N 16  
A1CS1 H3   H N N 17  
A1CS1 H4   H N N 18  
A1CS1 H5   H N N 19  
A1CS1 H6   H N N 20  
A1CS1 H7   H N N 21  
A1CS1 H8   H N N 22  
A1CS1 H10  H N N 23  
A1CS1 H11  H N N 24  
A1CS1 H12  H N N 25  
A1CS1 H13  H N N 26  
ALA   N    N N N 27  
ALA   CA   C N S 28  
ALA   C    C N N 29  
ALA   O    O N N 30  
ALA   CB   C N N 31  
ALA   OXT  O N N 32  
ALA   H    H N N 33  
ALA   H2   H N N 34  
ALA   HA   H N N 35  
ALA   HB1  H N N 36  
ALA   HB2  H N N 37  
ALA   HB3  H N N 38  
ALA   HXT  H N N 39  
ARG   N    N N N 40  
ARG   CA   C N S 41  
ARG   C    C N N 42  
ARG   O    O N N 43  
ARG   CB   C N N 44  
ARG   CG   C N N 45  
ARG   CD   C N N 46  
ARG   NE   N N N 47  
ARG   CZ   C N N 48  
ARG   NH1  N N N 49  
ARG   NH2  N N N 50  
ARG   OXT  O N N 51  
ARG   H    H N N 52  
ARG   H2   H N N 53  
ARG   HA   H N N 54  
ARG   HB2  H N N 55  
ARG   HB3  H N N 56  
ARG   HG2  H N N 57  
ARG   HG3  H N N 58  
ARG   HD2  H N N 59  
ARG   HD3  H N N 60  
ARG   HE   H N N 61  
ARG   HH11 H N N 62  
ARG   HH12 H N N 63  
ARG   HH21 H N N 64  
ARG   HH22 H N N 65  
ARG   HXT  H N N 66  
ASP   N    N N N 67  
ASP   CA   C N S 68  
ASP   C    C N N 69  
ASP   O    O N N 70  
ASP   CB   C N N 71  
ASP   CG   C N N 72  
ASP   OD1  O N N 73  
ASP   OD2  O N N 74  
ASP   OXT  O N N 75  
ASP   H    H N N 76  
ASP   H2   H N N 77  
ASP   HA   H N N 78  
ASP   HB2  H N N 79  
ASP   HB3  H N N 80  
ASP   HD2  H N N 81  
ASP   HXT  H N N 82  
CYS   N    N N N 83  
CYS   CA   C N R 84  
CYS   C    C N N 85  
CYS   O    O N N 86  
CYS   CB   C N N 87  
CYS   SG   S N N 88  
CYS   OXT  O N N 89  
CYS   H    H N N 90  
CYS   H2   H N N 91  
CYS   HA   H N N 92  
CYS   HB2  H N N 93  
CYS   HB3  H N N 94  
CYS   HG   H N N 95  
CYS   HXT  H N N 96  
GLN   N    N N N 97  
GLN   CA   C N S 98  
GLN   C    C N N 99  
GLN   O    O N N 100 
GLN   CB   C N N 101 
GLN   CG   C N N 102 
GLN   CD   C N N 103 
GLN   OE1  O N N 104 
GLN   NE2  N N N 105 
GLN   OXT  O N N 106 
GLN   H    H N N 107 
GLN   H2   H N N 108 
GLN   HA   H N N 109 
GLN   HB2  H N N 110 
GLN   HB3  H N N 111 
GLN   HG2  H N N 112 
GLN   HG3  H N N 113 
GLN   HE21 H N N 114 
GLN   HE22 H N N 115 
GLN   HXT  H N N 116 
GLU   N    N N N 117 
GLU   CA   C N S 118 
GLU   C    C N N 119 
GLU   O    O N N 120 
GLU   CB   C N N 121 
GLU   CG   C N N 122 
GLU   CD   C N N 123 
GLU   OE1  O N N 124 
GLU   OE2  O N N 125 
GLU   OXT  O N N 126 
GLU   H    H N N 127 
GLU   H2   H N N 128 
GLU   HA   H N N 129 
GLU   HB2  H N N 130 
GLU   HB3  H N N 131 
GLU   HG2  H N N 132 
GLU   HG3  H N N 133 
GLU   HE2  H N N 134 
GLU   HXT  H N N 135 
GLY   N    N N N 136 
GLY   CA   C N N 137 
GLY   C    C N N 138 
GLY   O    O N N 139 
GLY   OXT  O N N 140 
GLY   H    H N N 141 
GLY   H2   H N N 142 
GLY   HA2  H N N 143 
GLY   HA3  H N N 144 
GLY   HXT  H N N 145 
HIS   N    N N N 146 
HIS   CA   C N S 147 
HIS   C    C N N 148 
HIS   O    O N N 149 
HIS   CB   C N N 150 
HIS   CG   C Y N 151 
HIS   ND1  N Y N 152 
HIS   CD2  C Y N 153 
HIS   CE1  C Y N 154 
HIS   NE2  N Y N 155 
HIS   OXT  O N N 156 
HIS   H    H N N 157 
HIS   H2   H N N 158 
HIS   HA   H N N 159 
HIS   HB2  H N N 160 
HIS   HB3  H N N 161 
HIS   HD1  H N N 162 
HIS   HD2  H N N 163 
HIS   HE1  H N N 164 
HIS   HE2  H N N 165 
HIS   HXT  H N N 166 
HOH   O    O N N 167 
HOH   H1   H N N 168 
HOH   H2   H N N 169 
ILE   N    N N N 170 
ILE   CA   C N S 171 
ILE   C    C N N 172 
ILE   O    O N N 173 
ILE   CB   C N S 174 
ILE   CG1  C N N 175 
ILE   CG2  C N N 176 
ILE   CD1  C N N 177 
ILE   OXT  O N N 178 
ILE   H    H N N 179 
ILE   H2   H N N 180 
ILE   HA   H N N 181 
ILE   HB   H N N 182 
ILE   HG12 H N N 183 
ILE   HG13 H N N 184 
ILE   HG21 H N N 185 
ILE   HG22 H N N 186 
ILE   HG23 H N N 187 
ILE   HD11 H N N 188 
ILE   HD12 H N N 189 
ILE   HD13 H N N 190 
ILE   HXT  H N N 191 
LEU   N    N N N 192 
LEU   CA   C N S 193 
LEU   C    C N N 194 
LEU   O    O N N 195 
LEU   CB   C N N 196 
LEU   CG   C N N 197 
LEU   CD1  C N N 198 
LEU   CD2  C N N 199 
LEU   OXT  O N N 200 
LEU   H    H N N 201 
LEU   H2   H N N 202 
LEU   HA   H N N 203 
LEU   HB2  H N N 204 
LEU   HB3  H N N 205 
LEU   HG   H N N 206 
LEU   HD11 H N N 207 
LEU   HD12 H N N 208 
LEU   HD13 H N N 209 
LEU   HD21 H N N 210 
LEU   HD22 H N N 211 
LEU   HD23 H N N 212 
LEU   HXT  H N N 213 
LYS   N    N N N 214 
LYS   CA   C N S 215 
LYS   C    C N N 216 
LYS   O    O N N 217 
LYS   CB   C N N 218 
LYS   CG   C N N 219 
LYS   CD   C N N 220 
LYS   CE   C N N 221 
LYS   NZ   N N N 222 
LYS   OXT  O N N 223 
LYS   H    H N N 224 
LYS   H2   H N N 225 
LYS   HA   H N N 226 
LYS   HB2  H N N 227 
LYS   HB3  H N N 228 
LYS   HG2  H N N 229 
LYS   HG3  H N N 230 
LYS   HD2  H N N 231 
LYS   HD3  H N N 232 
LYS   HE2  H N N 233 
LYS   HE3  H N N 234 
LYS   HZ1  H N N 235 
LYS   HZ2  H N N 236 
LYS   HZ3  H N N 237 
LYS   HXT  H N N 238 
MET   N    N N N 239 
MET   CA   C N S 240 
MET   C    C N N 241 
MET   O    O N N 242 
MET   CB   C N N 243 
MET   CG   C N N 244 
MET   SD   S N N 245 
MET   CE   C N N 246 
MET   OXT  O N N 247 
MET   H    H N N 248 
MET   H2   H N N 249 
MET   HA   H N N 250 
MET   HB2  H N N 251 
MET   HB3  H N N 252 
MET   HG2  H N N 253 
MET   HG3  H N N 254 
MET   HE1  H N N 255 
MET   HE2  H N N 256 
MET   HE3  H N N 257 
MET   HXT  H N N 258 
PHE   N    N N N 259 
PHE   CA   C N S 260 
PHE   C    C N N 261 
PHE   O    O N N 262 
PHE   CB   C N N 263 
PHE   CG   C Y N 264 
PHE   CD1  C Y N 265 
PHE   CD2  C Y N 266 
PHE   CE1  C Y N 267 
PHE   CE2  C Y N 268 
PHE   CZ   C Y N 269 
PHE   OXT  O N N 270 
PHE   H    H N N 271 
PHE   H2   H N N 272 
PHE   HA   H N N 273 
PHE   HB2  H N N 274 
PHE   HB3  H N N 275 
PHE   HD1  H N N 276 
PHE   HD2  H N N 277 
PHE   HE1  H N N 278 
PHE   HE2  H N N 279 
PHE   HZ   H N N 280 
PHE   HXT  H N N 281 
PRO   N    N N N 282 
PRO   CA   C N S 283 
PRO   C    C N N 284 
PRO   O    O N N 285 
PRO   CB   C N N 286 
PRO   CG   C N N 287 
PRO   CD   C N N 288 
PRO   OXT  O N N 289 
PRO   H    H N N 290 
PRO   HA   H N N 291 
PRO   HB2  H N N 292 
PRO   HB3  H N N 293 
PRO   HG2  H N N 294 
PRO   HG3  H N N 295 
PRO   HD2  H N N 296 
PRO   HD3  H N N 297 
PRO   HXT  H N N 298 
SER   N    N N N 299 
SER   CA   C N S 300 
SER   C    C N N 301 
SER   O    O N N 302 
SER   CB   C N N 303 
SER   OG   O N N 304 
SER   OXT  O N N 305 
SER   H    H N N 306 
SER   H2   H N N 307 
SER   HA   H N N 308 
SER   HB2  H N N 309 
SER   HB3  H N N 310 
SER   HG   H N N 311 
SER   HXT  H N N 312 
THR   N    N N N 313 
THR   CA   C N S 314 
THR   C    C N N 315 
THR   O    O N N 316 
THR   CB   C N R 317 
THR   OG1  O N N 318 
THR   CG2  C N N 319 
THR   OXT  O N N 320 
THR   H    H N N 321 
THR   H2   H N N 322 
THR   HA   H N N 323 
THR   HB   H N N 324 
THR   HG1  H N N 325 
THR   HG21 H N N 326 
THR   HG22 H N N 327 
THR   HG23 H N N 328 
THR   HXT  H N N 329 
TYR   N    N N N 330 
TYR   CA   C N S 331 
TYR   C    C N N 332 
TYR   O    O N N 333 
TYR   CB   C N N 334 
TYR   CG   C Y N 335 
TYR   CD1  C Y N 336 
TYR   CD2  C Y N 337 
TYR   CE1  C Y N 338 
TYR   CE2  C Y N 339 
TYR   CZ   C Y N 340 
TYR   OH   O N N 341 
TYR   OXT  O N N 342 
TYR   H    H N N 343 
TYR   H2   H N N 344 
TYR   HA   H N N 345 
TYR   HB2  H N N 346 
TYR   HB3  H N N 347 
TYR   HD1  H N N 348 
TYR   HD2  H N N 349 
TYR   HE1  H N N 350 
TYR   HE2  H N N 351 
TYR   HH   H N N 352 
TYR   HXT  H N N 353 
VAL   N    N N N 354 
VAL   CA   C N S 355 
VAL   C    C N N 356 
VAL   O    O N N 357 
VAL   CB   C N N 358 
VAL   CG1  C N N 359 
VAL   CG2  C N N 360 
VAL   OXT  O N N 361 
VAL   H    H N N 362 
VAL   H2   H N N 363 
VAL   HA   H N N 364 
VAL   HB   H N N 365 
VAL   HG11 H N N 366 
VAL   HG12 H N N 367 
VAL   HG13 H N N 368 
VAL   HG21 H N N 369 
VAL   HG22 H N N 370 
VAL   HG23 H N N 371 
VAL   HXT  H N N 372 
# 
loop_
_chem_comp_bond.comp_id 
_chem_comp_bond.atom_id_1 
_chem_comp_bond.atom_id_2 
_chem_comp_bond.value_order 
_chem_comp_bond.pdbx_aromatic_flag 
_chem_comp_bond.pdbx_stereo_config 
_chem_comp_bond.pdbx_ordinal 
A1CS1 C04 C05  sing N N 1   
A1CS1 C04 N03  sing N N 2   
A1CS1 C05 N06  sing N N 3   
A1CS1 N03 C02  sing N N 4   
A1CS1 N06 C07  sing N N 5   
A1CS1 C02 C07  sing N N 6   
A1CS1 C02 O01  doub N N 7   
A1CS1 C07 C08  sing N N 8   
A1CS1 C08 C13  doub Y N 9   
A1CS1 C08 C09  sing Y N 10  
A1CS1 C13 C12  sing Y N 11  
A1CS1 C09 C10  doub Y N 12  
A1CS1 C12 C11  doub Y N 13  
A1CS1 C10 C11  sing Y N 14  
A1CS1 C11 O14  sing N N 15  
A1CS1 C10 H1   sing N N 16  
A1CS1 C13 H2   sing N N 17  
A1CS1 N03 H3   sing N N 18  
A1CS1 C04 H4   sing N N 19  
A1CS1 C04 H5   sing N N 20  
A1CS1 C05 H6   sing N N 21  
A1CS1 C05 H7   sing N N 22  
A1CS1 N06 H8   sing N N 23  
A1CS1 C07 H10  sing N N 24  
A1CS1 C09 H11  sing N N 25  
A1CS1 C12 H12  sing N N 26  
A1CS1 O14 H13  sing N N 27  
ALA   N   CA   sing N N 28  
ALA   N   H    sing N N 29  
ALA   N   H2   sing N N 30  
ALA   CA  C    sing N N 31  
ALA   CA  CB   sing N N 32  
ALA   CA  HA   sing N N 33  
ALA   C   O    doub N N 34  
ALA   C   OXT  sing N N 35  
ALA   CB  HB1  sing N N 36  
ALA   CB  HB2  sing N N 37  
ALA   CB  HB3  sing N N 38  
ALA   OXT HXT  sing N N 39  
ARG   N   CA   sing N N 40  
ARG   N   H    sing N N 41  
ARG   N   H2   sing N N 42  
ARG   CA  C    sing N N 43  
ARG   CA  CB   sing N N 44  
ARG   CA  HA   sing N N 45  
ARG   C   O    doub N N 46  
ARG   C   OXT  sing N N 47  
ARG   CB  CG   sing N N 48  
ARG   CB  HB2  sing N N 49  
ARG   CB  HB3  sing N N 50  
ARG   CG  CD   sing N N 51  
ARG   CG  HG2  sing N N 52  
ARG   CG  HG3  sing N N 53  
ARG   CD  NE   sing N N 54  
ARG   CD  HD2  sing N N 55  
ARG   CD  HD3  sing N N 56  
ARG   NE  CZ   sing N N 57  
ARG   NE  HE   sing N N 58  
ARG   CZ  NH1  sing N N 59  
ARG   CZ  NH2  doub N N 60  
ARG   NH1 HH11 sing N N 61  
ARG   NH1 HH12 sing N N 62  
ARG   NH2 HH21 sing N N 63  
ARG   NH2 HH22 sing N N 64  
ARG   OXT HXT  sing N N 65  
ASP   N   CA   sing N N 66  
ASP   N   H    sing N N 67  
ASP   N   H2   sing N N 68  
ASP   CA  C    sing N N 69  
ASP   CA  CB   sing N N 70  
ASP   CA  HA   sing N N 71  
ASP   C   O    doub N N 72  
ASP   C   OXT  sing N N 73  
ASP   CB  CG   sing N N 74  
ASP   CB  HB2  sing N N 75  
ASP   CB  HB3  sing N N 76  
ASP   CG  OD1  doub N N 77  
ASP   CG  OD2  sing N N 78  
ASP   OD2 HD2  sing N N 79  
ASP   OXT HXT  sing N N 80  
CYS   N   CA   sing N N 81  
CYS   N   H    sing N N 82  
CYS   N   H2   sing N N 83  
CYS   CA  C    sing N N 84  
CYS   CA  CB   sing N N 85  
CYS   CA  HA   sing N N 86  
CYS   C   O    doub N N 87  
CYS   C   OXT  sing N N 88  
CYS   CB  SG   sing N N 89  
CYS   CB  HB2  sing N N 90  
CYS   CB  HB3  sing N N 91  
CYS   SG  HG   sing N N 92  
CYS   OXT HXT  sing N N 93  
GLN   N   CA   sing N N 94  
GLN   N   H    sing N N 95  
GLN   N   H2   sing N N 96  
GLN   CA  C    sing N N 97  
GLN   CA  CB   sing N N 98  
GLN   CA  HA   sing N N 99  
GLN   C   O    doub N N 100 
GLN   C   OXT  sing N N 101 
GLN   CB  CG   sing N N 102 
GLN   CB  HB2  sing N N 103 
GLN   CB  HB3  sing N N 104 
GLN   CG  CD   sing N N 105 
GLN   CG  HG2  sing N N 106 
GLN   CG  HG3  sing N N 107 
GLN   CD  OE1  doub N N 108 
GLN   CD  NE2  sing N N 109 
GLN   NE2 HE21 sing N N 110 
GLN   NE2 HE22 sing N N 111 
GLN   OXT HXT  sing N N 112 
GLU   N   CA   sing N N 113 
GLU   N   H    sing N N 114 
GLU   N   H2   sing N N 115 
GLU   CA  C    sing N N 116 
GLU   CA  CB   sing N N 117 
GLU   CA  HA   sing N N 118 
GLU   C   O    doub N N 119 
GLU   C   OXT  sing N N 120 
GLU   CB  CG   sing N N 121 
GLU   CB  HB2  sing N N 122 
GLU   CB  HB3  sing N N 123 
GLU   CG  CD   sing N N 124 
GLU   CG  HG2  sing N N 125 
GLU   CG  HG3  sing N N 126 
GLU   CD  OE1  doub N N 127 
GLU   CD  OE2  sing N N 128 
GLU   OE2 HE2  sing N N 129 
GLU   OXT HXT  sing N N 130 
GLY   N   CA   sing N N 131 
GLY   N   H    sing N N 132 
GLY   N   H2   sing N N 133 
GLY   CA  C    sing N N 134 
GLY   CA  HA2  sing N N 135 
GLY   CA  HA3  sing N N 136 
GLY   C   O    doub N N 137 
GLY   C   OXT  sing N N 138 
GLY   OXT HXT  sing N N 139 
HIS   N   CA   sing N N 140 
HIS   N   H    sing N N 141 
HIS   N   H2   sing N N 142 
HIS   CA  C    sing N N 143 
HIS   CA  CB   sing N N 144 
HIS   CA  HA   sing N N 145 
HIS   C   O    doub N N 146 
HIS   C   OXT  sing N N 147 
HIS   CB  CG   sing N N 148 
HIS   CB  HB2  sing N N 149 
HIS   CB  HB3  sing N N 150 
HIS   CG  ND1  sing Y N 151 
HIS   CG  CD2  doub Y N 152 
HIS   ND1 CE1  doub Y N 153 
HIS   ND1 HD1  sing N N 154 
HIS   CD2 NE2  sing Y N 155 
HIS   CD2 HD2  sing N N 156 
HIS   CE1 NE2  sing Y N 157 
HIS   CE1 HE1  sing N N 158 
HIS   NE2 HE2  sing N N 159 
HIS   OXT HXT  sing N N 160 
HOH   O   H1   sing N N 161 
HOH   O   H2   sing N N 162 
ILE   N   CA   sing N N 163 
ILE   N   H    sing N N 164 
ILE   N   H2   sing N N 165 
ILE   CA  C    sing N N 166 
ILE   CA  CB   sing N N 167 
ILE   CA  HA   sing N N 168 
ILE   C   O    doub N N 169 
ILE   C   OXT  sing N N 170 
ILE   CB  CG1  sing N N 171 
ILE   CB  CG2  sing N N 172 
ILE   CB  HB   sing N N 173 
ILE   CG1 CD1  sing N N 174 
ILE   CG1 HG12 sing N N 175 
ILE   CG1 HG13 sing N N 176 
ILE   CG2 HG21 sing N N 177 
ILE   CG2 HG22 sing N N 178 
ILE   CG2 HG23 sing N N 179 
ILE   CD1 HD11 sing N N 180 
ILE   CD1 HD12 sing N N 181 
ILE   CD1 HD13 sing N N 182 
ILE   OXT HXT  sing N N 183 
LEU   N   CA   sing N N 184 
LEU   N   H    sing N N 185 
LEU   N   H2   sing N N 186 
LEU   CA  C    sing N N 187 
LEU   CA  CB   sing N N 188 
LEU   CA  HA   sing N N 189 
LEU   C   O    doub N N 190 
LEU   C   OXT  sing N N 191 
LEU   CB  CG   sing N N 192 
LEU   CB  HB2  sing N N 193 
LEU   CB  HB3  sing N N 194 
LEU   CG  CD1  sing N N 195 
LEU   CG  CD2  sing N N 196 
LEU   CG  HG   sing N N 197 
LEU   CD1 HD11 sing N N 198 
LEU   CD1 HD12 sing N N 199 
LEU   CD1 HD13 sing N N 200 
LEU   CD2 HD21 sing N N 201 
LEU   CD2 HD22 sing N N 202 
LEU   CD2 HD23 sing N N 203 
LEU   OXT HXT  sing N N 204 
LYS   N   CA   sing N N 205 
LYS   N   H    sing N N 206 
LYS   N   H2   sing N N 207 
LYS   CA  C    sing N N 208 
LYS   CA  CB   sing N N 209 
LYS   CA  HA   sing N N 210 
LYS   C   O    doub N N 211 
LYS   C   OXT  sing N N 212 
LYS   CB  CG   sing N N 213 
LYS   CB  HB2  sing N N 214 
LYS   CB  HB3  sing N N 215 
LYS   CG  CD   sing N N 216 
LYS   CG  HG2  sing N N 217 
LYS   CG  HG3  sing N N 218 
LYS   CD  CE   sing N N 219 
LYS   CD  HD2  sing N N 220 
LYS   CD  HD3  sing N N 221 
LYS   CE  NZ   sing N N 222 
LYS   CE  HE2  sing N N 223 
LYS   CE  HE3  sing N N 224 
LYS   NZ  HZ1  sing N N 225 
LYS   NZ  HZ2  sing N N 226 
LYS   NZ  HZ3  sing N N 227 
LYS   OXT HXT  sing N N 228 
MET   N   CA   sing N N 229 
MET   N   H    sing N N 230 
MET   N   H2   sing N N 231 
MET   CA  C    sing N N 232 
MET   CA  CB   sing N N 233 
MET   CA  HA   sing N N 234 
MET   C   O    doub N N 235 
MET   C   OXT  sing N N 236 
MET   CB  CG   sing N N 237 
MET   CB  HB2  sing N N 238 
MET   CB  HB3  sing N N 239 
MET   CG  SD   sing N N 240 
MET   CG  HG2  sing N N 241 
MET   CG  HG3  sing N N 242 
MET   SD  CE   sing N N 243 
MET   CE  HE1  sing N N 244 
MET   CE  HE2  sing N N 245 
MET   CE  HE3  sing N N 246 
MET   OXT HXT  sing N N 247 
PHE   N   CA   sing N N 248 
PHE   N   H    sing N N 249 
PHE   N   H2   sing N N 250 
PHE   CA  C    sing N N 251 
PHE   CA  CB   sing N N 252 
PHE   CA  HA   sing N N 253 
PHE   C   O    doub N N 254 
PHE   C   OXT  sing N N 255 
PHE   CB  CG   sing N N 256 
PHE   CB  HB2  sing N N 257 
PHE   CB  HB3  sing N N 258 
PHE   CG  CD1  doub Y N 259 
PHE   CG  CD2  sing Y N 260 
PHE   CD1 CE1  sing Y N 261 
PHE   CD1 HD1  sing N N 262 
PHE   CD2 CE2  doub Y N 263 
PHE   CD2 HD2  sing N N 264 
PHE   CE1 CZ   doub Y N 265 
PHE   CE1 HE1  sing N N 266 
PHE   CE2 CZ   sing Y N 267 
PHE   CE2 HE2  sing N N 268 
PHE   CZ  HZ   sing N N 269 
PHE   OXT HXT  sing N N 270 
PRO   N   CA   sing N N 271 
PRO   N   CD   sing N N 272 
PRO   N   H    sing N N 273 
PRO   CA  C    sing N N 274 
PRO   CA  CB   sing N N 275 
PRO   CA  HA   sing N N 276 
PRO   C   O    doub N N 277 
PRO   C   OXT  sing N N 278 
PRO   CB  CG   sing N N 279 
PRO   CB  HB2  sing N N 280 
PRO   CB  HB3  sing N N 281 
PRO   CG  CD   sing N N 282 
PRO   CG  HG2  sing N N 283 
PRO   CG  HG3  sing N N 284 
PRO   CD  HD2  sing N N 285 
PRO   CD  HD3  sing N N 286 
PRO   OXT HXT  sing N N 287 
SER   N   CA   sing N N 288 
SER   N   H    sing N N 289 
SER   N   H2   sing N N 290 
SER   CA  C    sing N N 291 
SER   CA  CB   sing N N 292 
SER   CA  HA   sing N N 293 
SER   C   O    doub N N 294 
SER   C   OXT  sing N N 295 
SER   CB  OG   sing N N 296 
SER   CB  HB2  sing N N 297 
SER   CB  HB3  sing N N 298 
SER   OG  HG   sing N N 299 
SER   OXT HXT  sing N N 300 
THR   N   CA   sing N N 301 
THR   N   H    sing N N 302 
THR   N   H2   sing N N 303 
THR   CA  C    sing N N 304 
THR   CA  CB   sing N N 305 
THR   CA  HA   sing N N 306 
THR   C   O    doub N N 307 
THR   C   OXT  sing N N 308 
THR   CB  OG1  sing N N 309 
THR   CB  CG2  sing N N 310 
THR   CB  HB   sing N N 311 
THR   OG1 HG1  sing N N 312 
THR   CG2 HG21 sing N N 313 
THR   CG2 HG22 sing N N 314 
THR   CG2 HG23 sing N N 315 
THR   OXT HXT  sing N N 316 
TYR   N   CA   sing N N 317 
TYR   N   H    sing N N 318 
TYR   N   H2   sing N N 319 
TYR   CA  C    sing N N 320 
TYR   CA  CB   sing N N 321 
TYR   CA  HA   sing N N 322 
TYR   C   O    doub N N 323 
TYR   C   OXT  sing N N 324 
TYR   CB  CG   sing N N 325 
TYR   CB  HB2  sing N N 326 
TYR   CB  HB3  sing N N 327 
TYR   CG  CD1  doub Y N 328 
TYR   CG  CD2  sing Y N 329 
TYR   CD1 CE1  sing Y N 330 
TYR   CD1 HD1  sing N N 331 
TYR   CD2 CE2  doub Y N 332 
TYR   CD2 HD2  sing N N 333 
TYR   CE1 CZ   doub Y N 334 
TYR   CE1 HE1  sing N N 335 
TYR   CE2 CZ   sing Y N 336 
TYR   CE2 HE2  sing N N 337 
TYR   CZ  OH   sing N N 338 
TYR   OH  HH   sing N N 339 
TYR   OXT HXT  sing N N 340 
VAL   N   CA   sing N N 341 
VAL   N   H    sing N N 342 
VAL   N   H2   sing N N 343 
VAL   CA  C    sing N N 344 
VAL   CA  CB   sing N N 345 
VAL   CA  HA   sing N N 346 
VAL   C   O    doub N N 347 
VAL   C   OXT  sing N N 348 
VAL   CB  CG1  sing N N 349 
VAL   CB  CG2  sing N N 350 
VAL   CB  HB   sing N N 351 
VAL   CG1 HG11 sing N N 352 
VAL   CG1 HG12 sing N N 353 
VAL   CG1 HG13 sing N N 354 
VAL   CG2 HG21 sing N N 355 
VAL   CG2 HG22 sing N N 356 
VAL   CG2 HG23 sing N N 357 
VAL   OXT HXT  sing N N 358 
# 
_pdbx_audit_support.ordinal                1 
_pdbx_audit_support.funding_organization   'Helmholtz Association' 
_pdbx_audit_support.country                Germany 
# 
_pdbx_deposit_group.group_id            G_1002337 
_pdbx_deposit_group.group_title         
'PanDDA analysis group deposition of SARS-CoV-2 Nsp1 soaked with fragments from the KIT library' 
_pdbx_deposit_group.group_description   
;SARS-CoV-2 Nsp1 soaked with Fragments from the KIT library. Includes refined models for hit compounds with ligands placed into the PanDDA event-map, which is the primary evidence for ligand placement. The event-, average and Z-maps and the 2Fo-Fc and Fo-Fc maps are included in the mmcif file. 2Fo-Fc and Fo-Fc maps are not useful to consider as evidence for ligand placement.
;
_pdbx_deposit_group.group_type          'changed state' 
# 
_pdbx_initial_refinement_model.id               1 
_pdbx_initial_refinement_model.type             'experimental model' 
_pdbx_initial_refinement_model.accession_code   7EQ4 
_pdbx_initial_refinement_model.source_name      PDB 
# 
_atom_sites.entry_id                    7IBF 
_atom_sites.fract_transf_matrix[1][1]   -0.02589493 
_atom_sites.fract_transf_matrix[1][2]   -0.00589988 
_atom_sites.fract_transf_matrix[1][3]   0.00602330 
_atom_sites.fract_transf_matrix[2][1]   -0.00041086 
_atom_sites.fract_transf_matrix[2][2]   0.02031480 
_atom_sites.fract_transf_matrix[2][3]   0.01813219 
_atom_sites.fract_transf_matrix[3][1]   -0.00217392 
_atom_sites.fract_transf_matrix[3][2]   0.00442725 
_atom_sites.fract_transf_matrix[3][3]   -0.00500943 
_atom_sites.fract_transf_vector[1]      0.187126 
_atom_sites.fract_transf_vector[2]      -0.467295 
_atom_sites.fract_transf_vector[3]      0.055797 
# 
loop_
_atom_type.symbol 
C 
N 
O 
S 
# 
loop_
_atom_site.group_PDB 
_atom_site.id 
_atom_site.type_symbol 
_atom_site.label_atom_id 
_atom_site.label_alt_id 
_atom_site.label_comp_id 
_atom_site.label_asym_id 
_atom_site.label_entity_id 
_atom_site.label_seq_id 
_atom_site.pdbx_PDB_ins_code 
_atom_site.Cartn_x 
_atom_site.Cartn_y 
_atom_site.Cartn_z 
_atom_site.occupancy 
_atom_site.B_iso_or_equiv 
_atom_site.pdbx_formal_charge 
_atom_site.auth_seq_id 
_atom_site.auth_comp_id 
_atom_site.auth_asym_id 
_atom_site.auth_atom_id 
_atom_site.pdbx_PDB_model_num 
ATOM   1    N N   . LYS   A 1 2   ? -8.523  -0.411  15.869  1.00 47.31  ? 11  LYS   A N   1 
ATOM   2    C CA  . LYS   A 1 2   ? -7.102  -0.075  16.253  1.00 43.34  ? 11  LYS   A CA  1 
ATOM   3    C C   . LYS   A 1 2   ? -6.549  1.026   15.343  1.00 38.46  ? 11  LYS   A C   1 
ATOM   4    O O   . LYS   A 1 2   ? -6.847  1.022   14.120  1.00 34.73  ? 11  LYS   A O   1 
ATOM   5    C CB  . LYS   A 1 2   ? -6.184  -1.298  16.129  1.00 48.73  ? 11  LYS   A CB  1 
ATOM   6    C CG  . LYS   A 1 2   ? -6.403  -2.405  17.152  1.00 53.88  ? 11  LYS   A CG  1 
ATOM   7    C CD  . LYS   A 1 2   ? -5.508  -3.608  16.910  1.00 61.29  ? 11  LYS   A CD  1 
ATOM   8    C CE  . LYS   A 1 2   ? -5.825  -4.780  17.814  1.00 62.80  ? 11  LYS   A CE  1 
ATOM   9    N NZ  . LYS   A 1 2   ? -5.949  -4.350  19.226  1.00 68.57  ? 11  LYS   A NZ  1 
ATOM   10   N N   . THR   A 1 3   ? -5.681  1.897   15.865  1.00 31.19  ? 12  THR   A N   1 
ATOM   11   C CA  . THR   A 1 3   ? -5.059  2.985   15.063  1.00 29.46  ? 12  THR   A CA  1 
ATOM   12   C C   . THR   A 1 3   ? -4.016  2.403   14.101  1.00 30.48  ? 12  THR   A C   1 
ATOM   13   O O   . THR   A 1 3   ? -3.676  3.079   13.100  1.00 31.87  ? 12  THR   A O   1 
ATOM   14   C CB  . THR   A 1 3   ? -4.355  4.031   15.934  1.00 31.73  ? 12  THR   A CB  1 
ATOM   15   O OG1 . THR   A 1 3   ? -3.236  3.409   16.568  1.00 28.39  ? 12  THR   A OG1 1 
ATOM   16   C CG2 . THR   A 1 3   ? -5.307  4.648   16.931  1.00 35.08  ? 12  THR   A CG2 1 
ATOM   17   N N   . HIS   A 1 4   ? -3.505  1.215   14.388  1.00 28.48  ? 13  HIS   A N   1 
ATOM   18   C CA  . HIS   A 1 4   ? -2.461  0.597   13.542  1.00 31.07  ? 13  HIS   A CA  1 
ATOM   19   C C   . HIS   A 1 4   ? -2.857  -0.839  13.294  1.00 33.57  ? 13  HIS   A C   1 
ATOM   20   O O   . HIS   A 1 4   ? -3.513  -1.430  14.133  1.00 31.43  ? 13  HIS   A O   1 
ATOM   21   C CB  . HIS   A 1 4   ? -1.072  0.658   14.146  1.00 33.78  ? 13  HIS   A CB  1 
ATOM   22   C CG  . HIS   A 1 4   ? -0.442  2.000   14.100  1.00 29.17  ? 13  HIS   A CG  1 
ATOM   23   N ND1 . HIS   A 1 4   ? -0.855  3.020   14.939  1.00 32.25  ? 13  HIS   A ND1 1 
ATOM   24   C CD2 . HIS   A 1 4   ? 0.579   2.495   13.362  1.00 35.73  ? 13  HIS   A CD2 1 
ATOM   25   C CE1 . HIS   A 1 4   ? -0.102  4.088   14.722  1.00 30.20  ? 13  HIS   A CE1 1 
ATOM   26   N NE2 . HIS   A 1 4   ? 0.765   3.806   13.736  1.00 31.58  ? 13  HIS   A NE2 1 
ATOM   27   N N   A VAL   A 1 5   ? -2.469  -1.385  12.138  0.27 31.37  ? 14  VAL   A N   1 
ATOM   28   N N   B VAL   A 1 5   ? -2.469  -1.385  12.138  0.27 31.37  ? 14  VAL   A N   1 
ATOM   29   N N   C VAL   A 1 5   ? -2.432  -1.381  12.154  0.23 31.68  ? 14  VAL   A N   1 
ATOM   30   N N   D VAL   A 1 5   ? -2.432  -1.381  12.154  0.23 31.68  ? 14  VAL   A N   1 
ATOM   31   C CA  A VAL   A 1 5   ? -2.742  -2.808  11.779  0.27 30.77  ? 14  VAL   A CA  1 
ATOM   32   C CA  B VAL   A 1 5   ? -2.742  -2.808  11.779  0.27 30.78  ? 14  VAL   A CA  1 
ATOM   33   C CA  C VAL   A 1 5   ? -2.711  -2.792  11.772  0.23 31.34  ? 14  VAL   A CA  1 
ATOM   34   C CA  D VAL   A 1 5   ? -2.711  -2.792  11.772  0.23 31.34  ? 14  VAL   A CA  1 
ATOM   35   C C   A VAL   A 1 5   ? -1.456  -3.418  11.213  0.27 30.50  ? 14  VAL   A C   1 
ATOM   36   C C   B VAL   A 1 5   ? -1.456  -3.418  11.213  0.27 30.50  ? 14  VAL   A C   1 
ATOM   37   C C   C VAL   A 1 5   ? -1.420  -3.407  11.232  0.23 30.67  ? 14  VAL   A C   1 
ATOM   38   C C   D VAL   A 1 5   ? -1.420  -3.407  11.232  0.23 30.67  ? 14  VAL   A C   1 
ATOM   39   O O   A VAL   A 1 5   ? -0.767  -2.741  10.424  0.27 27.53  ? 14  VAL   A O   1 
ATOM   40   O O   B VAL   A 1 5   ? -0.767  -2.741  10.424  0.27 27.55  ? 14  VAL   A O   1 
ATOM   41   O O   C VAL   A 1 5   ? -0.699  -2.725  10.478  0.23 27.76  ? 14  VAL   A O   1 
ATOM   42   O O   D VAL   A 1 5   ? -0.699  -2.725  10.478  0.23 27.76  ? 14  VAL   A O   1 
ATOM   43   C CB  A VAL   A 1 5   ? -3.948  -2.940  10.829  0.27 32.11  ? 14  VAL   A CB  1 
ATOM   44   C CB  B VAL   A 1 5   ? -3.948  -2.940  10.829  0.27 32.10  ? 14  VAL   A CB  1 
ATOM   45   C CB  C VAL   A 1 5   ? -3.881  -2.888  10.779  0.23 32.88  ? 14  VAL   A CB  1 
ATOM   46   C CB  D VAL   A 1 5   ? -3.881  -2.888  10.779  0.23 32.88  ? 14  VAL   A CB  1 
ATOM   47   C CG1 A VAL   A 1 5   ? -3.761  -2.176  9.526   0.27 30.57  ? 14  VAL   A CG1 1 
ATOM   48   C CG1 B VAL   A 1 5   ? -3.761  -2.176  9.526   0.27 30.58  ? 14  VAL   A CG1 1 
ATOM   49   C CG1 C VAL   A 1 5   ? -3.606  -2.158  9.472   0.23 32.13  ? 14  VAL   A CG1 1 
ATOM   50   C CG1 D VAL   A 1 5   ? -3.606  -2.158  9.472   0.23 32.13  ? 14  VAL   A CG1 1 
ATOM   51   C CG2 A VAL   A 1 5   ? -4.289  -4.401  10.560  0.27 33.70  ? 14  VAL   A CG2 1 
ATOM   52   C CG2 B VAL   A 1 5   ? -4.290  -4.400  10.560  0.27 33.67  ? 14  VAL   A CG2 1 
ATOM   53   C CG2 C VAL   A 1 5   ? -4.276  -4.333  10.526  0.23 34.62  ? 14  VAL   A CG2 1 
ATOM   54   C CG2 D VAL   A 1 5   ? -4.276  -4.333  10.526  0.23 34.62  ? 14  VAL   A CG2 1 
ATOM   55   N N   . GLN   A 1 6   ? -1.134  -4.637  11.652  1.00 28.55  ? 15  GLN   A N   1 
ATOM   56   C CA  . GLN   A 1 6   ? 0.026   -5.398  11.160  1.00 31.67  ? 15  GLN   A CA  1 
ATOM   57   C C   . GLN   A 1 6   ? -0.382  -6.030  9.841   1.00 30.63  ? 15  GLN   A C   1 
ATOM   58   O O   . GLN   A 1 6   ? -1.353  -6.786  9.816   1.00 30.33  ? 15  GLN   A O   1 
ATOM   59   C CB  . GLN   A 1 6   ? 0.357   -6.490  12.175  1.00 34.49  ? 15  GLN   A CB  1 
ATOM   60   C CG  . GLN   A 1 6   ? 1.222   -5.990  13.312  1.00 37.88  ? 15  GLN   A CG  1 
ATOM   61   C CD  . GLN   A 1 6   ? 1.504   -7.091  14.313  1.00 43.42  ? 15  GLN   A CD  1 
ATOM   62   O OE1 . GLN   A 1 6   ? 1.071   -8.232  14.154  1.00 51.38  ? 15  GLN   A OE1 1 
ATOM   63   N NE2 . GLN   A 1 6   ? 2.279   -6.771  15.333  1.00 48.71  ? 15  GLN   A NE2 1 
ATOM   64   N N   A LEU   A 1 7   ? 0.350   -5.733  8.768   0.27 29.68  ? 16  LEU   A N   1 
ATOM   65   N N   B LEU   A 1 7   ? 0.349   -5.732  8.767   0.27 29.66  ? 16  LEU   A N   1 
ATOM   66   N N   C LEU   A 1 7   ? 0.367   -5.733  8.776   0.23 30.70  ? 16  LEU   A N   1 
ATOM   67   N N   D LEU   A 1 7   ? 0.368   -5.734  8.775   0.23 30.67  ? 16  LEU   A N   1 
ATOM   68   C CA  A LEU   A 1 7   ? 0.100   -6.347  7.439   0.27 30.40  ? 16  LEU   A CA  1 
ATOM   69   C CA  B LEU   A 1 7   ? 0.098   -6.347  7.439   0.27 30.33  ? 16  LEU   A CA  1 
ATOM   70   C CA  C LEU   A 1 7   ? 0.120   -6.263  7.410   0.23 31.98  ? 16  LEU   A CA  1 
ATOM   71   C CA  D LEU   A 1 7   ? 0.122   -6.266  7.409   0.23 31.91  ? 16  LEU   A CA  1 
ATOM   72   C C   A LEU   A 1 7   ? 1.395   -6.943  6.887   0.27 28.85  ? 16  LEU   A C   1 
ATOM   73   C C   B LEU   A 1 7   ? 1.394   -6.945  6.887   0.27 28.73  ? 16  LEU   A C   1 
ATOM   74   C C   C LEU   A 1 7   ? 1.399   -6.901  6.859   0.23 30.19  ? 16  LEU   A C   1 
ATOM   75   C C   D LEU   A 1 7   ? 1.402   -6.904  6.857   0.23 30.05  ? 16  LEU   A C   1 
ATOM   76   O O   A LEU   A 1 7   ? 2.491   -6.487  7.264   0.27 29.20  ? 16  LEU   A O   1 
ATOM   77   O O   B LEU   A 1 7   ? 2.489   -6.479  7.257   0.27 29.11  ? 16  LEU   A O   1 
ATOM   78   O O   C LEU   A 1 7   ? 2.500   -6.425  7.196   0.23 30.85  ? 16  LEU   A O   1 
ATOM   79   O O   D LEU   A 1 7   ? 2.501   -6.417  7.183   0.23 30.76  ? 16  LEU   A O   1 
ATOM   80   C CB  A LEU   A 1 7   ? -0.465  -5.290  6.488   0.27 30.92  ? 16  LEU   A CB  1 
ATOM   81   C CB  B LEU   A 1 7   ? -0.465  -5.288  6.488   0.27 30.88  ? 16  LEU   A CB  1 
ATOM   82   C CB  C LEU   A 1 7   ? -0.346  -5.113  6.515   0.23 33.24  ? 16  LEU   A CB  1 
ATOM   83   C CB  D LEU   A 1 7   ? -0.345  -5.114  6.515   0.23 33.20  ? 16  LEU   A CB  1 
ATOM   84   C CG  A LEU   A 1 7   ? -1.759  -4.612  6.935   0.27 32.26  ? 16  LEU   A CG  1 
ATOM   85   C CG  B LEU   A 1 7   ? -1.760  -4.612  6.934   0.27 32.23  ? 16  LEU   A CG  1 
ATOM   86   C CG  C LEU   A 1 7   ? -1.675  -4.471  6.909   0.23 34.85  ? 16  LEU   A CG  1 
ATOM   87   C CG  D LEU   A 1 7   ? -1.674  -4.472  6.910   0.23 34.83  ? 16  LEU   A CG  1 
ATOM   88   C CD1 A LEU   A 1 7   ? -2.071  -3.421  6.048   0.27 33.51  ? 16  LEU   A CD1 1 
ATOM   89   C CD1 B LEU   A 1 7   ? -2.071  -3.420  6.048   0.27 33.47  ? 16  LEU   A CD1 1 
ATOM   90   C CD1 C LEU   A 1 7   ? -1.909  -3.190  6.130   0.23 36.80  ? 16  LEU   A CD1 1 
ATOM   91   C CD1 D LEU   A 1 7   ? -1.907  -3.191  6.132   0.23 36.78  ? 16  LEU   A CD1 1 
ATOM   92   C CD2 A LEU   A 1 7   ? -2.927  -5.591  6.931   0.27 31.74  ? 16  LEU   A CD2 1 
ATOM   93   C CD2 B LEU   A 1 7   ? -2.928  -5.590  6.931   0.27 31.73  ? 16  LEU   A CD2 1 
ATOM   94   C CD2 C LEU   A 1 7   ? -2.830  -5.438  6.697   0.23 34.96  ? 16  LEU   A CD2 1 
ATOM   95   C CD2 D LEU   A 1 7   ? -2.829  -5.439  6.698   0.23 34.94  ? 16  LEU   A CD2 1 
ATOM   96   N N   A SER   A 1 8   ? 1.247   -7.948  6.026   0.27 29.72  ? 17  SER   A N   1 
ATOM   97   N N   B SER   A 1 8   ? 1.250   -7.974  6.053   0.27 29.42  ? 17  SER   A N   1 
ATOM   98   N N   C SER   A 1 8   ? 1.243   -7.951  6.048   0.23 30.31  ? 17  SER   A N   1 
ATOM   99   N N   D SER   A 1 8   ? 1.253   -7.974  6.069   0.23 30.01  ? 17  SER   A N   1 
ATOM   100  C CA  A SER   A 1 8   ? 2.344   -8.592  5.261   0.27 28.25  ? 17  SER   A CA  1 
ATOM   101  C CA  B SER   A 1 8   ? 2.342   -8.581  5.253   0.27 27.64  ? 17  SER   A CA  1 
ATOM   102  C CA  C SER   A 1 8   ? 2.329   -8.598  5.269   0.23 28.83  ? 17  SER   A CA  1 
ATOM   103  C CA  D SER   A 1 8   ? 2.339   -8.593  5.267   0.23 28.23  ? 17  SER   A CA  1 
ATOM   104  C C   A SER   A 1 8   ? 2.022   -8.420  3.775   0.27 27.04  ? 17  SER   A C   1 
ATOM   105  C C   B SER   A 1 8   ? 1.989   -8.383  3.780   0.27 26.73  ? 17  SER   A C   1 
ATOM   106  C C   C SER   A 1 8   ? 1.996   -8.423  3.787   0.23 27.65  ? 17  SER   A C   1 
ATOM   107  C C   D SER   A 1 8   ? 1.992   -8.405  3.790   0.23 27.36  ? 17  SER   A C   1 
ATOM   108  O O   A SER   A 1 8   ? 1.095   -9.089  3.297   0.27 25.93  ? 17  SER   A O   1 
ATOM   109  O O   B SER   A 1 8   ? 1.033   -9.023  3.320   0.27 25.56  ? 17  SER   A O   1 
ATOM   110  O O   C SER   A 1 8   ? 1.072   -9.096  3.311   0.23 26.13  ? 17  SER   A O   1 
ATOM   111  O O   D SER   A 1 8   ? 1.052   -9.060  3.316   0.23 25.80  ? 17  SER   A O   1 
ATOM   112  C CB  A SER   A 1 8   ? 2.512   -10.039 5.657   0.27 33.34  ? 17  SER   A CB  1 
ATOM   113  C CB  B SER   A 1 8   ? 2.556   -10.034 5.586   0.27 32.30  ? 17  SER   A CB  1 
ATOM   114  C CB  C SER   A 1 8   ? 2.502   -10.044 5.660   0.23 33.32  ? 17  SER   A CB  1 
ATOM   115  C CB  D SER   A 1 8   ? 2.551   -10.045 5.601   0.23 32.36  ? 17  SER   A CB  1 
ATOM   116  O OG  A SER   A 1 8   ? 3.322   -10.136 6.822   0.27 34.32  ? 17  SER   A OG  1 
ATOM   117  O OG  B SER   A 1 8   ? 3.795   -10.474 5.049   0.27 32.26  ? 17  SER   A OG  1 
ATOM   118  O OG  C SER   A 1 8   ? 3.314   -10.144 6.823   0.23 34.23  ? 17  SER   A OG  1 
ATOM   119  O OG  D SER   A 1 8   ? 3.785   -10.488 5.056   0.23 32.31  ? 17  SER   A OG  1 
ATOM   120  N N   A LEU   A 1 9   ? 2.694   -7.464  3.122   0.27 24.67  ? 18  LEU   A N   1 
ATOM   121  N N   B LEU   A 1 9   ? 2.689   -7.461  3.115   0.27 24.54  ? 18  LEU   A N   1 
ATOM   122  N N   C LEU   A 1 9   ? 2.666   -7.481  3.127   0.23 26.09  ? 18  LEU   A N   1 
ATOM   123  N N   D LEU   A 1 9   ? 2.675   -7.478  3.126   0.23 25.96  ? 18  LEU   A N   1 
ATOM   124  C CA  A LEU   A 1 9   ? 2.365   -7.015  1.744   0.27 25.13  ? 18  LEU   A CA  1 
ATOM   125  C CA  B LEU   A 1 9   ? 2.363   -7.012  1.738   0.27 25.07  ? 18  LEU   A CA  1 
ATOM   126  C CA  C LEU   A 1 9   ? 2.314   -7.061  1.752   0.23 26.68  ? 18  LEU   A CA  1 
ATOM   127  C CA  D LEU   A 1 9   ? 2.318   -7.060  1.752   0.23 26.62  ? 18  LEU   A CA  1 
ATOM   128  C C   A LEU   A 1 9   ? 3.200   -7.803  0.743   0.27 24.27  ? 18  LEU   A C   1 
ATOM   129  C C   B LEU   A 1 9   ? 3.200   -7.801  0.742   0.27 24.25  ? 18  LEU   A C   1 
ATOM   130  C C   C LEU   A 1 9   ? 3.183   -7.826  0.763   0.23 25.29  ? 18  LEU   A C   1 
ATOM   131  C C   D LEU   A 1 9   ? 3.185   -7.826  0.762   0.23 25.27  ? 18  LEU   A C   1 
ATOM   132  O O   A LEU   A 1 9   ? 4.425   -7.864  0.890   0.27 23.99  ? 18  LEU   A O   1 
ATOM   133  O O   B LEU   A 1 9   ? 4.425   -7.863  0.890   0.27 23.98  ? 18  LEU   A O   1 
ATOM   134  O O   C LEU   A 1 9   ? 4.393   -7.945  0.961   0.23 25.02  ? 18  LEU   A O   1 
ATOM   135  O O   D LEU   A 1 9   ? 4.395   -7.947  0.959   0.23 25.01  ? 18  LEU   A O   1 
ATOM   136  C CB  A LEU   A 1 9   ? 2.662   -5.524  1.584   0.27 23.89  ? 18  LEU   A CB  1 
ATOM   137  C CB  B LEU   A 1 9   ? 2.662   -5.520  1.582   0.27 23.87  ? 18  LEU   A CB  1 
ATOM   138  C CB  C LEU   A 1 9   ? 2.504   -5.551  1.623   0.23 26.32  ? 18  LEU   A CB  1 
ATOM   139  C CB  D LEU   A 1 9   ? 2.506   -5.550  1.624   0.23 26.29  ? 18  LEU   A CB  1 
ATOM   140  C CG  A LEU   A 1 9   ? 1.891   -4.574  2.497   0.27 24.94  ? 18  LEU   A CG  1 
ATOM   141  C CG  B LEU   A 1 9   ? 1.892   -4.572  2.497   0.27 24.92  ? 18  LEU   A CG  1 
ATOM   142  C CG  C LEU   A 1 9   ? 1.696   -4.709  2.608   0.23 27.61  ? 18  LEU   A CG  1 
ATOM   143  C CG  D LEU   A 1 9   ? 1.697   -4.709  2.608   0.23 27.59  ? 18  LEU   A CG  1 
ATOM   144  C CD1 A LEU   A 1 9   ? 2.284   -3.144  2.204   0.27 24.10  ? 18  LEU   A CD1 1 
ATOM   145  C CD1 B LEU   A 1 9   ? 2.284   -3.142  2.204   0.27 24.10  ? 18  LEU   A CD1 1 
ATOM   146  C CD1 C LEU   A 1 9   ? 1.798   -3.244  2.244   0.23 27.38  ? 18  LEU   A CD1 1 
ATOM   147  C CD1 D LEU   A 1 9   ? 1.798   -3.245  2.245   0.23 27.37  ? 18  LEU   A CD1 1 
ATOM   148  C CD2 A LEU   A 1 9   ? 0.396   -4.750  2.355   0.27 26.16  ? 18  LEU   A CD2 1 
ATOM   149  C CD2 B LEU   A 1 9   ? 0.397   -4.750  2.355   0.27 26.13  ? 18  LEU   A CD2 1 
ATOM   150  C CD2 C LEU   A 1 9   ? 0.242   -5.153  2.667   0.23 28.91  ? 18  LEU   A CD2 1 
ATOM   151  C CD2 D LEU   A 1 9   ? 0.243   -5.153  2.666   0.23 28.90  ? 18  LEU   A CD2 1 
ATOM   152  N N   . PRO   A 1 10  ? 2.573   -8.397  -0.298  1.00 25.06  ? 19  PRO   A N   1 
ATOM   153  C CA  . PRO   A 1 10  ? 3.331   -9.055  -1.353  1.00 21.23  ? 19  PRO   A CA  1 
ATOM   154  C C   . PRO   A 1 10  ? 4.080   -7.991  -2.154  1.00 22.16  ? 19  PRO   A C   1 
ATOM   155  O O   . PRO   A 1 10  ? 3.486   -7.005  -2.576  1.00 21.22  ? 19  PRO   A O   1 
ATOM   156  C CB  . PRO   A 1 10  ? 2.272   -9.792  -2.188  1.00 24.12  ? 19  PRO   A CB  1 
ATOM   157  C CG  . PRO   A 1 10  ? 0.940   -9.109  -1.874  1.00 27.95  ? 19  PRO   A CG  1 
ATOM   158  C CD  . PRO   A 1 10  ? 1.116   -8.498  -0.491  1.00 25.88  ? 19  PRO   A CD  1 
ATOM   159  N N   . VAL   A 1 11  ? 5.376   -8.215  -2.352  1.00 21.21  ? 20  VAL   A N   1 
ATOM   160  C CA  . VAL   A 1 11  ? 6.246   -7.312  -3.139  1.00 20.56  ? 20  VAL   A CA  1 
ATOM   161  C C   . VAL   A 1 11  ? 6.201   -7.824  -4.579  1.00 21.65  ? 20  VAL   A C   1 
ATOM   162  O O   . VAL   A 1 11  ? 6.550   -8.975  -4.797  1.00 20.49  ? 20  VAL   A O   1 
ATOM   163  C CB  . VAL   A 1 11  ? 7.666   -7.275  -2.549  1.00 23.37  ? 20  VAL   A CB  1 
ATOM   164  C CG1 . VAL   A 1 11  ? 8.553   -6.400  -3.403  1.00 23.19  ? 20  VAL   A CG1 1 
ATOM   165  C CG2 . VAL   A 1 11  ? 7.699   -6.802  -1.087  1.00 24.10  ? 20  VAL   A CG2 1 
ATOM   166  N N   . LEU   A 1 12  ? 5.729   -6.994  -5.500  1.00 21.29  ? 21  LEU   A N   1 
ATOM   167  C CA  . LEU   A 1 12  ? 5.568   -7.389  -6.926  1.00 21.09  ? 21  LEU   A CA  1 
ATOM   168  C C   . LEU   A 1 12  ? 6.652   -6.717  -7.761  1.00 21.51  ? 21  LEU   A C   1 
ATOM   169  O O   . LEU   A 1 12  ? 7.028   -5.605  -7.505  1.00 22.37  ? 21  LEU   A O   1 
ATOM   170  C CB  . LEU   A 1 12  ? 4.178   -6.966  -7.382  1.00 20.40  ? 21  LEU   A CB  1 
ATOM   171  C CG  . LEU   A 1 12  ? 3.028   -7.390  -6.481  1.00 18.92  ? 21  LEU   A CG  1 
ATOM   172  C CD1 . LEU   A 1 12  ? 1.723   -6.912  -7.095  1.00 21.06  ? 21  LEU   A CD1 1 
ATOM   173  C CD2 . LEU   A 1 12  ? 2.996   -8.900  -6.274  1.00 21.91  ? 21  LEU   A CD2 1 
ATOM   174  N N   A GLN   A 1 13  ? 7.139   -7.400  -8.796  0.21 22.35  ? 22  GLN   A N   1 
ATOM   175  N N   B GLN   A 1 13  ? 7.089   -7.405  -8.811  0.28 22.20  ? 22  GLN   A N   1 
ATOM   176  N N   C GLN   A 1 13  ? 7.139   -7.400  -8.796  0.21 22.35  ? 22  GLN   A N   1 
ATOM   177  N N   D GLN   A 1 13  ? 7.089   -7.405  -8.811  0.28 22.20  ? 22  GLN   A N   1 
ATOM   178  C CA  A GLN   A 1 13  ? 7.983   -6.759  -9.841  0.21 24.22  ? 22  GLN   A CA  1 
ATOM   179  C CA  B GLN   A 1 13  ? 7.906   -6.815  -9.902  0.28 24.33  ? 22  GLN   A CA  1 
ATOM   180  C CA  C GLN   A 1 13  ? 7.983   -6.759  -9.841  0.21 24.22  ? 22  GLN   A CA  1 
ATOM   181  C CA  D GLN   A 1 13  ? 7.906   -6.815  -9.902  0.28 24.33  ? 22  GLN   A CA  1 
ATOM   182  C C   A GLN   A 1 13  ? 7.049   -5.892  -10.695 0.21 22.14  ? 22  GLN   A C   1 
ATOM   183  C C   B GLN   A 1 13  ? 7.003   -5.872  -10.698 0.28 21.51  ? 22  GLN   A C   1 
ATOM   184  C C   C GLN   A 1 13  ? 7.049   -5.892  -10.695 0.21 22.14  ? 22  GLN   A C   1 
ATOM   185  C C   D GLN   A 1 13  ? 7.003   -5.872  -10.698 0.28 21.51  ? 22  GLN   A C   1 
ATOM   186  O O   A GLN   A 1 13  ? 5.903   -6.344  -10.980 0.21 22.76  ? 22  GLN   A O   1 
ATOM   187  O O   B GLN   A 1 13  ? 5.841   -6.261  -10.983 0.28 20.74  ? 22  GLN   A O   1 
ATOM   188  O O   C GLN   A 1 13  ? 5.903   -6.344  -10.980 0.21 22.76  ? 22  GLN   A O   1 
ATOM   189  O O   D GLN   A 1 13  ? 5.841   -6.261  -10.983 0.28 20.74  ? 22  GLN   A O   1 
ATOM   190  C CB  A GLN   A 1 13  ? 8.753   -7.810  -10.644 0.21 25.77  ? 22  GLN   A CB  1 
ATOM   191  C CB  B GLN   A 1 13  ? 8.460   -7.919  -10.800 0.28 25.98  ? 22  GLN   A CB  1 
ATOM   192  C CB  C GLN   A 1 13  ? 8.753   -7.810  -10.644 0.21 25.77  ? 22  GLN   A CB  1 
ATOM   193  C CB  D GLN   A 1 13  ? 8.460   -7.919  -10.800 0.28 25.98  ? 22  GLN   A CB  1 
ATOM   194  C CG  A GLN   A 1 13  ? 10.008  -8.321  -9.944  0.21 28.34  ? 22  GLN   A CG  1 
ATOM   195  C CG  B GLN   A 1 13  ? 9.202   -9.010  -10.049 0.28 29.57  ? 22  GLN   A CG  1 
ATOM   196  C CG  C GLN   A 1 13  ? 10.008  -8.321  -9.944  0.21 28.34  ? 22  GLN   A CG  1 
ATOM   197  C CG  D GLN   A 1 13  ? 9.202   -9.010  -10.049 0.28 29.57  ? 22  GLN   A CG  1 
ATOM   198  C CD  A GLN   A 1 13  ? 11.124  -7.305  -9.844  0.21 31.18  ? 22  GLN   A CD  1 
ATOM   199  C CD  B GLN   A 1 13  ? 10.190  -9.686  -10.966 0.28 33.87  ? 22  GLN   A CD  1 
ATOM   200  C CD  C GLN   A 1 13  ? 11.124  -7.305  -9.844  0.21 31.18  ? 22  GLN   A CD  1 
ATOM   201  C CD  D GLN   A 1 13  ? 10.190  -9.686  -10.966 0.28 33.87  ? 22  GLN   A CD  1 
ATOM   202  O OE1 A GLN   A 1 13  ? 11.294  -6.436  -10.697 0.21 34.11  ? 22  GLN   A OE1 1 
ATOM   203  O OE1 B GLN   A 1 13  ? 9.845   -10.112 -12.068 0.28 40.05  ? 22  GLN   A OE1 1 
ATOM   204  O OE1 C GLN   A 1 13  ? 11.294  -6.436  -10.697 0.21 34.11  ? 22  GLN   A OE1 1 
ATOM   205  O OE1 D GLN   A 1 13  ? 9.845   -10.112 -12.068 0.28 40.05  ? 22  GLN   A OE1 1 
ATOM   206  N NE2 A GLN   A 1 13  ? 11.912  -7.413  -8.788  0.21 35.04  ? 22  GLN   A NE2 1 
ATOM   207  N NE2 B GLN   A 1 13  ? 11.434  -9.754  -10.526 0.28 40.02  ? 22  GLN   A NE2 1 
ATOM   208  N NE2 C GLN   A 1 13  ? 11.912  -7.413  -8.788  0.21 35.04  ? 22  GLN   A NE2 1 
ATOM   209  N NE2 D GLN   A 1 13  ? 11.434  -9.754  -10.526 0.28 40.02  ? 22  GLN   A NE2 1 
ATOM   210  N N   . VAL   A 1 14  ? 7.490   -4.676  -11.040 1.00 21.93  ? 23  VAL   A N   1 
ATOM   211  C CA  . VAL   A 1 14  ? 6.662   -3.694  -11.781 1.00 21.33  ? 23  VAL   A CA  1 
ATOM   212  C C   . VAL   A 1 14  ? 6.144   -4.285  -13.088 1.00 21.66  ? 23  VAL   A C   1 
ATOM   213  O O   . VAL   A 1 14  ? 4.988   -4.072  -13.368 1.00 21.85  ? 23  VAL   A O   1 
ATOM   214  C CB  . VAL   A 1 14  ? 7.387   -2.352  -11.969 1.00 22.73  ? 23  VAL   A CB  1 
ATOM   215  C CG1 . VAL   A 1 14  ? 8.587   -2.460  -12.875 1.00 24.70  ? 23  VAL   A CG1 1 
ATOM   216  C CG2 . VAL   A 1 14  ? 6.441   -1.278  -12.421 1.00 25.98  ? 23  VAL   A CG2 1 
ATOM   217  N N   . ARG   A 1 15  ? 6.936   -5.078  -13.818 1.00 20.37  ? 24  ARG   A N   1 
ATOM   218  C CA  . ARG   A 1 15  ? 6.448   -5.617  -15.113 1.00 21.40  ? 24  ARG   A CA  1 
ATOM   219  C C   . ARG   A 1 15  ? 5.386   -6.705  -14.987 1.00 20.73  ? 24  ARG   A C   1 
ATOM   220  O O   . ARG   A 1 15  ? 4.748   -7.010  -16.014 1.00 24.46  ? 24  ARG   A O   1 
ATOM   221  C CB  . ARG   A 1 15  ? 7.640   -6.097  -15.947 1.00 24.35  ? 24  ARG   A CB  1 
ATOM   222  C CG  . ARG   A 1 15  ? 8.515   -4.934  -16.371 1.00 29.18  ? 24  ARG   A CG  1 
ATOM   223  C CD  . ARG   A 1 15  ? 9.754   -5.400  -17.129 1.00 31.81  ? 24  ARG   A CD  1 
ATOM   224  N NE  . ARG   A 1 15  ? 10.581  -4.268  -17.537 1.00 35.55  ? 24  ARG   A NE  1 
ATOM   225  C CZ  . ARG   A 1 15  ? 10.318  -3.444  -18.539 1.00 41.85  ? 24  ARG   A CZ  1 
ATOM   226  N NH1 . ARG   A 1 15  ? 9.234   -3.615  -19.283 1.00 47.32  ? 24  ARG   A NH1 1 
ATOM   227  N NH2 . ARG   A 1 15  ? 11.146  -2.440  -18.796 1.00 38.76  ? 24  ARG   A NH2 1 
ATOM   228  N N   . ASP   A 1 16  ? 5.161   -7.257  -13.798 1.00 20.67  ? 25  ASP   A N   1 
ATOM   229  C CA  . ASP   A 1 16  ? 4.100   -8.242  -13.548 1.00 20.64  ? 25  ASP   A CA  1 
ATOM   230  C C   . ASP   A 1 16  ? 2.772   -7.563  -13.205 1.00 23.03  ? 25  ASP   A C   1 
ATOM   231  O O   . ASP   A 1 16  ? 1.707   -8.215  -13.320 1.00 21.77  ? 25  ASP   A O   1 
ATOM   232  C CB  . ASP   A 1 16  ? 4.515   -9.161  -12.425 1.00 20.30  ? 25  ASP   A CB  1 
ATOM   233  C CG  . ASP   A 1 16  ? 5.545   -10.209 -12.805 1.00 28.46  ? 25  ASP   A CG  1 
ATOM   234  O OD1 . ASP   A 1 16  ? 5.701   -10.486 -14.003 1.00 27.00  ? 25  ASP   A OD1 1 
ATOM   235  O OD2 . ASP   A 1 16  ? 6.183   -10.729 -11.879 1.00 31.38  ? 25  ASP   A OD2 1 
ATOM   236  N N   . VAL   A 1 17  ? 2.798   -6.292  -12.805 1.00 21.00  ? 26  VAL   A N   1 
ATOM   237  C CA  . VAL   A 1 17  ? 1.580   -5.669  -12.259 1.00 20.71  ? 26  VAL   A CA  1 
ATOM   238  C C   . VAL   A 1 17  ? 0.518   -5.508  -13.348 1.00 19.58  ? 26  VAL   A C   1 
ATOM   239  O O   . VAL   A 1 17  ? 0.805   -4.851  -14.384 1.00 22.08  ? 26  VAL   A O   1 
ATOM   240  C CB  . VAL   A 1 17  ? 1.906   -4.336  -11.546 1.00 20.49  ? 26  VAL   A CB  1 
ATOM   241  C CG1 . VAL   A 1 17  ? 0.658   -3.615  -11.099 1.00 20.42  ? 26  VAL   A CG1 1 
ATOM   242  C CG2 . VAL   A 1 17  ? 2.842   -4.580  -10.383 1.00 20.65  ? 26  VAL   A CG2 1 
ATOM   243  N N   . LEU   A 1 18  ? -0.673  -6.062  -13.121 1.00 21.65  ? 27  LEU   A N   1 
ATOM   244  C CA  . LEU   A 1 18  ? -1.736  -5.969  -14.137 1.00 22.58  ? 27  LEU   A CA  1 
ATOM   245  C C   . LEU   A 1 18  ? -2.551  -4.688  -13.983 1.00 21.52  ? 27  LEU   A C   1 
ATOM   246  O O   . LEU   A 1 18  ? -3.060  -4.190  -14.988 1.00 23.11  ? 27  LEU   A O   1 
ATOM   247  C CB  . LEU   A 1 18  ? -2.645  -7.169  -14.000 1.00 23.03  ? 27  LEU   A CB  1 
ATOM   248  C CG  . LEU   A 1 18  ? -1.982  -8.513  -14.210 1.00 27.64  ? 27  LEU   A CG  1 
ATOM   249  C CD1 . LEU   A 1 18  ? -3.001  -9.624  -14.038 1.00 28.50  ? 27  LEU   A CD1 1 
ATOM   250  C CD2 . LEU   A 1 18  ? -1.362  -8.584  -15.584 1.00 29.11  ? 27  LEU   A CD2 1 
ATOM   251  N N   . VAL   A 1 19  ? -2.737  -4.194  -12.778 1.00 21.20  ? 28  VAL   A N   1 
ATOM   252  C CA  . VAL   A 1 19  ? -3.535  -2.948  -12.561 1.00 21.84  ? 28  VAL   A CA  1 
ATOM   253  C C   . VAL   A 1 19  ? -2.619  -1.943  -11.888 1.00 21.52  ? 28  VAL   A C   1 
ATOM   254  O O   . VAL   A 1 19  ? -2.221  -2.180  -10.719 1.00 23.63  ? 28  VAL   A O   1 
ATOM   255  C CB  . VAL   A 1 19  ? -4.792  -3.211  -11.721 1.00 20.94  ? 28  VAL   A CB  1 
ATOM   256  C CG1 . VAL   A 1 19  ? -5.665  -1.989  -11.625 1.00 22.76  ? 28  VAL   A CG1 1 
ATOM   257  C CG2 . VAL   A 1 19  ? -5.588  -4.395  -12.204 1.00 22.26  ? 28  VAL   A CG2 1 
ATOM   258  N N   . ARG   A 1 20  ? -2.243  -0.894  -12.618 1.00 22.83  ? 29  ARG   A N   1 
ATOM   259  C CA  . ARG   A 1 20  ? -0.987  -0.165  -12.328 1.00 21.69  ? 29  ARG   A CA  1 
ATOM   260  C C   . ARG   A 1 20  ? -1.297  1.090   -11.495 1.00 23.61  ? 29  ARG   A C   1 
ATOM   261  O O   . ARG   A 1 20  ? -0.380  1.872   -11.305 1.00 22.57  ? 29  ARG   A O   1 
ATOM   262  C CB  . ARG   A 1 20  ? -0.273  0.161   -13.624 1.00 25.37  ? 29  ARG   A CB  1 
ATOM   263  C CG  . ARG   A 1 20  ? 0.401   -1.076  -14.200 1.00 29.03  ? 29  ARG   A CG  1 
ATOM   264  C CD  . ARG   A 1 20  ? 1.037   -0.896  -15.537 1.00 36.36  ? 29  ARG   A CD  1 
ATOM   265  N NE  . ARG   A 1 20  ? 1.607   -2.179  -15.901 1.00 44.26  ? 29  ARG   A NE  1 
ATOM   266  C CZ  . ARG   A 1 20  ? 2.763   -2.659  -15.468 1.00 39.69  ? 29  ARG   A CZ  1 
ATOM   267  N NH1 . ARG   A 1 20  ? 3.544   -1.938  -14.690 1.00 53.66  ? 29  ARG   A NH1 1 
ATOM   268  N NH2 . ARG   A 1 20  ? 3.179   -3.827  -15.914 1.00 40.63  ? 29  ARG   A NH2 1 
ATOM   269  N N   . GLY   A 1 21  ? -2.489  1.168   -10.928 1.00 24.09  ? 30  GLY   A N   1 
ATOM   270  C CA  . GLY   A 1 21  ? -2.845  2.228   -9.971  1.00 23.48  ? 30  GLY   A CA  1 
ATOM   271  C C   . GLY   A 1 21  ? -4.221  2.001   -9.428  1.00 22.64  ? 30  GLY   A C   1 
ATOM   272  O O   . GLY   A 1 21  ? -4.922  1.107   -9.871  1.00 22.48  ? 30  GLY   A O   1 
ATOM   273  N N   . PHE   A 1 22  ? -4.635  2.864   -8.519  1.00 21.93  ? 31  PHE   A N   1 
ATOM   274  C CA  . PHE   A 1 22  ? -5.892  2.730   -7.779  1.00 22.00  ? 31  PHE   A CA  1 
ATOM   275  C C   . PHE   A 1 22  ? -6.988  3.653   -8.334  1.00 26.34  ? 31  PHE   A C   1 
ATOM   276  O O   . PHE   A 1 22  ? -8.096  3.519   -7.905  1.00 28.84  ? 31  PHE   A O   1 
ATOM   277  C CB  . PHE   A 1 22  ? -5.628  3.053   -6.316  1.00 23.50  ? 31  PHE   A CB  1 
ATOM   278  C CG  . PHE   A 1 22  ? -4.922  1.946   -5.586  1.00 20.58  ? 31  PHE   A CG  1 
ATOM   279  C CD1 . PHE   A 1 22  ? -5.603  0.780   -5.311  1.00 19.85  ? 31  PHE   A CD1 1 
ATOM   280  C CD2 . PHE   A 1 22  ? -3.666  2.098   -5.058  1.00 21.70  ? 31  PHE   A CD2 1 
ATOM   281  C CE1 . PHE   A 1 22  ? -5.016  -0.250  -4.611  1.00 21.27  ? 31  PHE   A CE1 1 
ATOM   282  C CE2 . PHE   A 1 22  ? -3.058  1.051   -4.372  1.00 21.88  ? 31  PHE   A CE2 1 
ATOM   283  C CZ  . PHE   A 1 22  ? -3.733  -0.124  -4.140  1.00 21.11  ? 31  PHE   A CZ  1 
ATOM   284  N N   . GLY   A 1 23  ? -6.694  4.568   -9.243  1.00 23.94  ? 32  GLY   A N   1 
ATOM   285  C CA  . GLY   A 1 23  ? -7.741  5.463   -9.759  1.00 25.24  ? 32  GLY   A CA  1 
ATOM   286  C C   . GLY   A 1 23  ? -7.194  6.809   -10.169 1.00 23.07  ? 32  GLY   A C   1 
ATOM   287  O O   . GLY   A 1 23  ? -6.027  6.899   -10.534 1.00 25.34  ? 32  GLY   A O   1 
ATOM   288  N N   . ASP   A 1 24  ? -8.062  7.820   -10.147 1.00 27.24  ? 33  ASP   A N   1 
ATOM   289  C CA  . ASP   A 1 24  ? -7.899  8.992   -11.033 1.00 26.94  ? 33  ASP   A CA  1 
ATOM   290  C C   . ASP   A 1 24  ? -7.727  10.278  -10.242 1.00 31.58  ? 33  ASP   A C   1 
ATOM   291  O O   . ASP   A 1 24  ? -7.628  11.318  -10.871 1.00 32.61  ? 33  ASP   A O   1 
ATOM   292  C CB  . ASP   A 1 24  ? -9.120  9.118   -11.936 1.00 28.57  ? 33  ASP   A CB  1 
ATOM   293  C CG  . ASP   A 1 24  ? -9.274  7.905   -12.841 1.00 32.54  ? 33  ASP   A CG  1 
ATOM   294  O OD1 . ASP   A 1 24  ? -8.248  7.232   -13.088 1.00 35.38  ? 33  ASP   A OD1 1 
ATOM   295  O OD2 . ASP   A 1 24  ? -10.409 7.673   -13.298 1.00 43.26  ? 33  ASP   A OD2 1 
ATOM   296  N N   . SER   A 1 25  ? -7.855  10.241  -8.923  1.00 26.93  ? 34  SER   A N   1 
ATOM   297  C CA  . SER   A 1 25  ? -7.721  11.472  -8.101  1.00 27.32  ? 34  SER   A CA  1 
ATOM   298  C C   . SER   A 1 25  ? -6.947  11.097  -6.852  1.00 26.89  ? 34  SER   A C   1 
ATOM   299  O O   . SER   A 1 25  ? -6.856  9.925   -6.520  1.00 25.86  ? 34  SER   A O   1 
ATOM   300  C CB  . SER   A 1 25  ? -9.040  12.079  -7.750  1.00 28.07  ? 34  SER   A CB  1 
ATOM   301  O OG  . SER   A 1 25  ? -9.785  11.256  -6.863  1.00 26.64  ? 34  SER   A OG  1 
ATOM   302  N N   . VAL   A 1 26  ? -6.374  12.088  -6.182  1.00 27.07  ? 35  VAL   A N   1 
ATOM   303  C CA  . VAL   A 1 26  ? -5.612  11.828  -4.935  1.00 25.77  ? 35  VAL   A CA  1 
ATOM   304  C C   . VAL   A 1 26  ? -6.564  11.185  -3.922  1.00 25.44  ? 35  VAL   A C   1 
ATOM   305  O O   . VAL   A 1 26  ? -6.198  10.185  -3.242  1.00 24.66  ? 35  VAL   A O   1 
ATOM   306  C CB  . VAL   A 1 26  ? -5.043  13.170  -4.437  1.00 29.07  ? 35  VAL   A CB  1 
ATOM   307  C CG1 . VAL   A 1 26  ? -4.718  13.099  -2.965  1.00 30.84  ? 35  VAL   A CG1 1 
ATOM   308  C CG2 . VAL   A 1 26  ? -3.840  13.568  -5.272  1.00 28.10  ? 35  VAL   A CG2 1 
ATOM   309  N N   . GLU   A 1 27  ? -7.761  11.758  -3.757  1.00 25.57  ? 36  GLU   A N   1 
ATOM   310  C CA  . GLU   A 1 27  ? -8.714  11.245  -2.743  1.00 28.37  ? 36  GLU   A CA  1 
ATOM   311  C C   . GLU   A 1 27  ? -9.165  9.814   -3.082  1.00 26.60  ? 36  GLU   A C   1 
ATOM   312  O O   . GLU   A 1 27  ? -9.395  9.017   -2.130  1.00 26.55  ? 36  GLU   A O   1 
ATOM   313  C CB  . GLU   A 1 27  ? -9.928  12.179  -2.612  1.00 33.24  ? 36  GLU   A CB  1 
ATOM   314  C CG  . GLU   A 1 27  ? -9.558  13.536  -2.043  1.00 38.56  ? 36  GLU   A CG  1 
ATOM   315  C CD  . GLU   A 1 27  ? -10.539 14.621  -2.450  1.00 45.27  ? 36  GLU   A CD  1 
ATOM   316  O OE1 . GLU   A 1 27  ? -10.136 15.514  -3.217  1.00 56.52  ? 36  GLU   A OE1 1 
ATOM   317  O OE2 . GLU   A 1 27  ? -11.685 14.562  -2.001  1.00 46.67  ? 36  GLU   A OE2 1 
ATOM   318  N N   . GLU   A 1 28  ? -9.400  9.513   -4.357  1.00 24.35  ? 37  GLU   A N   1 
ATOM   319  C CA  . GLU   A 1 28  ? -9.810  8.144   -4.773  1.00 24.07  ? 37  GLU   A CA  1 
ATOM   320  C C   . GLU   A 1 28  ? -8.673  7.155   -4.518  1.00 20.32  ? 37  GLU   A C   1 
ATOM   321  O O   . GLU   A 1 28  ? -8.969  6.066   -4.033  1.00 22.16  ? 37  GLU   A O   1 
ATOM   322  C CB  . GLU   A 1 28  ? -10.207 8.069   -6.238  1.00 25.22  ? 37  GLU   A CB  1 
ATOM   323  C CG  . GLU   A 1 28  ? -10.659 6.676   -6.628  1.00 23.87  ? 37  GLU   A CG  1 
ATOM   324  C CD  . GLU   A 1 28  ? -11.128 6.546   -8.063  1.00 25.94  ? 37  GLU   A CD  1 
ATOM   325  O OE1 . GLU   A 1 28  ? -10.678 7.351   -8.911  1.00 25.16  ? 37  GLU   A OE1 1 
ATOM   326  O OE2 . GLU   A 1 28  ? -11.965 5.626   -8.311  1.00 29.39  ? 37  GLU   A OE2 1 
ATOM   327  N N   . VAL   A 1 29  ? -7.441  7.492   -4.840  1.00 21.63  ? 38  VAL   A N   1 
ATOM   328  C CA  . VAL   A 1 29  ? -6.326  6.487   -4.761  1.00 22.06  ? 38  VAL   A CA  1 
ATOM   329  C C   . VAL   A 1 29  ? -6.028  6.187   -3.297  1.00 23.08  ? 38  VAL   A C   1 
ATOM   330  O O   . VAL   A 1 29  ? -5.822  5.028   -2.994  1.00 23.07  ? 38  VAL   A O   1 
ATOM   331  C CB  . VAL   A 1 29  ? -5.042  6.837   -5.530  1.00 21.82  ? 38  VAL   A CB  1 
ATOM   332  C CG1 . VAL   A 1 29  ? -5.311  6.989   -7.019  1.00 23.96  ? 38  VAL   A CG1 1 
ATOM   333  C CG2 . VAL   A 1 29  ? -4.305  8.080   -5.003  1.00 21.15  ? 38  VAL   A CG2 1 
ATOM   334  N N   . LEU   A 1 30  ? -6.100  7.178   -2.408  1.00 25.78  ? 39  LEU   A N   1 
ATOM   335  C CA  . LEU   A 1 30  ? -5.943  6.929   -0.948  1.00 23.78  ? 39  LEU   A CA  1 
ATOM   336  C C   . LEU   A 1 30  ? -7.072  6.043   -0.412  1.00 24.09  ? 39  LEU   A C   1 
ATOM   337  O O   . LEU   A 1 30  ? -6.820  5.132   0.358   1.00 23.87  ? 39  LEU   A O   1 
ATOM   338  C CB  . LEU   A 1 30  ? -5.858  8.287   -0.236  1.00 28.38  ? 39  LEU   A CB  1 
ATOM   339  C CG  . LEU   A 1 30  ? -4.529  9.022   -0.406  1.00 26.56  ? 39  LEU   A CG  1 
ATOM   340  C CD1 . LEU   A 1 30  ? -4.638  10.451  0.091   1.00 29.11  ? 39  LEU   A CD1 1 
ATOM   341  C CD2 . LEU   A 1 30  ? -3.381  8.314   0.290   1.00 29.47  ? 39  LEU   A CD2 1 
ATOM   342  N N   A SER   A 1 31  ? -8.307  6.318   -0.837  0.27 24.18  ? 40  SER   A N   1 
ATOM   343  N N   B SER   A 1 31  ? -8.312  6.288   -0.840  0.27 25.93  ? 40  SER   A N   1 
ATOM   344  N N   C SER   A 1 31  ? -8.306  6.318   -0.839  0.23 24.18  ? 40  SER   A N   1 
ATOM   345  N N   D SER   A 1 31  ? -8.306  6.318   -0.839  0.23 24.18  ? 40  SER   A N   1 
ATOM   346  C CA  A SER   A 1 31  ? -9.528  5.556   -0.472  0.27 23.37  ? 40  SER   A CA  1 
ATOM   347  C CA  B SER   A 1 31  ? -9.511  5.519   -0.415  0.27 26.18  ? 40  SER   A CA  1 
ATOM   348  C CA  C SER   A 1 31  ? -9.529  5.558   -0.473  0.23 23.42  ? 40  SER   A CA  1 
ATOM   349  C CA  D SER   A 1 31  ? -9.529  5.559   -0.474  0.23 23.42  ? 40  SER   A CA  1 
ATOM   350  C C   A SER   A 1 31  ? -9.393  4.100   -0.919  0.27 23.14  ? 40  SER   A C   1 
ATOM   351  C C   B SER   A 1 31  ? -9.429  4.078   -0.924  0.27 24.70  ? 40  SER   A C   1 
ATOM   352  C C   C SER   A 1 31  ? -9.396  4.101   -0.919  0.23 23.19  ? 40  SER   A C   1 
ATOM   353  C C   D SER   A 1 31  ? -9.396  4.101   -0.919  0.23 23.19  ? 40  SER   A C   1 
ATOM   354  O O   A SER   A 1 31  ? -9.593  3.195   -0.085  0.27 23.47  ? 40  SER   A O   1 
ATOM   355  O O   B SER   A 1 31  ? -9.714  3.151   -0.134  0.27 25.09  ? 40  SER   A O   1 
ATOM   356  O O   C SER   A 1 31  ? -9.605  3.197   -0.085  0.23 23.49  ? 40  SER   A O   1 
ATOM   357  O O   D SER   A 1 31  ? -9.606  3.197   -0.085  0.23 23.48  ? 40  SER   A O   1 
ATOM   358  C CB  A SER   A 1 31  ? -10.744 6.179   -1.095  0.27 24.03  ? 40  SER   A CB  1 
ATOM   359  C CB  B SER   A 1 31  ? -10.769 6.184   -0.885  0.27 29.02  ? 40  SER   A CB  1 
ATOM   360  C CB  C SER   A 1 31  ? -10.746 6.182   -1.093  0.23 24.03  ? 40  SER   A CB  1 
ATOM   361  C CB  D SER   A 1 31  ? -10.746 6.182   -1.093  0.23 24.03  ? 40  SER   A CB  1 
ATOM   362  O OG  A SER   A 1 31  ? -11.905 5.507   -0.652  0.27 23.33  ? 40  SER   A OG  1 
ATOM   363  O OG  B SER   A 1 31  ? -10.996 7.369   -0.138  0.27 33.61  ? 40  SER   A OG  1 
ATOM   364  O OG  C SER   A 1 31  ? -11.909 5.513   -0.650  0.23 23.40  ? 40  SER   A OG  1 
ATOM   365  O OG  D SER   A 1 31  ? -11.909 5.513   -0.650  0.23 23.40  ? 40  SER   A OG  1 
ATOM   366  N N   . GLU   A 1 32  ? -9.045  3.901   -2.193  1.00 23.36  ? 41  GLU   A N   1 
ATOM   367  C CA  . GLU   A 1 32  ? -8.934  2.548   -2.792  1.00 22.59  ? 41  GLU   A CA  1 
ATOM   368  C C   . GLU   A 1 32  ? -7.785  1.778   -2.144  1.00 21.49  ? 41  GLU   A C   1 
ATOM   369  O O   . GLU   A 1 32  ? -7.954  0.585   -1.889  1.00 22.81  ? 41  GLU   A O   1 
ATOM   370  C CB  . GLU   A 1 32  ? -8.828  2.669   -4.315  1.00 22.71  ? 41  GLU   A CB  1 
ATOM   371  C CG  . GLU   A 1 32  ? -10.142 3.017   -4.957  1.00 24.14  ? 41  GLU   A CG  1 
ATOM   372  C CD  . GLU   A 1 32  ? -11.201 1.955   -4.819  1.00 32.59  ? 41  GLU   A CD  1 
ATOM   373  O OE1 . GLU   A 1 32  ? -10.834 0.781   -4.815  1.00 36.17  ? 41  GLU   A OE1 1 
ATOM   374  O OE2 . GLU   A 1 32  ? -12.359 2.306   -4.682  1.00 34.22  ? 41  GLU   A OE2 1 
ATOM   375  N N   A ALA   A 1 33  ? -6.644  2.439   -1.933  0.27 20.84  ? 42  ALA   A N   1 
ATOM   376  N N   B ALA   A 1 33  ? -6.644  2.439   -1.933  0.27 20.85  ? 42  ALA   A N   1 
ATOM   377  N N   C ALA   A 1 33  ? -6.654  2.437   -1.887  0.23 22.54  ? 42  ALA   A N   1 
ATOM   378  N N   D ALA   A 1 33  ? -6.654  2.437   -1.887  0.23 22.54  ? 42  ALA   A N   1 
ATOM   379  C CA  A ALA   A 1 33  ? -5.441  1.821   -1.328  0.27 20.28  ? 42  ALA   A CA  1 
ATOM   380  C CA  B ALA   A 1 33  ? -5.441  1.821   -1.328  0.27 20.29  ? 42  ALA   A CA  1 
ATOM   381  C CA  C ALA   A 1 33  ? -5.495  1.818   -1.203  0.23 22.92  ? 42  ALA   A CA  1 
ATOM   382  C CA  D ALA   A 1 33  ? -5.495  1.819   -1.203  0.23 22.92  ? 42  ALA   A CA  1 
ATOM   383  C C   A ALA   A 1 33  ? -5.790  1.329   0.083   0.27 20.34  ? 42  ALA   A C   1 
ATOM   384  C C   B ALA   A 1 33  ? -5.790  1.329   0.083   0.27 20.35  ? 42  ALA   A C   1 
ATOM   385  C C   C ALA   A 1 33  ? -5.959  1.208   0.128   0.23 23.59  ? 42  ALA   A C   1 
ATOM   386  C C   D ALA   A 1 33  ? -5.959  1.208   0.128   0.23 23.59  ? 42  ALA   A C   1 
ATOM   387  O O   A ALA   A 1 33  ? -5.510  0.156   0.396   0.27 19.51  ? 42  ALA   A O   1 
ATOM   388  O O   B ALA   A 1 33  ? -5.509  0.156   0.396   0.27 19.48  ? 42  ALA   A O   1 
ATOM   389  O O   C ALA   A 1 33  ? -5.662  0.023   0.375   0.23 21.55  ? 42  ALA   A O   1 
ATOM   390  O O   D ALA   A 1 33  ? -5.662  0.023   0.375   0.23 21.55  ? 42  ALA   A O   1 
ATOM   391  C CB  A ALA   A 1 33  ? -4.271  2.772   -1.355  0.27 20.05  ? 42  ALA   A CB  1 
ATOM   392  C CB  B ALA   A 1 33  ? -4.271  2.772   -1.355  0.27 20.06  ? 42  ALA   A CB  1 
ATOM   393  C CB  C ALA   A 1 33  ? -4.379  2.816   -1.027  0.23 23.61  ? 42  ALA   A CB  1 
ATOM   394  C CB  D ALA   A 1 33  ? -4.379  2.816   -1.027  0.23 23.61  ? 42  ALA   A CB  1 
ATOM   395  N N   A ARG   A 1 34  ? -6.462  2.161   0.881   0.27 21.56  ? 43  ARG   A N   1 
ATOM   396  N N   B ARG   A 1 34  ? -6.462  2.161   0.881   0.27 21.56  ? 43  ARG   A N   1 
ATOM   397  N N   C ARG   A 1 34  ? -6.726  1.959   0.924   0.23 25.73  ? 43  ARG   A N   1 
ATOM   398  N N   D ARG   A 1 34  ? -6.727  1.959   0.924   0.23 25.73  ? 43  ARG   A N   1 
ATOM   399  C CA  A ARG   A 1 34  ? -6.925  1.784   2.241   0.27 22.41  ? 43  ARG   A CA  1 
ATOM   400  C CA  B ARG   A 1 34  ? -6.924  1.783   2.242   0.27 22.42  ? 43  ARG   A CA  1 
ATOM   401  C CA  C ARG   A 1 34  ? -7.243  1.501   2.244   0.23 27.59  ? 43  ARG   A CA  1 
ATOM   402  C CA  D ARG   A 1 34  ? -7.243  1.501   2.244   0.23 27.59  ? 43  ARG   A CA  1 
ATOM   403  C C   A ARG   A 1 34  ? -7.886  0.596   2.152   0.27 22.00  ? 43  ARG   A C   1 
ATOM   404  C C   B ARG   A 1 34  ? -7.886  0.596   2.152   0.27 22.02  ? 43  ARG   A C   1 
ATOM   405  C C   C ARG   A 1 34  ? -8.191  0.307   2.065   0.23 27.83  ? 43  ARG   A C   1 
ATOM   406  C C   D ARG   A 1 34  ? -8.191  0.307   2.065   0.23 27.83  ? 43  ARG   A C   1 
ATOM   407  O O   A ARG   A 1 34  ? -7.686  -0.368  2.908   0.27 23.50  ? 43  ARG   A O   1 
ATOM   408  O O   B ARG   A 1 34  ? -7.685  -0.368  2.909   0.27 23.51  ? 43  ARG   A O   1 
ATOM   409  O O   C ARG   A 1 34  ? -8.056  -0.658  2.840   0.23 27.87  ? 43  ARG   A O   1 
ATOM   410  O O   D ARG   A 1 34  ? -8.056  -0.658  2.840   0.23 27.87  ? 43  ARG   A O   1 
ATOM   411  C CB  A ARG   A 1 34  ? -7.596  2.970   2.936   0.27 23.35  ? 43  ARG   A CB  1 
ATOM   412  C CB  B ARG   A 1 34  ? -7.596  2.969   2.937   0.27 23.36  ? 43  ARG   A CB  1 
ATOM   413  C CB  C ARG   A 1 34  ? -7.935  2.653   2.977   0.23 29.86  ? 43  ARG   A CB  1 
ATOM   414  C CB  D ARG   A 1 34  ? -7.935  2.653   2.977   0.23 29.86  ? 43  ARG   A CB  1 
ATOM   415  C CG  A ARG   A 1 34  ? -6.625  4.068   3.321   0.27 25.38  ? 43  ARG   A CG  1 
ATOM   416  C CG  B ARG   A 1 34  ? -6.625  4.067   3.321   0.27 25.38  ? 43  ARG   A CG  1 
ATOM   417  C CG  C ARG   A 1 34  ? -6.983  3.748   3.428   0.23 30.92  ? 43  ARG   A CG  1 
ATOM   418  C CG  D ARG   A 1 34  ? -6.983  3.748   3.428   0.23 30.92  ? 43  ARG   A CG  1 
ATOM   419  C CD  A ARG   A 1 34  ? -7.239  5.103   4.240   0.27 27.69  ? 43  ARG   A CD  1 
ATOM   420  C CD  B ARG   A 1 34  ? -7.239  5.104   4.241   0.27 27.67  ? 43  ARG   A CD  1 
ATOM   421  C CD  C ARG   A 1 34  ? -7.736  4.904   4.057   0.23 33.52  ? 43  ARG   A CD  1 
ATOM   422  C CD  D ARG   A 1 34  ? -7.736  4.904   4.057   0.23 33.52  ? 43  ARG   A CD  1 
ATOM   423  N NE  A ARG   A 1 34  ? -6.157  5.903   4.794   0.27 27.40  ? 43  ARG   A NE  1 
ATOM   424  N NE  B ARG   A 1 34  ? -6.157  5.903   4.794   0.27 27.40  ? 43  ARG   A NE  1 
ATOM   425  N NE  C ARG   A 1 34  ? -6.851  6.017   4.388   0.23 34.82  ? 43  ARG   A NE  1 
ATOM   426  N NE  D ARG   A 1 34  ? -6.851  6.017   4.388   0.23 34.82  ? 43  ARG   A NE  1 
ATOM   427  C CZ  A ARG   A 1 34  ? -5.741  7.084   4.329   0.27 29.03  ? 43  ARG   A CZ  1 
ATOM   428  C CZ  B ARG   A 1 34  ? -5.741  7.084   4.329   0.27 29.02  ? 43  ARG   A CZ  1 
ATOM   429  C CZ  C ARG   A 1 34  ? -6.224  6.167   5.551   0.23 36.28  ? 43  ARG   A CZ  1 
ATOM   430  C CZ  D ARG   A 1 34  ? -6.224  6.167   5.551   0.23 36.28  ? 43  ARG   A CZ  1 
ATOM   431  N NH1 A ARG   A 1 34  ? -6.331  7.664   3.301   0.27 29.57  ? 43  ARG   A NH1 1 
ATOM   432  N NH1 B ARG   A 1 34  ? -6.331  7.664   3.301   0.27 29.56  ? 43  ARG   A NH1 1 
ATOM   433  N NH1 C ARG   A 1 34  ? -6.371  5.272   6.513   0.23 37.23  ? 43  ARG   A NH1 1 
ATOM   434  N NH1 D ARG   A 1 34  ? -6.371  5.272   6.513   0.23 37.23  ? 43  ARG   A NH1 1 
ATOM   435  N NH2 A ARG   A 1 34  ? -4.722  7.695   4.908   0.27 30.81  ? 43  ARG   A NH2 1 
ATOM   436  N NH2 B ARG   A 1 34  ? -4.723  7.694   4.909   0.27 30.78  ? 43  ARG   A NH2 1 
ATOM   437  N NH2 C ARG   A 1 34  ? -5.450  7.219   5.754   0.23 37.03  ? 43  ARG   A NH2 1 
ATOM   438  N NH2 D ARG   A 1 34  ? -5.450  7.219   5.754   0.23 37.03  ? 43  ARG   A NH2 1 
ATOM   439  N N   A GLN   A 1 35  ? -8.865  0.632   1.241   0.27 23.24  ? 44  GLN   A N   1 
ATOM   440  N N   B GLN   A 1 35  ? -8.864  0.630   1.241   0.27 23.26  ? 44  GLN   A N   1 
ATOM   441  N N   C GLN   A 1 35  ? -9.110  0.348   1.092   0.23 28.91  ? 44  GLN   A N   1 
ATOM   442  N N   D GLN   A 1 35  ? -9.110  0.348   1.092   0.23 28.91  ? 44  GLN   A N   1 
ATOM   443  C CA  A GLN   A 1 35  ? -9.832  -0.489  1.079   0.27 25.65  ? 44  GLN   A CA  1 
ATOM   444  C CA  B GLN   A 1 35  ? -9.832  -0.489  1.078   0.27 25.66  ? 44  GLN   A CA  1 
ATOM   445  C CA  C GLN   A 1 35  ? -10.087 -0.756  0.855   0.23 31.19  ? 44  GLN   A CA  1 
ATOM   446  C CA  D GLN   A 1 35  ? -10.087 -0.756  0.855   0.23 31.19  ? 44  GLN   A CA  1 
ATOM   447  C C   A GLN   A 1 35  ? -9.073  -1.782  0.736   0.27 24.37  ? 44  GLN   A C   1 
ATOM   448  C C   B GLN   A 1 35  ? -9.073  -1.782  0.736   0.27 24.38  ? 44  GLN   A C   1 
ATOM   449  C C   C GLN   A 1 35  ? -9.347  -2.033  0.423   0.23 28.98  ? 44  GLN   A C   1 
ATOM   450  C C   D GLN   A 1 35  ? -9.347  -2.033  0.423   0.23 28.98  ? 44  GLN   A C   1 
ATOM   451  O O   A GLN   A 1 35  ? -9.350  -2.811  1.350   0.27 27.40  ? 44  GLN   A O   1 
ATOM   452  O O   B GLN   A 1 35  ? -9.350  -2.812  1.351   0.27 27.40  ? 44  GLN   A O   1 
ATOM   453  O O   C GLN   A 1 35  ? -9.719  -3.133  0.886   0.23 29.23  ? 44  GLN   A O   1 
ATOM   454  O O   D GLN   A 1 35  ? -9.719  -3.133  0.886   0.23 29.23  ? 44  GLN   A O   1 
ATOM   455  C CB  A GLN   A 1 35  ? -10.897 -0.191  0.023   0.27 26.59  ? 44  GLN   A CB  1 
ATOM   456  C CB  B GLN   A 1 35  ? -10.897 -0.191  0.023   0.27 26.61  ? 44  GLN   A CB  1 
ATOM   457  C CB  C GLN   A 1 35  ? -11.124 -0.360  -0.196  0.23 33.42  ? 44  GLN   A CB  1 
ATOM   458  C CB  D GLN   A 1 35  ? -11.124 -0.360  -0.196  0.23 33.42  ? 44  GLN   A CB  1 
ATOM   459  C CG  A GLN   A 1 35  ? -12.077 -1.151  0.097   0.27 30.27  ? 44  GLN   A CG  1 
ATOM   460  C CG  B GLN   A 1 35  ? -12.077 -1.151  0.097   0.27 30.25  ? 44  GLN   A CG  1 
ATOM   461  C CG  C GLN   A 1 35  ? -12.348 -1.270  -0.214  0.23 37.39  ? 44  GLN   A CG  1 
ATOM   462  C CG  D GLN   A 1 35  ? -12.348 -1.270  -0.214  0.23 37.39  ? 44  GLN   A CG  1 
ATOM   463  C CD  A GLN   A 1 35  ? -12.769 -1.083  1.439   0.27 33.38  ? 44  GLN   A CD  1 
ATOM   464  C CD  B GLN   A 1 35  ? -12.769 -1.083  1.439   0.27 33.35  ? 44  GLN   A CD  1 
ATOM   465  C CD  C GLN   A 1 35  ? -13.382 -0.901  0.823   0.23 41.02  ? 44  GLN   A CD  1 
ATOM   466  C CD  D GLN   A 1 35  ? -13.382 -0.901  0.823   0.23 41.02  ? 44  GLN   A CD  1 
ATOM   467  O OE1 A GLN   A 1 35  ? -12.978 -0.003  1.997   0.27 35.74  ? 44  GLN   A OE1 1 
ATOM   468  O OE1 B GLN   A 1 35  ? -12.978 -0.003  1.997   0.27 35.69  ? 44  GLN   A OE1 1 
ATOM   469  O OE1 C GLN   A 1 35  ? -13.665 0.273   1.064   0.23 42.77  ? 44  GLN   A OE1 1 
ATOM   470  O OE1 D GLN   A 1 35  ? -13.665 0.274   1.064   0.23 42.77  ? 44  GLN   A OE1 1 
ATOM   471  N NE2 A GLN   A 1 35  ? -13.127 -2.238  1.982   0.27 35.66  ? 44  GLN   A NE2 1 
ATOM   472  N NE2 B GLN   A 1 35  ? -13.127 -2.238  1.980   0.27 35.61  ? 44  GLN   A NE2 1 
ATOM   473  N NE2 C GLN   A 1 35  ? -13.976 -1.910  1.443   0.23 43.08  ? 44  GLN   A NE2 1 
ATOM   474  N NE2 D GLN   A 1 35  ? -13.976 -1.910  1.443   0.23 43.08  ? 44  GLN   A NE2 1 
ATOM   475  N N   A HIS   A 1 36  ? -8.122  -1.737  -0.201  0.27 23.87  ? 45  HIS   A N   1 
ATOM   476  N N   B HIS   A 1 36  ? -8.123  -1.737  -0.201  0.27 23.88  ? 45  HIS   A N   1 
ATOM   477  N N   C HIS   A 1 36  ? -8.345  -1.911  -0.454  0.23 28.28  ? 45  HIS   A N   1 
ATOM   478  N N   D HIS   A 1 36  ? -8.345  -1.911  -0.454  0.23 28.28  ? 45  HIS   A N   1 
ATOM   479  C CA  A HIS   A 1 36  ? -7.359  -2.936  -0.649  0.27 22.64  ? 45  HIS   A CA  1 
ATOM   480  C CA  B HIS   A 1 36  ? -7.359  -2.936  -0.649  0.27 22.66  ? 45  HIS   A CA  1 
ATOM   481  C CA  C HIS   A 1 36  ? -7.514  -3.050  -0.930  0.23 27.63  ? 45  HIS   A CA  1 
ATOM   482  C CA  D HIS   A 1 36  ? -7.514  -3.050  -0.930  0.23 27.63  ? 45  HIS   A CA  1 
ATOM   483  C C   A HIS   A 1 36  ? -6.461  -3.466  0.485   0.27 22.82  ? 45  HIS   A C   1 
ATOM   484  C C   B HIS   A 1 36  ? -6.462  -3.466  0.485   0.27 22.83  ? 45  HIS   A C   1 
ATOM   485  C C   C HIS   A 1 36  ? -6.714  -3.642  0.241   0.23 28.06  ? 45  HIS   A C   1 
ATOM   486  C C   D HIS   A 1 36  ? -6.714  -3.642  0.241   0.23 28.06  ? 45  HIS   A C   1 
ATOM   487  O O   A HIS   A 1 36  ? -6.321  -4.713  0.610   0.27 22.22  ? 45  HIS   A O   1 
ATOM   488  O O   B HIS   A 1 36  ? -6.323  -4.712  0.610   0.27 22.22  ? 45  HIS   A O   1 
ATOM   489  O O   C HIS   A 1 36  ? -6.726  -4.887  0.394   0.23 27.84  ? 45  HIS   A O   1 
ATOM   490  O O   D HIS   A 1 36  ? -6.726  -4.887  0.394   0.23 27.84  ? 45  HIS   A O   1 
ATOM   491  C CB  A HIS   A 1 36  ? -6.577  -2.621  -1.934  0.27 22.61  ? 45  HIS   A CB  1 
ATOM   492  C CB  B HIS   A 1 36  ? -6.577  -2.621  -1.935  0.27 22.63  ? 45  HIS   A CB  1 
ATOM   493  C CB  C HIS   A 1 36  ? -6.609  -2.626  -2.096  0.23 27.60  ? 45  HIS   A CB  1 
ATOM   494  C CB  D HIS   A 1 36  ? -6.609  -2.626  -2.096  0.23 27.60  ? 45  HIS   A CB  1 
ATOM   495  C CG  A HIS   A 1 36  ? -7.427  -2.681  -3.157  0.27 24.50  ? 45  HIS   A CG  1 
ATOM   496  C CG  B HIS   A 1 36  ? -7.427  -2.681  -3.157  0.27 24.50  ? 45  HIS   A CG  1 
ATOM   497  C CG  C HIS   A 1 36  ? -7.299  -2.651  -3.417  0.23 29.58  ? 45  HIS   A CG  1 
ATOM   498  C CG  D HIS   A 1 36  ? -7.299  -2.651  -3.417  0.23 29.58  ? 45  HIS   A CG  1 
ATOM   499  N ND1 A HIS   A 1 36  ? -8.298  -1.664  -3.498  0.27 26.48  ? 45  HIS   A ND1 1 
ATOM   500  N ND1 B HIS   A 1 36  ? -8.299  -1.664  -3.498  0.27 26.47  ? 45  HIS   A ND1 1 
ATOM   501  N ND1 C HIS   A 1 36  ? -8.049  -1.588  -3.876  0.23 31.59  ? 45  HIS   A ND1 1 
ATOM   502  N ND1 D HIS   A 1 36  ? -8.049  -1.588  -3.876  0.23 31.59  ? 45  HIS   A ND1 1 
ATOM   503  C CD2 A HIS   A 1 36  ? -7.560  -3.631  -4.111  0.27 25.53  ? 45  HIS   A CD2 1 
ATOM   504  C CD2 B HIS   A 1 36  ? -7.560  -3.630  -4.112  0.27 25.53  ? 45  HIS   A CD2 1 
ATOM   505  C CD2 C HIS   A 1 36  ? -7.357  -3.601  -4.377  0.23 30.39  ? 45  HIS   A CD2 1 
ATOM   506  C CD2 D HIS   A 1 36  ? -7.357  -3.601  -4.377  0.23 30.39  ? 45  HIS   A CD2 1 
ATOM   507  C CE1 A HIS   A 1 36  ? -8.932  -1.987  -4.613  0.27 26.84  ? 45  HIS   A CE1 1 
ATOM   508  C CE1 B HIS   A 1 36  ? -8.932  -1.987  -4.613  0.27 26.83  ? 45  HIS   A CE1 1 
ATOM   509  C CE1 C HIS   A 1 36  ? -8.546  -1.887  -5.061  0.23 31.21  ? 45  HIS   A CE1 1 
ATOM   510  C CE1 D HIS   A 1 36  ? -8.546  -1.887  -5.061  0.23 31.21  ? 45  HIS   A CE1 1 
ATOM   511  N NE2 A HIS   A 1 36  ? -8.487  -3.176  -5.019  0.27 28.07  ? 45  HIS   A NE2 1 
ATOM   512  N NE2 B HIS   A 1 36  ? -8.487  -3.176  -5.019  0.27 28.04  ? 45  HIS   A NE2 1 
ATOM   513  N NE2 C HIS   A 1 36  ? -8.129  -3.108  -5.394  0.23 31.61  ? 45  HIS   A NE2 1 
ATOM   514  N NE2 D HIS   A 1 36  ? -8.129  -3.108  -5.394  0.23 31.61  ? 45  HIS   A NE2 1 
ATOM   515  N N   A LEU   A 1 37  ? -5.893  -2.581  1.306   0.27 21.60  ? 46  LEU   A N   1 
ATOM   516  N N   B LEU   A 1 37  ? -5.893  -2.581  1.306   0.27 21.63  ? 46  LEU   A N   1 
ATOM   517  N N   C LEU   A 1 37  ? -6.049  -2.799  1.039   0.23 26.60  ? 46  LEU   A N   1 
ATOM   518  N N   D LEU   A 1 37  ? -6.049  -2.799  1.039   0.23 26.60  ? 46  LEU   A N   1 
ATOM   519  C CA  A LEU   A 1 37  ? -5.080  -2.985  2.486   0.27 23.77  ? 46  LEU   A CA  1 
ATOM   520  C CA  B LEU   A 1 37  ? -5.080  -2.985  2.486   0.27 23.78  ? 46  LEU   A CA  1 
ATOM   521  C CA  C LEU   A 1 37  ? -5.320  -3.238  2.259   0.23 28.54  ? 46  LEU   A CA  1 
ATOM   522  C CA  D LEU   A 1 37  ? -5.320  -3.238  2.259   0.23 28.54  ? 46  LEU   A CA  1 
ATOM   523  C C   A LEU   A 1 37  ? -5.970  -3.737  3.491   0.27 25.28  ? 46  LEU   A C   1 
ATOM   524  C C   B LEU   A 1 37  ? -5.970  -3.738  3.491   0.27 25.29  ? 46  LEU   A C   1 
ATOM   525  C C   C LEU   A 1 37  ? -6.262  -4.059  3.151   0.23 28.32  ? 46  LEU   A C   1 
ATOM   526  C C   D LEU   A 1 37  ? -6.262  -4.059  3.151   0.23 28.32  ? 46  LEU   A C   1 
ATOM   527  O O   A LEU   A 1 37  ? -5.538  -4.803  3.974   0.27 25.83  ? 46  LEU   A O   1 
ATOM   528  O O   B LEU   A 1 37  ? -5.538  -4.804  3.973   0.27 25.83  ? 46  LEU   A O   1 
ATOM   529  O O   C LEU   A 1 37  ? -5.878  -5.177  3.557   0.23 25.96  ? 46  LEU   A O   1 
ATOM   530  O O   D LEU   A 1 37  ? -5.878  -5.177  3.557   0.23 25.96  ? 46  LEU   A O   1 
ATOM   531  C CB  A LEU   A 1 37  ? -4.424  -1.749  3.101   0.27 23.09  ? 46  LEU   A CB  1 
ATOM   532  C CB  B LEU   A 1 37  ? -4.424  -1.749  3.101   0.27 23.10  ? 46  LEU   A CB  1 
ATOM   533  C CB  C LEU   A 1 37  ? -4.801  -2.012  3.011   0.23 28.05  ? 46  LEU   A CB  1 
ATOM   534  C CB  D LEU   A 1 37  ? -4.801  -2.012  3.011   0.23 28.05  ? 46  LEU   A CB  1 
ATOM   535  C CG  A LEU   A 1 37  ? -3.253  -1.177  2.307   0.27 22.45  ? 46  LEU   A CG  1 
ATOM   536  C CG  B LEU   A 1 37  ? -3.253  -1.177  2.307   0.27 22.46  ? 46  LEU   A CG  1 
ATOM   537  C CG  C LEU   A 1 37  ? -3.622  -1.298  2.359   0.23 28.10  ? 46  LEU   A CG  1 
ATOM   538  C CG  D LEU   A 1 37  ? -3.622  -1.298  2.359   0.23 28.10  ? 46  LEU   A CG  1 
ATOM   539  C CD1 A LEU   A 1 37  ? -2.995  0.279   2.654   0.27 23.67  ? 46  LEU   A CD1 1 
ATOM   540  C CD1 B LEU   A 1 37  ? -2.995  0.279   2.654   0.27 23.67  ? 46  LEU   A CD1 1 
ATOM   541  C CD1 C LEU   A 1 37  ? -3.475  0.110   2.904   0.23 30.04  ? 46  LEU   A CD1 1 
ATOM   542  C CD1 D LEU   A 1 37  ? -3.475  0.110   2.904   0.23 30.04  ? 46  LEU   A CD1 1 
ATOM   543  C CD2 A LEU   A 1 37  ? -1.991  -2.002  2.526   0.27 22.66  ? 46  LEU   A CD2 1 
ATOM   544  C CD2 B LEU   A 1 37  ? -1.991  -2.002  2.525   0.27 22.67  ? 46  LEU   A CD2 1 
ATOM   545  C CD2 C LEU   A 1 37  ? -2.338  -2.087  2.555   0.23 28.86  ? 46  LEU   A CD2 1 
ATOM   546  C CD2 D LEU   A 1 37  ? -2.338  -2.087  2.555   0.23 28.86  ? 46  LEU   A CD2 1 
ATOM   547  N N   A LYS   A 1 38  ? -7.178  -3.231  3.753   0.27 27.48  ? 47  LYS   A N   1 
ATOM   548  N N   B LYS   A 1 38  ? -7.178  -3.230  3.753   0.27 27.50  ? 47  LYS   A N   1 
ATOM   549  N N   C LYS   A 1 38  ? -7.451  -3.512  3.413   0.23 30.75  ? 47  LYS   A N   1 
ATOM   550  N N   D LYS   A 1 38  ? -7.451  -3.512  3.413   0.23 30.76  ? 47  LYS   A N   1 
ATOM   551  C CA  A LYS   A 1 38  ? -8.167  -3.883  4.654   0.27 31.39  ? 47  LYS   A CA  1 
ATOM   552  C CA  B LYS   A 1 38  ? -8.167  -3.883  4.654   0.27 31.40  ? 47  LYS   A CA  1 
ATOM   553  C CA  C LYS   A 1 38  ? -8.492  -4.081  4.311   0.23 33.64  ? 47  LYS   A CA  1 
ATOM   554  C CA  D LYS   A 1 38  ? -8.492  -4.081  4.311   0.23 33.64  ? 47  LYS   A CA  1 
ATOM   555  C C   A LYS   A 1 38  ? -8.490  -5.285  4.115   0.27 31.32  ? 47  LYS   A C   1 
ATOM   556  C C   B LYS   A 1 38  ? -8.490  -5.284  4.114   0.27 31.32  ? 47  LYS   A C   1 
ATOM   557  C C   C LYS   A 1 38  ? -8.998  -5.427  3.765   0.23 34.71  ? 47  LYS   A C   1 
ATOM   558  C C   D LYS   A 1 38  ? -8.998  -5.427  3.765   0.23 34.71  ? 47  LYS   A C   1 
ATOM   559  O O   A LYS   A 1 38  ? -8.521  -6.225  4.937   0.27 30.51  ? 47  LYS   A O   1 
ATOM   560  O O   B LYS   A 1 38  ? -8.522  -6.225  4.937   0.27 30.51  ? 47  LYS   A O   1 
ATOM   561  O O   C LYS   A 1 38  ? -9.381  -6.287  4.594   0.23 31.51  ? 47  LYS   A O   1 
ATOM   562  O O   D LYS   A 1 38  ? -9.381  -6.287  4.594   0.23 31.51  ? 47  LYS   A O   1 
ATOM   563  C CB  A LYS   A 1 38  ? -9.412  -2.996  4.791   0.27 35.45  ? 47  LYS   A CB  1 
ATOM   564  C CB  B LYS   A 1 38  ? -9.412  -2.995  4.790   0.27 35.45  ? 47  LYS   A CB  1 
ATOM   565  C CB  C LYS   A 1 38  ? -9.621  -3.052  4.450   0.23 36.55  ? 47  LYS   A CB  1 
ATOM   566  C CB  D LYS   A 1 38  ? -9.621  -3.052  4.450   0.23 36.55  ? 47  LYS   A CB  1 
ATOM   567  C CG  A LYS   A 1 38  ? -10.542 -3.550  5.653   0.27 41.45  ? 47  LYS   A CG  1 
ATOM   568  C CG  B LYS   A 1 38  ? -10.543 -3.548  5.653   0.27 41.41  ? 47  LYS   A CG  1 
ATOM   569  C CG  C LYS   A 1 38  ? -10.577 -3.268  5.613   0.23 40.21  ? 47  LYS   A CG  1 
ATOM   570  C CG  D LYS   A 1 38  ? -10.577 -3.268  5.613   0.23 40.21  ? 47  LYS   A CG  1 
ATOM   571  C CD  A LYS   A 1 38  ? -11.917 -3.265  5.070   0.27 45.72  ? 47  LYS   A CD  1 
ATOM   572  C CD  B LYS   A 1 38  ? -11.918 -3.264  5.070   0.27 45.67  ? 47  LYS   A CD  1 
ATOM   573  C CD  C LYS   A 1 38  ? -11.715 -2.266  5.624   0.23 40.56  ? 47  LYS   A CD  1 
ATOM   574  C CD  D LYS   A 1 38  ? -11.715 -2.266  5.624   0.23 40.56  ? 47  LYS   A CD  1 
ATOM   575  C CE  A LYS   A 1 38  ? -13.056 -3.948  5.802   0.27 48.90  ? 47  LYS   A CE  1 
ATOM   576  C CE  B LYS   A 1 38  ? -13.055 -3.947  5.802   0.27 48.84  ? 47  LYS   A CE  1 
ATOM   577  C CE  C LYS   A 1 38  ? -12.558 -2.346  6.876   0.23 43.94  ? 47  LYS   A CE  1 
ATOM   578  C CE  D LYS   A 1 38  ? -12.558 -2.346  6.876   0.23 43.94  ? 47  LYS   A CE  1 
ATOM   579  N NZ  A LYS   A 1 38  ? -14.011 -2.967  6.368   0.27 50.17  ? 47  LYS   A NZ  1 
ATOM   580  N NZ  B LYS   A 1 38  ? -14.010 -2.967  6.370   0.27 50.10  ? 47  LYS   A NZ  1 
ATOM   581  N NZ  C LYS   A 1 38  ? -14.006 -2.235  6.566   0.23 45.32  ? 47  LYS   A NZ  1 
ATOM   582  N NZ  D LYS   A 1 38  ? -14.006 -2.235  6.566   0.23 45.31  ? 47  LYS   A NZ  1 
ATOM   583  N N   A ASP   A 1 39  ? -8.706  -5.413  2.794   0.27 30.75  ? 48  ASP   A N   1 
ATOM   584  N N   B ASP   A 1 39  ? -8.707  -5.413  2.795   0.27 30.76  ? 48  ASP   A N   1 
ATOM   585  N N   C ASP   A 1 39  ? -9.018  -5.600  2.434   0.23 32.96  ? 48  ASP   A N   1 
ATOM   586  N N   D ASP   A 1 39  ? -9.018  -5.600  2.434   0.23 32.96  ? 48  ASP   A N   1 
ATOM   587  C CA  A ASP   A 1 39  ? -9.260  -6.619  2.113   0.27 31.31  ? 48  ASP   A CA  1 
ATOM   588  C CA  B ASP   A 1 39  ? -9.261  -6.619  2.113   0.27 31.31  ? 48  ASP   A CA  1 
ATOM   589  C CA  C ASP   A 1 39  ? -9.461  -6.845  1.741   0.23 33.62  ? 48  ASP   A CA  1 
ATOM   590  C CA  D ASP   A 1 39  ? -9.461  -6.845  1.741   0.23 33.62  ? 48  ASP   A CA  1 
ATOM   591  C C   A ASP   A 1 39  ? -8.148  -7.609  1.726   0.27 28.96  ? 48  ASP   A C   1 
ATOM   592  C C   B ASP   A 1 39  ? -8.148  -7.609  1.726   0.27 28.97  ? 48  ASP   A C   1 
ATOM   593  C C   C ASP   A 1 39  ? -8.276  -7.800  1.521   0.23 30.96  ? 48  ASP   A C   1 
ATOM   594  C C   D ASP   A 1 39  ? -8.276  -7.800  1.521   0.23 30.96  ? 48  ASP   A C   1 
ATOM   595  O O   A ASP   A 1 39  ? -8.473  -8.673  1.152   0.27 29.46  ? 48  ASP   A O   1 
ATOM   596  O O   B ASP   A 1 39  ? -8.473  -8.673  1.152   0.27 29.45  ? 48  ASP   A O   1 
ATOM   597  O O   C ASP   A 1 39  ? -8.500  -8.898  0.968   0.23 29.59  ? 48  ASP   A O   1 
ATOM   598  O O   D ASP   A 1 39  ? -8.500  -8.898  0.968   0.23 29.59  ? 48  ASP   A O   1 
ATOM   599  C CB  A ASP   A 1 39  ? -10.060 -6.229  0.863   0.27 32.98  ? 48  ASP   A CB  1 
ATOM   600  C CB  B ASP   A 1 39  ? -10.060 -6.229  0.863   0.27 32.97  ? 48  ASP   A CB  1 
ATOM   601  C CB  C ASP   A 1 39  ? -10.122 -6.528  0.395   0.23 35.62  ? 48  ASP   A CB  1 
ATOM   602  C CB  D ASP   A 1 39  ? -10.122 -6.528  0.395   0.23 35.62  ? 48  ASP   A CB  1 
ATOM   603  C CG  A ASP   A 1 39  ? -11.230 -5.277  1.105   0.27 35.58  ? 48  ASP   A CG  1 
ATOM   604  C CG  B ASP   A 1 39  ? -11.230 -5.277  1.105   0.27 35.56  ? 48  ASP   A CG  1 
ATOM   605  C CG  C ASP   A 1 39  ? -11.423 -5.741  0.493   0.23 37.70  ? 48  ASP   A CG  1 
ATOM   606  C CG  D ASP   A 1 39  ? -11.423 -5.741  0.493   0.23 37.70  ? 48  ASP   A CG  1 
ATOM   607  O OD1 A ASP   A 1 39  ? -11.591 -5.069  2.272   0.27 37.72  ? 48  ASP   A OD1 1 
ATOM   608  O OD1 B ASP   A 1 39  ? -11.591 -5.070  2.273   0.27 37.68  ? 48  ASP   A OD1 1 
ATOM   609  O OD1 C ASP   A 1 39  ? -12.036 -5.745  1.576   0.23 38.63  ? 48  ASP   A OD1 1 
ATOM   610  O OD1 D ASP   A 1 39  ? -12.036 -5.745  1.576   0.23 38.63  ? 48  ASP   A OD1 1 
ATOM   611  O OD2 A ASP   A 1 39  ? -11.766 -4.738  0.117   0.27 35.77  ? 48  ASP   A OD2 1 
ATOM   612  O OD2 B ASP   A 1 39  ? -11.766 -4.739  0.118   0.27 35.75  ? 48  ASP   A OD2 1 
ATOM   613  O OD2 C ASP   A 1 39  ? -11.810 -5.123  -0.520  0.23 38.71  ? 48  ASP   A OD2 1 
ATOM   614  O OD2 D ASP   A 1 39  ? -11.810 -5.123  -0.520  0.23 38.71  ? 48  ASP   A OD2 1 
ATOM   615  N N   A GLY   A 1 40  ? -6.879  -7.276  1.978   0.27 28.01  ? 49  GLY   A N   1 
ATOM   616  N N   B GLY   A 1 40  ? -6.879  -7.276  1.978   0.27 28.02  ? 49  GLY   A N   1 
ATOM   617  N N   C GLY   A 1 40  ? -7.056  -7.409  1.903   0.23 29.32  ? 49  GLY   A N   1 
ATOM   618  N N   D GLY   A 1 40  ? -7.056  -7.409  1.903   0.23 29.32  ? 49  GLY   A N   1 
ATOM   619  C CA  A GLY   A 1 40  ? -5.726  -8.154  1.684   0.27 27.10  ? 49  GLY   A CA  1 
ATOM   620  C CA  B GLY   A 1 40  ? -5.726  -8.154  1.684   0.27 27.11  ? 49  GLY   A CA  1 
ATOM   621  C CA  C GLY   A 1 40  ? -5.838  -8.209  1.656   0.23 27.85  ? 49  GLY   A CA  1 
ATOM   622  C CA  D GLY   A 1 40  ? -5.838  -8.209  1.656   0.23 27.85  ? 49  GLY   A CA  1 
ATOM   623  C C   A GLY   A 1 40  ? -5.461  -8.308  0.194   0.27 26.61  ? 49  GLY   A C   1 
ATOM   624  C C   B GLY   A 1 40  ? -5.461  -8.308  0.194   0.27 26.62  ? 49  GLY   A C   1 
ATOM   625  C C   C GLY   A 1 40  ? -5.554  -8.354  0.169   0.23 27.13  ? 49  GLY   A C   1 
ATOM   626  C C   D GLY   A 1 40  ? -5.554  -8.354  0.169   0.23 27.13  ? 49  GLY   A C   1 
ATOM   627  O O   A GLY   A 1 40  ? -4.888  -9.347  -0.212  0.27 27.41  ? 49  GLY   A O   1 
ATOM   628  O O   B GLY   A 1 40  ? -4.888  -9.348  -0.211  0.27 27.43  ? 49  GLY   A O   1 
ATOM   629  O O   C GLY   A 1 40  ? -5.098  -9.435  -0.266  0.23 27.58  ? 49  GLY   A O   1 
ATOM   630  O O   D GLY   A 1 40  ? -5.098  -9.435  -0.266  0.23 27.58  ? 49  GLY   A O   1 
ATOM   631  N N   . THR   A 1 41  ? -5.851  -7.307  -0.598  1.00 26.39  ? 50  THR   A N   1 
ATOM   632  C CA  . THR   A 1 41  ? -5.698  -7.309  -2.070  1.00 24.56  ? 50  THR   A CA  1 
ATOM   633  C C   . THR   A 1 41  ? -4.803  -6.135  -2.501  1.00 22.02  ? 50  THR   A C   1 
ATOM   634  O O   . THR   A 1 41  ? -5.048  -5.550  -3.541  1.00 21.91  ? 50  THR   A O   1 
ATOM   635  C CB  . THR   A 1 41  ? -7.068  -7.226  -2.728  1.00 25.65  ? 50  THR   A CB  1 
ATOM   636  O OG1 . THR   A 1 41  ? -7.813  -6.094  -2.294  1.00 28.14  ? 50  THR   A OG1 1 
ATOM   637  C CG2 . THR   A 1 41  ? -7.887  -8.475  -2.455  1.00 30.92  ? 50  THR   A CG2 1 
ATOM   638  N N   A CYS   A 1 42  ? -3.790  -5.805  -1.700  0.27 21.20  ? 51  CYS   A N   1 
ATOM   639  N N   B CYS   A 1 42  ? -3.790  -5.805  -1.700  0.27 21.20  ? 51  CYS   A N   1 
ATOM   640  N N   C CYS   A 1 42  ? -3.793  -5.820  -1.698  0.23 21.25  ? 51  CYS   A N   1 
ATOM   641  N N   D CYS   A 1 42  ? -3.793  -5.820  -1.698  0.23 21.25  ? 51  CYS   A N   1 
ATOM   642  C CA  A CYS   A 1 42  ? -2.847  -4.684  -1.978  0.27 20.21  ? 51  CYS   A CA  1 
ATOM   643  C CA  B CYS   A 1 42  ? -2.847  -4.684  -1.978  0.27 20.20  ? 51  CYS   A CA  1 
ATOM   644  C CA  C CYS   A 1 42  ? -2.841  -4.713  -1.965  0.23 20.37  ? 51  CYS   A CA  1 
ATOM   645  C CA  D CYS   A 1 42  ? -2.841  -4.713  -1.965  0.23 20.37  ? 51  CYS   A CA  1 
ATOM   646  C C   A CYS   A 1 42  ? -1.419  -5.221  -2.094  0.27 21.37  ? 51  CYS   A C   1 
ATOM   647  C C   B CYS   A 1 42  ? -1.419  -5.221  -2.094  0.27 21.36  ? 51  CYS   A C   1 
ATOM   648  C C   C CYS   A 1 42  ? -1.439  -5.297  -2.134  0.23 21.34  ? 51  CYS   A C   1 
ATOM   649  C C   D CYS   A 1 42  ? -1.439  -5.297  -2.134  0.23 21.34  ? 51  CYS   A C   1 
ATOM   650  O O   A CYS   A 1 42  ? -0.965  -5.893  -1.131  0.27 21.43  ? 51  CYS   A O   1 
ATOM   651  O O   B CYS   A 1 42  ? -0.964  -5.892  -1.132  0.27 21.41  ? 51  CYS   A O   1 
ATOM   652  O O   C CYS   A 1 42  ? -1.046  -6.123  -1.275  0.23 21.52  ? 51  CYS   A O   1 
ATOM   653  O O   D CYS   A 1 42  ? -1.046  -6.123  -1.275  0.23 21.52  ? 51  CYS   A O   1 
ATOM   654  C CB  A CYS   A 1 42  ? -2.897  -3.644  -0.867  0.27 21.14  ? 51  CYS   A CB  1 
ATOM   655  C CB  B CYS   A 1 42  ? -2.897  -3.644  -0.867  0.27 21.10  ? 51  CYS   A CB  1 
ATOM   656  C CB  C CYS   A 1 42  ? -2.857  -3.710  -0.822  0.23 20.87  ? 51  CYS   A CB  1 
ATOM   657  C CB  D CYS   A 1 42  ? -2.857  -3.710  -0.822  0.23 20.87  ? 51  CYS   A CB  1 
ATOM   658  S SG  A CYS   A 1 42  ? -2.045  -2.098  -1.270  0.27 17.64  ? 51  CYS   A SG  1 
ATOM   659  S SG  B CYS   A 1 42  ? -2.045  -2.097  -1.269  0.27 17.55  ? 51  CYS   A SG  1 
ATOM   660  S SG  C CYS   A 1 42  ? -2.068  -2.131  -1.233  0.23 16.97  ? 51  CYS   A SG  1 
ATOM   661  S SG  D CYS   A 1 42  ? -2.068  -2.131  -1.233  0.23 16.96  ? 51  CYS   A SG  1 
ATOM   662  N N   . GLY   A 1 43  ? -0.715  -4.884  -3.183  1.00 20.38  ? 52  GLY   A N   1 
ATOM   663  C CA  . GLY   A 1 43  ? 0.693   -5.233  -3.349  1.00 20.01  ? 52  GLY   A CA  1 
ATOM   664  C C   . GLY   A 1 43  ? 1.568   -4.018  -3.204  1.00 18.22  ? 52  GLY   A C   1 
ATOM   665  O O   . GLY   A 1 43  ? 1.033   -2.869  -3.082  1.00 20.23  ? 52  GLY   A O   1 
ATOM   666  N N   . LEU   A 1 44  ? 2.858   -4.251  -3.174  1.00 19.42  ? 53  LEU   A N   1 
ATOM   667  C CA  . LEU   A 1 44  ? 3.895   -3.223  -2.963  1.00 21.42  ? 53  LEU   A CA  1 
ATOM   668  C C   . LEU   A 1 44  ? 4.933   -3.395  -4.076  1.00 20.42  ? 53  LEU   A C   1 
ATOM   669  O O   . LEU   A 1 44  ? 5.427   -4.494  -4.248  1.00 21.20  ? 53  LEU   A O   1 
ATOM   670  C CB  . LEU   A 1 44  ? 4.520   -3.448  -1.578  1.00 23.62  ? 53  LEU   A CB  1 
ATOM   671  C CG  . LEU   A 1 44  ? 5.653   -2.487  -1.225  1.00 25.47  ? 53  LEU   A CG  1 
ATOM   672  C CD1 . LEU   A 1 44  ? 5.097   -1.076  -1.107  1.00 31.74  ? 53  LEU   A CD1 1 
ATOM   673  C CD2 . LEU   A 1 44  ? 6.353   -2.896  0.054   1.00 30.76  ? 53  LEU   A CD2 1 
ATOM   674  N N   . VAL   A 1 45  ? 5.289   -2.310  -4.751  1.00 21.11  ? 54  VAL   A N   1 
ATOM   675  C CA  . VAL   A 1 45  ? 6.419   -2.267  -5.714  1.00 20.60  ? 54  VAL   A CA  1 
ATOM   676  C C   . VAL   A 1 45  ? 7.524   -1.380  -5.143  1.00 20.67  ? 54  VAL   A C   1 
ATOM   677  O O   . VAL   A 1 45  ? 7.227   -0.227  -4.767  1.00 23.22  ? 54  VAL   A O   1 
ATOM   678  C CB  . VAL   A 1 45  ? 5.928   -1.750  -7.068  1.00 21.64  ? 54  VAL   A CB  1 
ATOM   679  C CG1 . VAL   A 1 45  ? 7.060   -1.729  -8.087  1.00 21.75  ? 54  VAL   A CG1 1 
ATOM   680  C CG2 . VAL   A 1 45  ? 4.758   -2.588  -7.543  1.00 22.90  ? 54  VAL   A CG2 1 
ATOM   681  N N   . GLU   A 1 46  ? 8.722   -1.932  -5.059  1.00 24.13  ? 55  GLU   A N   1 
ATOM   682  C CA  . GLU   A 1 46  ? 9.920   -1.210  -4.565  1.00 24.54  ? 55  GLU   A CA  1 
ATOM   683  C C   . GLU   A 1 46  ? 10.357  -0.227  -5.655  1.00 26.72  ? 55  GLU   A C   1 
ATOM   684  O O   . GLU   A 1 46  ? 10.383  -0.588  -6.872  1.00 28.46  ? 55  GLU   A O   1 
ATOM   685  C CB  . GLU   A 1 46  ? 10.968  -2.216  -4.098  1.00 27.14  ? 55  GLU   A CB  1 
ATOM   686  C CG  . GLU   A 1 46  ? 10.472  -2.915  -2.832  1.00 26.93  ? 55  GLU   A CG  1 
ATOM   687  C CD  . GLU   A 1 46  ? 11.434  -3.877  -2.180  1.00 31.61  ? 55  GLU   A CD  1 
ATOM   688  O OE1 . GLU   A 1 46  ? 12.080  -4.611  -2.914  1.00 46.43  ? 55  GLU   A OE1 1 
ATOM   689  O OE2 . GLU   A 1 46  ? 11.522  -3.873  -0.937  1.00 36.77  ? 55  GLU   A OE2 1 
ATOM   690  N N   . VAL   A 1 47  ? 10.595  1.018   -5.245  1.00 30.63  ? 56  VAL   A N   1 
ATOM   691  C CA  . VAL   A 1 47  ? 10.918  2.130   -6.180  1.00 33.43  ? 56  VAL   A CA  1 
ATOM   692  C C   . VAL   A 1 47  ? 12.410  2.034   -6.477  1.00 38.96  ? 56  VAL   A C   1 
ATOM   693  O O   . VAL   A 1 47  ? 13.223  1.999   -5.526  1.00 42.43  ? 56  VAL   A O   1 
ATOM   694  C CB  . VAL   A 1 47  ? 10.492  3.510   -5.653  1.00 36.75  ? 56  VAL   A CB  1 
ATOM   695  C CG1 . VAL   A 1 47  ? 10.875  4.614   -6.633  1.00 35.41  ? 56  VAL   A CG1 1 
ATOM   696  C CG2 . VAL   A 1 47  ? 9.001   3.564   -5.349  1.00 40.20  ? 56  VAL   A CG2 1 
ATOM   697  N N   . GLU   A 1 48  ? 12.730  1.878   -7.760  1.00 39.84  ? 57  GLU   A N   1 
ATOM   698  C CA  . GLU   A 1 48  ? 14.076  2.075   -8.340  1.00 46.07  ? 57  GLU   A CA  1 
ATOM   699  C C   . GLU   A 1 48  ? 13.911  2.889   -9.623  1.00 43.62  ? 57  GLU   A C   1 
ATOM   700  O O   . GLU   A 1 48  ? 12.767  3.129   -10.048 1.00 37.63  ? 57  GLU   A O   1 
ATOM   701  C CB  . GLU   A 1 48  ? 14.737  0.729   -8.626  1.00 53.08  ? 57  GLU   A CB  1 
ATOM   702  C CG  . GLU   A 1 48  ? 15.107  -0.027  -7.365  1.00 64.35  ? 57  GLU   A CG  1 
ATOM   703  C CD  . GLU   A 1 48  ? 16.239  -1.022  -7.552  1.00 76.76  ? 57  GLU   A CD  1 
ATOM   704  O OE1 . GLU   A 1 48  ? 16.258  -1.699  -8.602  1.00 86.97  ? 57  GLU   A OE1 1 
ATOM   705  O OE2 . GLU   A 1 48  ? 17.111  -1.100  -6.662  1.00 83.32  ? 57  GLU   A OE2 1 
ATOM   706  N N   . LYS   A 1 49  ? 15.030  3.323   -10.193 1.00 43.58  ? 58  LYS   A N   1 
ATOM   707  C CA  . LYS   A 1 49  ? 15.076  3.994   -11.511 1.00 46.26  ? 58  LYS   A CA  1 
ATOM   708  C C   . LYS   A 1 49  ? 14.204  3.196   -12.473 1.00 36.10  ? 58  LYS   A C   1 
ATOM   709  O O   . LYS   A 1 49  ? 14.400  1.982   -12.554 1.00 38.54  ? 58  LYS   A O   1 
ATOM   710  C CB  . LYS   A 1 49  ? 16.514  4.060   -12.040 1.00 49.23  ? 58  LYS   A CB  1 
ATOM   711  C CG  . LYS   A 1 49  ? 17.439  4.987   -11.264 1.00 54.58  ? 58  LYS   A CG  1 
ATOM   712  C CD  . LYS   A 1 49  ? 17.037  6.441   -11.325 1.00 62.54  ? 58  LYS   A CD  1 
ATOM   713  C CE  . LYS   A 1 49  ? 18.108  7.369   -10.787 1.00 65.90  ? 58  LYS   A CE  1 
ATOM   714  N NZ  . LYS   A 1 49  ? 18.420  7.070   -9.368  1.00 62.98  ? 58  LYS   A NZ  1 
ATOM   715  N N   . GLY   A 1 50  ? 13.276  3.870   -13.137 1.00 36.10  ? 59  GLY   A N   1 
ATOM   716  C CA  . GLY   A 1 50  ? 12.456  3.320   -14.234 1.00 36.99  ? 59  GLY   A CA  1 
ATOM   717  C C   . GLY   A 1 50  ? 11.123  2.761   -13.768 1.00 36.37  ? 59  GLY   A C   1 
ATOM   718  O O   . GLY   A 1 50  ? 10.269  2.437   -14.620 1.00 37.60  ? 59  GLY   A O   1 
ATOM   719  N N   . VAL   A 1 51  ? 10.920  2.611   -12.463 1.00 31.81  ? 60  VAL   A N   1 
ATOM   720  C CA  . VAL   A 1 51  ? 9.651   2.005   -11.956 1.00 28.39  ? 60  VAL   A CA  1 
ATOM   721  C C   . VAL   A 1 51  ? 8.473   2.988   -12.071 1.00 28.36  ? 60  VAL   A C   1 
ATOM   722  O O   . VAL   A 1 51  ? 7.387   2.584   -12.584 1.00 26.51  ? 60  VAL   A O   1 
ATOM   723  C CB  . VAL   A 1 51  ? 9.820   1.483   -10.516 1.00 28.98  ? 60  VAL   A CB  1 
ATOM   724  C CG1 . VAL   A 1 51  ? 8.482   1.209   -9.867  1.00 31.01  ? 60  VAL   A CG1 1 
ATOM   725  C CG2 . VAL   A 1 51  ? 10.711  0.280   -10.467 1.00 30.51  ? 60  VAL   A CG2 1 
ATOM   726  N N   . LEU   A 1 52  ? 8.561   4.212   -11.533 1.00 28.19  ? 61  LEU   A N   1 
ATOM   727  C CA  . LEU   A 1 52  ? 7.361   5.087   -11.450 1.00 27.94  ? 61  LEU   A CA  1 
ATOM   728  C C   . LEU   A 1 52  ? 6.767   5.413   -12.814 1.00 27.22  ? 61  LEU   A C   1 
ATOM   729  O O   . LEU   A 1 52  ? 5.553   5.437   -12.962 1.00 28.83  ? 61  LEU   A O   1 
ATOM   730  C CB  . LEU   A 1 52  ? 7.662   6.340   -10.629 1.00 31.02  ? 61  LEU   A CB  1 
ATOM   731  C CG  . LEU   A 1 52  ? 7.773   6.066   -9.127  1.00 33.29  ? 61  LEU   A CG  1 
ATOM   732  C CD1 . LEU   A 1 52  ? 8.201   7.324   -8.397  1.00 36.05  ? 61  LEU   A CD1 1 
ATOM   733  C CD2 . LEU   A 1 52  ? 6.433   5.553   -8.603  1.00 35.94  ? 61  LEU   A CD2 1 
ATOM   734  N N   . PRO   A 1 53  ? 7.565   5.673   -13.875 1.00 28.56  ? 62  PRO   A N   1 
ATOM   735  C CA  . PRO   A 1 53  ? 6.981   5.921   -15.200 1.00 29.24  ? 62  PRO   A CA  1 
ATOM   736  C C   . PRO   A 1 53  ? 6.209   4.723   -15.771 1.00 28.14  ? 62  PRO   A C   1 
ATOM   737  O O   . PRO   A 1 53  ? 5.395   4.911   -16.705 1.00 27.51  ? 62  PRO   A O   1 
ATOM   738  C CB  . PRO   A 1 53  ? 8.202   6.310   -16.060 1.00 28.54  ? 62  PRO   A CB  1 
ATOM   739  C CG  . PRO   A 1 53  ? 9.265   6.702   -15.074 1.00 31.30  ? 62  PRO   A CG  1 
ATOM   740  C CD  . PRO   A 1 53  ? 9.032   5.808   -13.856 1.00 31.32  ? 62  PRO   A CD  1 
ATOM   741  N N   . GLN   A 1 54  ? 6.384   3.532   -15.174 1.00 27.00  ? 63  GLN   A N   1 
ATOM   742  C CA  . GLN   A 1 54  ? 5.691   2.298   -15.607 1.00 25.46  ? 63  GLN   A CA  1 
ATOM   743  C C   . GLN   A 1 54  ? 4.379   2.145   -14.823 1.00 26.78  ? 63  GLN   A C   1 
ATOM   744  O O   . GLN   A 1 54  ? 3.585   1.253   -15.146 1.00 27.84  ? 63  GLN   A O   1 
ATOM   745  C CB  . GLN   A 1 54  ? 6.608   1.072   -15.458 1.00 25.42  ? 63  GLN   A CB  1 
ATOM   746  C CG  . GLN   A 1 54  ? 7.741   1.022   -16.478 1.00 27.51  ? 63  GLN   A CG  1 
ATOM   747  C CD  . GLN   A 1 54  ? 8.510   -0.256  -16.316 1.00 31.61  ? 63  GLN   A CD  1 
ATOM   748  O OE1 . GLN   A 1 54  ? 8.051   -1.299  -16.756 1.00 38.06  ? 63  GLN   A OE1 1 
ATOM   749  N NE2 . GLN   A 1 54  ? 9.672   -0.177  -15.694 1.00 29.96  ? 63  GLN   A NE2 1 
ATOM   750  N N   . LEU   A 1 55  ? 4.125   3.009   -13.832 1.00 25.58  ? 64  LEU   A N   1 
ATOM   751  C CA  . LEU   A 1 55  ? 2.864   2.963   -13.050 1.00 28.64  ? 64  LEU   A CA  1 
ATOM   752  C C   . LEU   A 1 55  ? 2.036   4.213   -13.303 1.00 25.94  ? 64  LEU   A C   1 
ATOM   753  O O   . LEU   A 1 55  ? 2.551   5.192   -13.925 1.00 31.67  ? 64  LEU   A O   1 
ATOM   754  C CB  . LEU   A 1 55  ? 3.206   2.816   -11.574 1.00 26.02  ? 64  LEU   A CB  1 
ATOM   755  C CG  . LEU   A 1 55  ? 3.942   1.519   -11.253 1.00 30.46  ? 64  LEU   A CG  1 
ATOM   756  C CD1 . LEU   A 1 55  ? 4.472   1.542   -9.846  1.00 30.29  ? 64  LEU   A CD1 1 
ATOM   757  C CD2 . LEU   A 1 55  ? 2.998   0.338   -11.484 1.00 30.85  ? 64  LEU   A CD2 1 
ATOM   758  N N   . GLU   A 1 56  ? 0.796   4.176   -12.866 1.00 24.48  ? 65  GLU   A N   1 
ATOM   759  C CA  . GLU   A 1 56  ? -0.216  5.200   -13.213 1.00 23.40  ? 65  GLU   A CA  1 
ATOM   760  C C   . GLU   A 1 56  ? -0.306  6.199   -12.057 1.00 26.98  ? 65  GLU   A C   1 
ATOM   761  O O   . GLU   A 1 56  ? -0.469  5.789   -10.928 1.00 25.45  ? 65  GLU   A O   1 
ATOM   762  C CB  . GLU   A 1 56  ? -1.583  4.585   -13.484 1.00 29.26  ? 65  GLU   A CB  1 
ATOM   763  C CG  . GLU   A 1 56  ? -1.578  3.742   -14.755 1.00 31.62  ? 65  GLU   A CG  1 
ATOM   764  C CD  . GLU   A 1 56  ? -2.862  2.988   -15.034 1.00 40.27  ? 65  GLU   A CD  1 
ATOM   765  O OE1 . GLU   A 1 56  ? -3.565  2.681   -14.079 1.00 49.89  ? 65  GLU   A OE1 1 
ATOM   766  O OE2 . GLU   A 1 56  ? -3.142  2.691   -16.220 1.00 54.46  ? 65  GLU   A OE2 1 
ATOM   767  N N   . GLN   A 1 57  ? -0.276  7.487   -12.362 1.00 28.17  ? 66  GLN   A N   1 
ATOM   768  C CA  . GLN   A 1 57  ? -0.591  8.526   -11.346 1.00 28.10  ? 66  GLN   A CA  1 
ATOM   769  C C   . GLN   A 1 57  ? -2.097  8.692   -11.194 1.00 27.97  ? 66  GLN   A C   1 
ATOM   770  O O   . GLN   A 1 57  ? -2.854  8.379   -12.097 1.00 28.51  ? 66  GLN   A O   1 
ATOM   771  C CB  . GLN   A 1 57  ? -0.031  9.862   -11.806 1.00 31.23  ? 66  GLN   A CB  1 
ATOM   772  C CG  . GLN   A 1 57  ? 1.483   9.862   -11.823 1.00 31.13  ? 66  GLN   A CG  1 
ATOM   773  C CD  . GLN   A 1 57  ? 2.009   11.265  -11.962 1.00 37.04  ? 66  GLN   A CD  1 
ATOM   774  O OE1 . GLN   A 1 57  ? 1.599   12.166  -11.235 1.00 36.43  ? 66  GLN   A OE1 1 
ATOM   775  N NE2 . GLN   A 1 57  ? 2.932   11.444  -12.896 1.00 49.59  ? 66  GLN   A NE2 1 
ATOM   776  N N   . PRO   A 1 58  ? -2.605  9.194   -10.049 1.00 25.40  ? 67  PRO   A N   1 
ATOM   777  C CA  . PRO   A 1 58  ? -1.785  9.450   -8.862  1.00 27.48  ? 67  PRO   A CA  1 
ATOM   778  C C   . PRO   A 1 58  ? -1.171  8.203   -8.207  1.00 25.58  ? 67  PRO   A C   1 
ATOM   779  O O   . PRO   A 1 58  ? -1.798  7.161   -8.262  1.00 24.68  ? 67  PRO   A O   1 
ATOM   780  C CB  . PRO   A 1 58  ? -2.777  10.065  -7.855  1.00 26.46  ? 67  PRO   A CB  1 
ATOM   781  C CG  . PRO   A 1 58  ? -3.954  10.480  -8.671  1.00 29.50  ? 67  PRO   A CG  1 
ATOM   782  C CD  . PRO   A 1 58  ? -4.023  9.481   -9.796  1.00 26.88  ? 67  PRO   A CD  1 
ATOM   783  N N   . TYR   A 1 59  ? 0.029   8.328   -7.637  1.00 24.81  ? 68  TYR   A N   1 
ATOM   784  C CA  . TYR   A 1 59  ? 0.728   7.261   -6.882  1.00 23.43  ? 68  TYR   A CA  1 
ATOM   785  C C   . TYR   A 1 59  ? 0.292   7.277   -5.412  1.00 25.60  ? 68  TYR   A C   1 
ATOM   786  O O   . TYR   A 1 59  ? 0.012   8.399   -4.825  1.00 25.65  ? 68  TYR   A O   1 
ATOM   787  C CB  . TYR   A 1 59  ? 2.244   7.382   -6.916  1.00 25.44  ? 68  TYR   A CB  1 
ATOM   788  C CG  . TYR   A 1 59  ? 2.857   7.588   -8.271  1.00 28.28  ? 68  TYR   A CG  1 
ATOM   789  C CD1 . TYR   A 1 59  ? 2.651   6.697   -9.307  1.00 28.76  ? 68  TYR   A CD1 1 
ATOM   790  C CD2 . TYR   A 1 59  ? 3.686   8.684   -8.513  1.00 31.72  ? 68  TYR   A CD2 1 
ATOM   791  C CE1 . TYR   A 1 59  ? 3.248   6.890   -10.546 1.00 32.69  ? 68  TYR   A CE1 1 
ATOM   792  C CE2 . TYR   A 1 59  ? 4.300   8.875   -9.745  1.00 33.96  ? 68  TYR   A CE2 1 
ATOM   793  C CZ  . TYR   A 1 59  ? 4.058   7.988   -10.775 1.00 36.19  ? 68  TYR   A CZ  1 
ATOM   794  O OH  . TYR   A 1 59  ? 4.643   8.174   -12.002 1.00 35.01  ? 68  TYR   A OH  1 
ATOM   795  N N   . VAL   A 1 60  ? 0.255   6.087   -4.814  1.00 23.37  ? 69  VAL   A N   1 
ATOM   796  C CA  . VAL   A 1 60  ? 0.110   5.936   -3.347  1.00 23.27  ? 69  VAL   A CA  1 
ATOM   797  C C   . VAL   A 1 60  ? 1.400   5.328   -2.827  1.00 26.97  ? 69  VAL   A C   1 
ATOM   798  O O   . VAL   A 1 60  ? 1.687   4.178   -3.156  1.00 24.89  ? 69  VAL   A O   1 
ATOM   799  C CB  . VAL   A 1 60  ? -1.117  5.121   -2.918  1.00 25.04  ? 69  VAL   A CB  1 
ATOM   800  C CG1 . VAL   A 1 60  ? -1.092  4.958   -1.412  1.00 25.53  ? 69  VAL   A CG1 1 
ATOM   801  C CG2 . VAL   A 1 60  ? -2.412  5.749   -3.384  1.00 23.57  ? 69  VAL   A CG2 1 
ATOM   802  N N   . PHE   A 1 61  ? 2.163   6.052   -2.013  1.00 22.96  ? 70  PHE   A N   1 
ATOM   803  C CA  . PHE   A 1 61  ? 3.380   5.508   -1.370  1.00 24.34  ? 70  PHE   A CA  1 
ATOM   804  C C   . PHE   A 1 61  ? 3.050   5.055   0.052   1.00 22.18  ? 70  PHE   A C   1 
ATOM   805  O O   . PHE   A 1 61  ? 2.203   5.707   0.729   1.00 25.54  ? 70  PHE   A O   1 
ATOM   806  C CB  . PHE   A 1 61  ? 4.501   6.545   -1.311  1.00 24.10  ? 70  PHE   A CB  1 
ATOM   807  C CG  . PHE   A 1 61  ? 4.952   7.047   -2.654  1.00 25.18  ? 70  PHE   A CG  1 
ATOM   808  C CD1 . PHE   A 1 61  ? 5.665   6.219   -3.502  1.00 26.51  ? 70  PHE   A CD1 1 
ATOM   809  C CD2 . PHE   A 1 61  ? 4.637   8.323   -3.083  1.00 27.53  ? 70  PHE   A CD2 1 
ATOM   810  C CE1 . PHE   A 1 61  ? 6.069   6.670   -4.749  1.00 29.06  ? 70  PHE   A CE1 1 
ATOM   811  C CE2 . PHE   A 1 61  ? 5.028   8.766   -4.335  1.00 26.71  ? 70  PHE   A CE2 1 
ATOM   812  C CZ  . PHE   A 1 61  ? 5.735   7.943   -5.164  1.00 25.83  ? 70  PHE   A CZ  1 
ATOM   813  N N   . ILE   A 1 62  ? 3.775   4.051   0.520   1.00 21.52  ? 71  ILE   A N   1 
ATOM   814  C CA  . ILE   A 1 62  ? 4.009   3.843   1.969   1.00 24.45  ? 71  ILE   A CA  1 
ATOM   815  C C   . ILE   A 1 62  ? 5.358   4.428   2.347   1.00 27.35  ? 71  ILE   A C   1 
ATOM   816  O O   . ILE   A 1 62  ? 6.382   4.095   1.715   1.00 29.04  ? 71  ILE   A O   1 
ATOM   817  C CB  . ILE   A 1 62  ? 3.811   2.407   2.476   1.00 27.92  ? 71  ILE   A CB  1 
ATOM   818  C CG1 . ILE   A 1 62  ? 4.543   1.364   1.624   1.00 29.39  ? 71  ILE   A CG1 1 
ATOM   819  C CG2 . ILE   A 1 62  ? 2.334   2.160   2.588   1.00 27.07  ? 71  ILE   A CG2 1 
ATOM   820  C CD1 . ILE   A 1 62  ? 4.903   0.109   2.409   1.00 28.48  ? 71  ILE   A CD1 1 
ATOM   821  N N   . LYS   A 1 63  ? 5.332   5.263   3.401   1.00 24.28  ? 72  LYS   A N   1 
ATOM   822  C CA  . LYS   A 1 63  ? 6.498   6.015   3.886   1.00 25.01  ? 72  LYS   A CA  1 
ATOM   823  C C   . LYS   A 1 63  ? 6.674   5.684   5.375   1.00 26.06  ? 72  LYS   A C   1 
ATOM   824  O O   . LYS   A 1 63  ? 5.662   5.497   6.041   1.00 26.58  ? 72  LYS   A O   1 
ATOM   825  C CB  . LYS   A 1 63  ? 6.259   7.488   3.591   1.00 26.14  ? 72  LYS   A CB  1 
ATOM   826  C CG  . LYS   A 1 63  ? 6.508   7.875   2.139   1.00 33.10  ? 72  LYS   A CG  1 
ATOM   827  C CD  . LYS   A 1 63  ? 6.372   9.349   1.861   1.00 35.27  ? 72  LYS   A CD  1 
ATOM   828  C CE  . LYS   A 1 63  ? 6.954   9.746   0.528   1.00 39.40  ? 72  LYS   A CE  1 
ATOM   829  N NZ  . LYS   A 1 63  ? 8.409   9.489   0.478   1.00 39.39  ? 72  LYS   A NZ  1 
ATOM   830  N N   . ARG   A 1 64  ? 7.913   5.602   5.836   1.00 27.93  ? 73  ARG   A N   1 
ATOM   831  C CA  . ARG   A 1 64  ? 8.250   5.234   7.244   1.00 30.74  ? 73  ARG   A CA  1 
ATOM   832  C C   . ARG   A 1 64  ? 7.797   6.369   8.187   1.00 30.51  ? 73  ARG   A C   1 
ATOM   833  O O   . ARG   A 1 64  ? 8.057   7.531   7.865   1.00 32.71  ? 73  ARG   A O   1 
ATOM   834  C CB  . ARG   A 1 64  ? 9.753   4.969   7.333   1.00 39.30  ? 73  ARG   A CB  1 
ATOM   835  C CG  . ARG   A 1 64  ? 10.175  4.413   8.685   1.00 45.99  ? 73  ARG   A CG  1 
ATOM   836  C CD  . ARG   A 1 64  ? 11.667  4.465   8.951   1.00 58.41  ? 73  ARG   A CD  1 
ATOM   837  N NE  . ARG   A 1 64  ? 12.089  3.323   9.752   1.00 64.58  ? 73  ARG   A NE  1 
ATOM   838  C CZ  . ARG   A 1 64  ? 12.491  2.154   9.255   1.00 70.87  ? 73  ARG   A CZ  1 
ATOM   839  N NH1 . ARG   A 1 64  ? 12.536  1.956   7.946   1.00 70.43  ? 73  ARG   A NH1 1 
ATOM   840  N NH2 . ARG   A 1 64  ? 12.849  1.181   10.074  1.00 77.17  ? 73  ARG   A NH2 1 
ATOM   841  N N   . SER   A 1 65  ? 7.020   6.080   9.242   1.00 32.27  ? 74  SER   A N   1 
ATOM   842  C CA  . SER   A 1 65  ? 6.380   7.157   10.054  1.00 36.46  ? 74  SER   A CA  1 
ATOM   843  C C   . SER   A 1 65  ? 7.139   7.334   11.370  1.00 42.09  ? 74  SER   A C   1 
ATOM   844  O O   . SER   A 1 65  ? 6.823   8.298   12.086  1.00 48.09  ? 74  SER   A O   1 
ATOM   845  C CB  . SER   A 1 65  ? 4.900   6.952   10.292  1.00 38.12  ? 74  SER   A CB  1 
ATOM   846  O OG  . SER   A 1 65  ? 4.600   5.688   10.854  1.00 42.74  ? 74  SER   A OG  1 
ATOM   847  N N   . ASP   A 1 66  ? 8.079   6.443   11.653  1.00 52.14  ? 75  ASP   A N   1 
ATOM   848  C CA  . ASP   A 1 66  ? 8.770   6.330   12.964  1.00 57.59  ? 75  ASP   A CA  1 
ATOM   849  C C   . ASP   A 1 66  ? 9.992   5.413   12.811  1.00 65.71  ? 75  ASP   A C   1 
ATOM   850  O O   . ASP   A 1 66  ? 10.060  4.703   11.800  1.00 65.77  ? 75  ASP   A O   1 
ATOM   851  C CB  . ASP   A 1 66  ? 7.778   5.833   14.012  1.00 61.89  ? 75  ASP   A CB  1 
ATOM   852  C CG  . ASP   A 1 66  ? 8.326   5.712   15.419  1.00 57.79  ? 75  ASP   A CG  1 
ATOM   853  O OD1 . ASP   A 1 66  ? 9.441   6.204   15.665  1.00 64.88  ? 75  ASP   A OD1 1 
ATOM   854  O OD2 . ASP   A 1 66  ? 7.628   5.118   16.253  1.00 66.01  ? 75  ASP   A OD2 1 
ATOM   855  N N   . ALA   A 1 67  ? 10.923  5.451   13.777  1.00 73.21  ? 76  ALA   A N   1 
ATOM   856  C CA  . ALA   A 1 67  ? 12.102  4.553   13.877  1.00 78.44  ? 76  ALA   A CA  1 
ATOM   857  C C   . ALA   A 1 67  ? 11.943  3.634   15.098  1.00 78.04  ? 76  ALA   A C   1 
ATOM   858  O O   . ALA   A 1 67  ? 12.624  3.886   16.108  1.00 66.60  ? 76  ALA   A O   1 
ATOM   859  C CB  . ALA   A 1 67  ? 13.380  5.358   13.948  1.00 77.05  ? 76  ALA   A CB  1 
ATOM   860  N N   . ALA   A 1 70  ? 10.315  -0.156  15.213  1.00 66.74  ? 79  ALA   A N   1 
ATOM   861  C CA  . ALA   A 1 70  ? 9.785   -1.184  14.283  1.00 74.87  ? 79  ALA   A CA  1 
ATOM   862  C C   . ALA   A 1 70  ? 9.260   -2.372  15.081  1.00 76.82  ? 79  ALA   A C   1 
ATOM   863  O O   . ALA   A 1 70  ? 9.968   -3.366  15.247  1.00 81.47  ? 79  ALA   A O   1 
ATOM   864  C CB  . ALA   A 1 70  ? 10.855  -1.609  13.306  1.00 71.16  ? 79  ALA   A CB  1 
ATOM   865  N N   . PRO   A 1 71  ? 8.021   -2.295  15.621  1.00 75.15  ? 80  PRO   A N   1 
ATOM   866  C CA  . PRO   A 1 71  ? 7.457   -3.369  16.443  1.00 71.99  ? 80  PRO   A CA  1 
ATOM   867  C C   . PRO   A 1 71  ? 7.276   -4.715  15.728  1.00 76.30  ? 80  PRO   A C   1 
ATOM   868  O O   . PRO   A 1 71  ? 6.769   -4.722  14.627  1.00 81.25  ? 80  PRO   A O   1 
ATOM   869  C CB  . PRO   A 1 71  ? 6.069   -2.841  16.830  1.00 73.71  ? 80  PRO   A CB  1 
ATOM   870  C CG  . PRO   A 1 71  ? 6.207   -1.345  16.721  1.00 70.53  ? 80  PRO   A CG  1 
ATOM   871  C CD  . PRO   A 1 71  ? 7.128   -1.128  15.539  1.00 72.37  ? 80  PRO   A CD  1 
ATOM   872  N N   . HIS   A 1 72  ? 7.680   -5.808  16.386  1.00 80.42  ? 81  HIS   A N   1 
ATOM   873  C CA  . HIS   A 1 72  ? 7.446   -7.222  15.971  1.00 78.54  ? 81  HIS   A CA  1 
ATOM   874  C C   . HIS   A 1 72  ? 7.970   -7.485  14.548  1.00 78.87  ? 81  HIS   A C   1 
ATOM   875  O O   . HIS   A 1 72  ? 7.466   -8.435  13.911  1.00 76.59  ? 81  HIS   A O   1 
ATOM   876  C CB  . HIS   A 1 72  ? 5.951   -7.569  16.070  1.00 87.72  ? 81  HIS   A CB  1 
ATOM   877  C CG  . HIS   A 1 72  ? 5.297   -7.135  17.341  1.00 94.52  ? 81  HIS   A CG  1 
ATOM   878  N ND1 . HIS   A 1 72  ? 5.282   -7.926  18.475  1.00 99.84  ? 81  HIS   A ND1 1 
ATOM   879  C CD2 . HIS   A 1 72  ? 4.627   -6.007  17.660  1.00 99.09  ? 81  HIS   A CD2 1 
ATOM   880  C CE1 . HIS   A 1 72  ? 4.638   -7.301  19.440  1.00 99.87  ? 81  HIS   A CE1 1 
ATOM   881  N NE2 . HIS   A 1 72  ? 4.225   -6.121  18.964  1.00 101.81 ? 81  HIS   A NE2 1 
ATOM   882  N N   . GLY   A 1 73  ? 8.938   -6.688  14.069  1.00 71.81  ? 82  GLY   A N   1 
ATOM   883  C CA  . GLY   A 1 73  ? 9.494   -6.775  12.701  1.00 66.00  ? 82  GLY   A CA  1 
ATOM   884  C C   . GLY   A 1 73  ? 8.705   -5.964  11.676  1.00 61.34  ? 82  GLY   A C   1 
ATOM   885  O O   . GLY   A 1 73  ? 9.140   -5.904  10.523  1.00 59.93  ? 82  GLY   A O   1 
ATOM   886  N N   . HIS   A 1 74  ? 7.582   -5.359  12.074  1.00 50.37  ? 83  HIS   A N   1 
ATOM   887  C CA  . HIS   A 1 74  ? 6.719   -4.511  11.219  1.00 45.42  ? 83  HIS   A CA  1 
ATOM   888  C C   . HIS   A 1 74  ? 7.181   -3.047  11.307  1.00 47.02  ? 83  HIS   A C   1 
ATOM   889  O O   . HIS   A 1 74  ? 7.035   -2.444  12.395  1.00 49.43  ? 83  HIS   A O   1 
ATOM   890  C CB  . HIS   A 1 74  ? 5.258   -4.669  11.637  1.00 43.63  ? 83  HIS   A CB  1 
ATOM   891  C CG  . HIS   A 1 74  ? 4.722   -6.047  11.476  1.00 42.98  ? 83  HIS   A CG  1 
ATOM   892  N ND1 . HIS   A 1 74  ? 3.771   -6.365  10.515  1.00 45.50  ? 83  HIS   A ND1 1 
ATOM   893  C CD2 . HIS   A 1 74  ? 4.956   -7.176  12.179  1.00 43.50  ? 83  HIS   A CD2 1 
ATOM   894  C CE1 . HIS   A 1 74  ? 3.450   -7.638  10.630  1.00 49.99  ? 83  HIS   A CE1 1 
ATOM   895  N NE2 . HIS   A 1 74  ? 4.172   -8.160  11.642  1.00 51.47  ? 83  HIS   A NE2 1 
ATOM   896  N N   . VAL   A 1 75  ? 7.726   -2.491  10.217  1.00 43.50  ? 84  VAL   A N   1 
ATOM   897  C CA  . VAL   A 1 75  ? 8.090   -1.036  10.135  1.00 39.55  ? 84  VAL   A CA  1 
ATOM   898  C C   . VAL   A 1 75  ? 6.790   -0.217  10.195  1.00 32.53  ? 84  VAL   A C   1 
ATOM   899  O O   . VAL   A 1 75  ? 5.837   -0.519  9.458   1.00 31.44  ? 84  VAL   A O   1 
ATOM   900  C CB  . VAL   A 1 75  ? 8.889   -0.720  8.855   1.00 43.45  ? 84  VAL   A CB  1 
ATOM   901  C CG1 . VAL   A 1 75  ? 9.001   0.771   8.603   1.00 45.95  ? 84  VAL   A CG1 1 
ATOM   902  C CG2 . VAL   A 1 75  ? 10.268  -1.367  8.870   1.00 48.27  ? 84  VAL   A CG2 1 
ATOM   903  N N   . MET   A 1 76  ? 6.724   0.861   10.987  1.00 31.36  ? 85  MET   A N   1 
ATOM   904  C CA  . MET   A 1 76  ? 5.494   1.680   11.016  1.00 29.19  ? 85  MET   A CA  1 
ATOM   905  C C   . MET   A 1 76  ? 5.492   2.593   9.786   1.00 29.92  ? 85  MET   A C   1 
ATOM   906  O O   . MET   A 1 76  ? 6.506   3.202   9.481   1.00 28.92  ? 85  MET   A O   1 
ATOM   907  C CB  . MET   A 1 76  ? 5.370   2.521   12.298  1.00 33.17  ? 85  MET   A CB  1 
ATOM   908  C CG  . MET   A 1 76  ? 4.957   1.701   13.509  1.00 36.78  ? 85  MET   A CG  1 
ATOM   909  S SD  . MET   A 1 76  ? 4.627   2.769   14.972  1.00 44.16  ? 85  MET   A SD  1 
ATOM   910  C CE  . MET   A 1 76  ? 4.011   4.248   14.187  1.00 45.28  ? 85  MET   A CE  1 
ATOM   911  N N   . VAL   A 1 77  ? 4.386   2.592   9.061   1.00 26.51  ? 86  VAL   A N   1 
ATOM   912  C CA  . VAL   A 1 77  ? 4.238   3.322   7.781   1.00 27.19  ? 86  VAL   A CA  1 
ATOM   913  C C   . VAL   A 1 77  ? 2.929   4.094   7.783   1.00 25.64  ? 86  VAL   A C   1 
ATOM   914  O O   . VAL   A 1 77  ? 1.967   3.742   8.496   1.00 28.87  ? 86  VAL   A O   1 
ATOM   915  C CB  . VAL   A 1 77  ? 4.316   2.391   6.557   1.00 26.48  ? 86  VAL   A CB  1 
ATOM   916  C CG1 . VAL   A 1 77  ? 5.645   1.656   6.518   1.00 26.48  ? 86  VAL   A CG1 1 
ATOM   917  C CG2 . VAL   A 1 77  ? 3.133   1.433   6.517   1.00 27.67  ? 86  VAL   A CG2 1 
ATOM   918  N N   . GLU   A 1 78  ? 2.902   5.126   6.957   1.00 25.35  ? 87  GLU   A N   1 
ATOM   919  C CA  . GLU   A 1 78  ? 1.652   5.817   6.568   1.00 26.61  ? 87  GLU   A CA  1 
ATOM   920  C C   . GLU   A 1 78  ? 1.576   6.032   5.058   1.00 25.09  ? 87  GLU   A C   1 
ATOM   921  O O   . GLU   A 1 78  ? 2.606   5.888   4.339   1.00 26.68  ? 87  GLU   A O   1 
ATOM   922  C CB  . GLU   A 1 78  ? 1.569   7.127   7.334   1.00 32.90  ? 87  GLU   A CB  1 
ATOM   923  C CG  . GLU   A 1 78  ? 2.738   8.039   7.119   1.00 36.30  ? 87  GLU   A CG  1 
ATOM   924  C CD  . GLU   A 1 78  ? 2.830   9.065   8.245   1.00 43.96  ? 87  GLU   A CD  1 
ATOM   925  O OE1 . GLU   A 1 78  ? 1.814   9.280   8.923   1.00 48.88  ? 87  GLU   A OE1 1 
ATOM   926  O OE2 . GLU   A 1 78  ? 3.927   9.588   8.473   1.00 40.68  ? 87  GLU   A OE2 1 
ATOM   927  N N   A LEU   A 1 79  ? 0.371   6.336   4.578   0.27 25.97  ? 88  LEU   A N   1 
ATOM   928  N N   B LEU   A 1 79  ? 0.371   6.336   4.578   0.27 25.97  ? 88  LEU   A N   1 
ATOM   929  N N   C LEU   A 1 79  ? 0.381   6.387   4.588   0.23 26.65  ? 88  LEU   A N   1 
ATOM   930  N N   D LEU   A 1 79  ? 0.381   6.387   4.588   0.23 26.65  ? 88  LEU   A N   1 
ATOM   931  C CA  A LEU   A 1 79  ? 0.094   6.566   3.134   0.27 26.01  ? 88  LEU   A CA  1 
ATOM   932  C CA  B LEU   A 1 79  ? 0.094   6.566   3.134   0.27 26.01  ? 88  LEU   A CA  1 
ATOM   933  C CA  C LEU   A 1 79  ? 0.060   6.566   3.145   0.23 27.04  ? 88  LEU   A CA  1 
ATOM   934  C CA  D LEU   A 1 79  ? 0.060   6.566   3.145   0.23 27.04  ? 88  LEU   A CA  1 
ATOM   935  C C   A LEU   A 1 79  ? 0.365   8.034   2.790   0.27 25.72  ? 88  LEU   A C   1 
ATOM   936  C C   B LEU   A 1 79  ? 0.364   8.033   2.789   0.27 25.72  ? 88  LEU   A C   1 
ATOM   937  C C   C LEU   A 1 79  ? 0.293   8.030   2.749   0.23 26.53  ? 88  LEU   A C   1 
ATOM   938  C C   D LEU   A 1 79  ? 0.293   8.030   2.749   0.23 26.53  ? 88  LEU   A C   1 
ATOM   939  O O   A LEU   A 1 79  ? -0.081  8.923   3.558   0.27 27.81  ? 88  LEU   A O   1 
ATOM   940  O O   B LEU   A 1 79  ? -0.081  8.922   3.559   0.27 27.80  ? 88  LEU   A O   1 
ATOM   941  O O   C LEU   A 1 79  ? -0.238  8.919   3.459   0.23 28.28  ? 88  LEU   A O   1 
ATOM   942  O O   D LEU   A 1 79  ? -0.238  8.919   3.459   0.23 28.28  ? 88  LEU   A O   1 
ATOM   943  C CB  A LEU   A 1 79  ? -1.354  6.208   2.797   0.27 26.22  ? 88  LEU   A CB  1 
ATOM   944  C CB  B LEU   A 1 79  ? -1.354  6.208   2.797   0.27 26.22  ? 88  LEU   A CB  1 
ATOM   945  C CB  C LEU   A 1 79  ? -1.394  6.154   2.905   0.23 28.16  ? 88  LEU   A CB  1 
ATOM   946  C CB  D LEU   A 1 79  ? -1.394  6.154   2.905   0.23 28.16  ? 88  LEU   A CB  1 
ATOM   947  C CG  A LEU   A 1 79  ? -1.801  4.777   3.089   0.27 26.44  ? 88  LEU   A CG  1 
ATOM   948  C CG  B LEU   A 1 79  ? -1.802  4.776   3.090   0.27 26.45  ? 88  LEU   A CG  1 
ATOM   949  C CG  C LEU   A 1 79  ? -1.782  4.764   3.409   0.23 29.24  ? 88  LEU   A CG  1 
ATOM   950  C CG  D LEU   A 1 79  ? -1.782  4.764   3.409   0.23 29.24  ? 88  LEU   A CG  1 
ATOM   951  C CD1 A LEU   A 1 79  ? -3.156  4.512   2.458   0.27 27.17  ? 88  LEU   A CD1 1 
ATOM   952  C CD1 B LEU   A 1 79  ? -3.156  4.512   2.460   0.27 27.17  ? 88  LEU   A CD1 1 
ATOM   953  C CD1 C LEU   A 1 79  ? -3.295  4.610   3.497   0.23 30.67  ? 88  LEU   A CD1 1 
ATOM   954  C CD1 D LEU   A 1 79  ? -3.295  4.610   3.497   0.23 30.67  ? 88  LEU   A CD1 1 
ATOM   955  C CD2 A LEU   A 1 79  ? -0.796  3.748   2.604   0.27 27.46  ? 88  LEU   A CD2 1 
ATOM   956  C CD2 B LEU   A 1 79  ? -0.796  3.748   2.603   0.27 27.46  ? 88  LEU   A CD2 1 
ATOM   957  C CD2 C LEU   A 1 79  ? -1.186  3.680   2.528   0.23 29.43  ? 88  LEU   A CD2 1 
ATOM   958  C CD2 D LEU   A 1 79  ? -1.186  3.680   2.528   0.23 29.43  ? 88  LEU   A CD2 1 
ATOM   959  N N   . VAL   A 1 80  ? 1.026   8.261   1.652   1.00 24.82  ? 89  VAL   A N   1 
ATOM   960  C CA  . VAL   A 1 80  ? 1.219   9.611   1.041   1.00 25.37  ? 89  VAL   A CA  1 
ATOM   961  C C   . VAL   A 1 80  ? 0.926   9.465   -0.456  1.00 25.62  ? 89  VAL   A C   1 
ATOM   962  O O   . VAL   A 1 80  ? 1.472   8.535   -1.081  1.00 25.98  ? 89  VAL   A O   1 
ATOM   963  C CB  . VAL   A 1 80  ? 2.645   10.118  1.285   1.00 27.39  ? 89  VAL   A CB  1 
ATOM   964  C CG1 . VAL   A 1 80  ? 2.944   11.393  0.523   1.00 30.22  ? 89  VAL   A CG1 1 
ATOM   965  C CG2 . VAL   A 1 80  ? 2.877   10.327  2.767   1.00 29.97  ? 89  VAL   A CG2 1 
ATOM   966  N N   . ALA   A 1 81  ? 0.036   10.266  -1.001  1.00 24.77  ? 90  ALA   A N   1 
ATOM   967  C CA  . ALA   A 1 81  ? -0.292  10.233  -2.443  1.00 24.41  ? 90  ALA   A CA  1 
ATOM   968  C C   . ALA   A 1 81  ? 0.544   11.285  -3.160  1.00 28.57  ? 90  ALA   A C   1 
ATOM   969  O O   . ALA   A 1 81  ? 0.988   12.303  -2.518  1.00 28.26  ? 90  ALA   A O   1 
ATOM   970  C CB  . ALA   A 1 81  ? -1.772  10.397  -2.684  1.00 24.28  ? 90  ALA   A CB  1 
ATOM   971  N N   . GLU   A 1 82  ? 0.779   11.084  -4.459  1.00 26.31  ? 91  GLU   A N   1 
ATOM   972  C CA  . GLU   A 1 82  ? 1.529   12.053  -5.280  1.00 24.97  ? 91  GLU   A CA  1 
ATOM   973  C C   . GLU   A 1 82  ? 0.828   12.214  -6.632  1.00 31.14  ? 91  GLU   A C   1 
ATOM   974  O O   . GLU   A 1 82  ? 0.484   11.172  -7.277  1.00 27.83  ? 91  GLU   A O   1 
ATOM   975  C CB  . GLU   A 1 82  ? 2.970   11.598  -5.462  1.00 26.37  ? 91  GLU   A CB  1 
ATOM   976  C CG  . GLU   A 1 82  ? 3.762   12.513  -6.395  1.00 25.89  ? 91  GLU   A CG  1 
ATOM   977  C CD  . GLU   A 1 82  ? 5.207   12.106  -6.582  1.00 27.90  ? 91  GLU   A CD  1 
ATOM   978  O OE1 . GLU   A 1 82  ? 5.867   11.833  -5.566  1.00 29.27  ? 91  GLU   A OE1 1 
ATOM   979  O OE2 . GLU   A 1 82  ? 5.663   12.058  -7.763  1.00 33.02  ? 91  GLU   A OE2 1 
ATOM   980  N N   . LEU   A 1 83  ? 0.644   13.456  -7.097  1.00 26.16  ? 92  LEU   A N   1 
ATOM   981  C CA  . LEU   A 1 83  ? 0.079   13.732  -8.439  1.00 25.93  ? 92  LEU   A CA  1 
ATOM   982  C C   . LEU   A 1 83  ? 0.821   14.952  -9.000  1.00 32.32  ? 92  LEU   A C   1 
ATOM   983  O O   . LEU   A 1 83  ? 0.821   15.987  -8.320  1.00 28.84  ? 92  LEU   A O   1 
ATOM   984  C CB  . LEU   A 1 83  ? -1.426  14.000  -8.366  1.00 29.31  ? 92  LEU   A CB  1 
ATOM   985  C CG  . LEU   A 1 83  ? -2.105  14.375  -9.700  1.00 30.43  ? 92  LEU   A CG  1 
ATOM   986  C CD1 . LEU   A 1 83  ? -1.897  13.292  -10.755 1.00 30.14  ? 92  LEU   A CD1 1 
ATOM   987  C CD2 . LEU   A 1 83  ? -3.589  14.639  -9.518  1.00 28.97  ? 92  LEU   A CD2 1 
ATOM   988  N N   . GLU   A 1 84  ? 1.432   14.817  -10.179 1.00 28.40  ? 93  GLU   A N   1 
ATOM   989  C CA  . GLU   A 1 84  ? 2.053   15.960  -10.917 1.00 33.89  ? 93  GLU   A CA  1 
ATOM   990  C C   . GLU   A 1 84  ? 3.008   16.681  -9.962  1.00 36.60  ? 93  GLU   A C   1 
ATOM   991  O O   . GLU   A 1 84  ? 3.013   17.963  -9.931  1.00 33.36  ? 93  GLU   A O   1 
ATOM   992  C CB  . GLU   A 1 84  ? 0.958   16.844  -11.517 1.00 42.94  ? 93  GLU   A CB  1 
ATOM   993  C CG  . GLU   A 1 84  ? 0.199   16.134  -12.631 1.00 46.00  ? 93  GLU   A CG  1 
ATOM   994  C CD  . GLU   A 1 84  ? -1.017  16.856  -13.185 1.00 58.62  ? 93  GLU   A CD  1 
ATOM   995  O OE1 . GLU   A 1 84  ? -1.654  17.635  -12.440 1.00 60.41  ? 93  GLU   A OE1 1 
ATOM   996  O OE2 . GLU   A 1 84  ? -1.334  16.618  -14.372 1.00 66.60  ? 93  GLU   A OE2 1 
ATOM   997  N N   . GLY   A 1 85  ? 3.801   15.887  -9.233  1.00 29.60  ? 94  GLY   A N   1 
ATOM   998  C CA  . GLY   A 1 85  ? 4.925   16.362  -8.420  1.00 31.38  ? 94  GLY   A CA  1 
ATOM   999  C C   . GLY   A 1 85  ? 4.512   16.956  -7.095  1.00 28.09  ? 94  GLY   A C   1 
ATOM   1000 O O   . GLY   A 1 85  ? 5.420   17.510  -6.424  1.00 32.37  ? 94  GLY   A O   1 
ATOM   1001 N N   . ILE   A 1 86  ? 3.230   16.897  -6.710  1.00 29.55  ? 95  ILE   A N   1 
ATOM   1002 C CA  . ILE   A 1 86  ? 2.749   17.431  -5.406  1.00 28.67  ? 95  ILE   A CA  1 
ATOM   1003 C C   . ILE   A 1 86  ? 2.351   16.214  -4.554  1.00 29.22  ? 95  ILE   A C   1 
ATOM   1004 O O   . ILE   A 1 86  ? 1.624   15.352  -5.077  1.00 29.90  ? 95  ILE   A O   1 
ATOM   1005 C CB  . ILE   A 1 86  ? 1.632   18.477  -5.582  1.00 35.97  ? 95  ILE   A CB  1 
ATOM   1006 C CG1 . ILE   A 1 86  ? 2.171   19.692  -6.352  1.00 36.26  ? 95  ILE   A CG1 1 
ATOM   1007 C CG2 . ILE   A 1 86  ? 1.046   18.886  -4.235  1.00 34.88  ? 95  ILE   A CG2 1 
ATOM   1008 C CD1 . ILE   A 1 86  ? 1.140   20.724  -6.702  1.00 37.13  ? 95  ILE   A CD1 1 
ATOM   1009 N N   . GLN   A 1 87  ? 2.832   16.156  -3.316  1.00 28.68  ? 96  GLN   A N   1 
ATOM   1010 C CA  . GLN   A 1 87  ? 2.536   15.080  -2.346  1.00 29.12  ? 96  GLN   A CA  1 
ATOM   1011 C C   . GLN   A 1 87  ? 1.497   15.556  -1.337  1.00 32.00  ? 96  GLN   A C   1 
ATOM   1012 O O   . GLN   A 1 87  ? 1.422   16.765  -0.967  1.00 32.95  ? 96  GLN   A O   1 
ATOM   1013 C CB  . GLN   A 1 87  ? 3.810   14.601  -1.688  1.00 29.79  ? 96  GLN   A CB  1 
ATOM   1014 C CG  . GLN   A 1 87  ? 4.694   13.870  -2.685  1.00 31.72  ? 96  GLN   A CG  1 
ATOM   1015 C CD  . GLN   A 1 87  ? 5.706   12.982  -2.033  1.00 35.98  ? 96  GLN   A CD  1 
ATOM   1016 O OE1 . GLN   A 1 87  ? 6.067   13.172  -0.866  1.00 36.92  ? 96  GLN   A OE1 1 
ATOM   1017 N NE2 . GLN   A 1 87  ? 6.170   11.993  -2.801  1.00 32.68  ? 96  GLN   A NE2 1 
ATOM   1018 N N   . TYR   A 1 88  ? 0.638   14.636  -0.974  1.00 31.94  ? 97  TYR   A N   1 
ATOM   1019 C CA  . TYR   A 1 88  ? -0.513  14.879  -0.082  1.00 31.68  ? 97  TYR   A CA  1 
ATOM   1020 C C   . TYR   A 1 88  ? -0.260  13.971  1.112   1.00 37.22  ? 97  TYR   A C   1 
ATOM   1021 O O   . TYR   A 1 88  ? -0.349  12.718  0.980   1.00 35.27  ? 97  TYR   A O   1 
ATOM   1022 C CB  . TYR   A 1 88  ? -1.821  14.677  -0.833  1.00 33.64  ? 97  TYR   A CB  1 
ATOM   1023 C CG  . TYR   A 1 88  ? -1.954  15.598  -2.016  1.00 33.73  ? 97  TYR   A CG  1 
ATOM   1024 C CD1 . TYR   A 1 88  ? -1.318  15.320  -3.203  1.00 29.90  ? 97  TYR   A CD1 1 
ATOM   1025 C CD2 . TYR   A 1 88  ? -2.617  16.806  -1.915  1.00 36.01  ? 97  TYR   A CD2 1 
ATOM   1026 C CE1 . TYR   A 1 88  ? -1.396  16.172  -4.289  1.00 31.35  ? 97  TYR   A CE1 1 
ATOM   1027 C CE2 . TYR   A 1 88  ? -2.696  17.679  -2.988  1.00 38.39  ? 97  TYR   A CE2 1 
ATOM   1028 C CZ  . TYR   A 1 88  ? -2.108  17.350  -4.197  1.00 37.16  ? 97  TYR   A CZ  1 
ATOM   1029 O OH  . TYR   A 1 88  ? -2.182  18.175  -5.283  1.00 41.00  ? 97  TYR   A OH  1 
ATOM   1030 N N   . GLY   A 1 89  ? 0.224   14.598  2.176   1.00 36.24  ? 98  GLY   A N   1 
ATOM   1031 C CA  . GLY   A 1 89  ? 0.902   13.901  3.272   1.00 39.37  ? 98  GLY   A CA  1 
ATOM   1032 C C   . GLY   A 1 89  ? 2.359   14.289  3.365   1.00 38.25  ? 98  GLY   A C   1 
ATOM   1033 O O   . GLY   A 1 89  ? 3.002   14.644  2.368   1.00 41.33  ? 98  GLY   A O   1 
ATOM   1034 N N   . ARG   A 1 90  ? 2.875   14.170  4.568   1.00 38.44  ? 99  ARG   A N   1 
ATOM   1035 C CA  . ARG   A 1 90  ? 4.264   14.463  4.920   1.00 39.04  ? 99  ARG   A CA  1 
ATOM   1036 C C   . ARG   A 1 90  ? 4.733   13.277  5.744   1.00 33.91  ? 99  ARG   A C   1 
ATOM   1037 O O   . ARG   A 1 90  ? 4.114   13.038  6.801   1.00 38.78  ? 99  ARG   A O   1 
ATOM   1038 C CB  . ARG   A 1 90  ? 4.189   15.770  5.716   1.00 41.66  ? 99  ARG   A CB  1 
ATOM   1039 C CG  . ARG   A 1 90  ? 5.460   16.156  6.416   1.00 37.31  ? 99  ARG   A CG  1 
ATOM   1040 C CD  . ARG   A 1 90  ? 5.344   17.570  6.981   1.00 30.41  ? 99  ARG   A CD  1 
ATOM   1041 N NE  . ARG   A 1 90  ? 6.687   17.998  6.821   1.00 30.91  ? 99  ARG   A NE  1 
ATOM   1042 C CZ  . ARG   A 1 90  ? 7.662   17.926  7.713   1.00 30.53  ? 99  ARG   A CZ  1 
ATOM   1043 N NH1 . ARG   A 1 90  ? 7.433   17.523  8.951   1.00 33.87  ? 99  ARG   A NH1 1 
ATOM   1044 N NH2 . ARG   A 1 90  ? 8.883   18.279  7.342   1.00 31.47  ? 99  ARG   A NH2 1 
ATOM   1045 N N   . SER   A 1 91  ? 5.758   12.545  5.321   1.00 34.45  ? 100 SER   A N   1 
ATOM   1046 C CA  . SER   A 1 91  ? 6.244   11.380  6.101   1.00 33.44  ? 100 SER   A CA  1 
ATOM   1047 C C   . SER   A 1 91  ? 7.721   11.114  5.800   1.00 39.19  ? 100 SER   A C   1 
ATOM   1048 O O   . SER   A 1 91  ? 8.413   12.035  5.277   1.00 41.55  ? 100 SER   A O   1 
ATOM   1049 C CB  . SER   A 1 91  ? 5.336   10.187  5.851   1.00 33.27  ? 100 SER   A CB  1 
ATOM   1050 O OG  . SER   A 1 91  ? 5.708   9.074   6.639   1.00 34.11  ? 100 SER   A OG  1 
ATOM   1051 N N   . GLY   A 1 92  ? 8.202   9.921   6.134   1.00 32.97  ? 101 GLY   A N   1 
ATOM   1052 C CA  . GLY   A 1 92  ? 9.625   9.550   6.012   1.00 31.75  ? 101 GLY   A CA  1 
ATOM   1053 C C   . GLY   A 1 92  ? 9.955   8.842   4.704   1.00 32.37  ? 101 GLY   A C   1 
ATOM   1054 O O   . GLY   A 1 92  ? 9.325   9.121   3.686   1.00 31.13  ? 101 GLY   A O   1 
ATOM   1055 N N   . GLU   A 1 93  ? 10.967  7.984   4.755   1.00 33.24  ? 102 GLU   A N   1 
ATOM   1056 C CA  . GLU   A 1 93  ? 11.553  7.267   3.595   1.00 39.23  ? 102 GLU   A CA  1 
ATOM   1057 C C   . GLU   A 1 93  ? 10.476  6.405   2.915   1.00 33.41  ? 102 GLU   A C   1 
ATOM   1058 O O   . GLU   A 1 93  ? 9.742   5.682   3.614   1.00 32.07  ? 102 GLU   A O   1 
ATOM   1059 C CB  . GLU   A 1 93  ? 12.704  6.385   4.069   1.00 40.39  ? 102 GLU   A CB  1 
ATOM   1060 C CG  . GLU   A 1 93  ? 13.640  5.945   2.962   1.00 48.97  ? 102 GLU   A CG  1 
ATOM   1061 C CD  . GLU   A 1 93  ? 14.680  4.945   3.432   1.00 57.43  ? 102 GLU   A CD  1 
ATOM   1062 O OE1 . GLU   A 1 93  ? 15.089  5.039   4.605   1.00 60.62  ? 102 GLU   A OE1 1 
ATOM   1063 O OE2 . GLU   A 1 93  ? 15.068  4.068   2.631   1.00 71.92  ? 102 GLU   A OE2 1 
ATOM   1064 N N   . THR   A 1 94  ? 10.426  6.423   1.592   1.00 35.84  ? 103 THR   A N   1 
ATOM   1065 C CA  . THR   A 1 94  ? 9.526   5.528   0.810   1.00 31.50  ? 103 THR   A CA  1 
ATOM   1066 C C   . THR   A 1 94  ? 9.960   4.061   0.956   1.00 31.49  ? 103 THR   A C   1 
ATOM   1067 O O   . THR   A 1 94  ? 11.133  3.754   0.716   1.00 38.16  ? 103 THR   A O   1 
ATOM   1068 C CB  . THR   A 1 94  ? 9.469   5.990   -0.649  1.00 36.53  ? 103 THR   A CB  1 
ATOM   1069 O OG1 . THR   A 1 94  ? 8.771   7.229   -0.651  1.00 35.37  ? 103 THR   A OG1 1 
ATOM   1070 C CG2 . THR   A 1 94  ? 8.752   5.009   -1.553  1.00 33.48  ? 103 THR   A CG2 1 
ATOM   1071 N N   . LEU   A 1 95  ? 9.053   3.171   1.334   1.00 27.91  ? 104 LEU   A N   1 
ATOM   1072 C CA  . LEU   A 1 95  ? 9.236   1.697   1.333   1.00 31.36  ? 104 LEU   A CA  1 
ATOM   1073 C C   . LEU   A 1 95  ? 8.789   1.139   -0.026  1.00 30.75  ? 104 LEU   A C   1 
ATOM   1074 O O   . LEU   A 1 95  ? 9.411   0.152   -0.479  1.00 33.87  ? 104 LEU   A O   1 
ATOM   1075 C CB  . LEU   A 1 95  ? 8.476   1.054   2.497   1.00 36.27  ? 104 LEU   A CB  1 
ATOM   1076 C CG  . LEU   A 1 95  ? 9.167   1.109   3.861   1.00 41.42  ? 104 LEU   A CG  1 
ATOM   1077 C CD1 . LEU   A 1 95  ? 8.999   2.476   4.498   1.00 43.27  ? 104 LEU   A CD1 1 
ATOM   1078 C CD2 . LEU   A 1 95  ? 8.609   0.039   4.783   1.00 45.06  ? 104 LEU   A CD2 1 
ATOM   1079 N N   . GLY   A 1 96  ? 7.840   1.795   -0.685  1.00 27.76  ? 105 GLY   A N   1 
ATOM   1080 C CA  . GLY   A 1 96  ? 7.451   1.430   -2.059  1.00 27.81  ? 105 GLY   A CA  1 
ATOM   1081 C C   . GLY   A 1 96  ? 6.168   2.079   -2.491  1.00 26.71  ? 105 GLY   A C   1 
ATOM   1082 O O   . GLY   A 1 96  ? 5.604   2.942   -1.757  1.00 26.22  ? 105 GLY   A O   1 
ATOM   1083 N N   . VAL   A 1 97  ? 5.669   1.687   -3.646  1.00 23.02  ? 106 VAL   A N   1 
ATOM   1084 C CA  . VAL   A 1 97  ? 4.403   2.227   -4.163  1.00 22.01  ? 106 VAL   A CA  1 
ATOM   1085 C C   . VAL   A 1 97  ? 3.371   1.103   -4.103  1.00 22.66  ? 106 VAL   A C   1 
ATOM   1086 O O   . VAL   A 1 97  ? 3.694   -0.027  -4.471  1.00 22.53  ? 106 VAL   A O   1 
ATOM   1087 C CB  . VAL   A 1 97  ? 4.551   2.829   -5.575  1.00 26.11  ? 106 VAL   A CB  1 
ATOM   1088 C CG1 . VAL   A 1 97  ? 5.287   1.931   -6.544  1.00 30.12  ? 106 VAL   A CG1 1 
ATOM   1089 C CG2 . VAL   A 1 97  ? 3.193   3.245   -6.157  1.00 25.30  ? 106 VAL   A CG2 1 
ATOM   1090 N N   A LEU   A 1 98  ? 2.176   1.419   -3.613  0.27 21.44  ? 107 LEU   A N   1 
ATOM   1091 N N   B LEU   A 1 98  ? 2.176   1.418   -3.612  0.27 21.45  ? 107 LEU   A N   1 
ATOM   1092 N N   C LEU   A 1 98  ? 2.168   1.412   -3.613  0.23 21.98  ? 107 LEU   A N   1 
ATOM   1093 N N   D LEU   A 1 98  ? 2.168   1.412   -3.613  0.23 21.98  ? 107 LEU   A N   1 
ATOM   1094 C CA  A LEU   A 1 98  ? 1.079   0.435   -3.498  0.27 21.19  ? 107 LEU   A CA  1 
ATOM   1095 C CA  B LEU   A 1 98  ? 1.079   0.435   -3.498  0.27 21.20  ? 107 LEU   A CA  1 
ATOM   1096 C CA  C LEU   A 1 98  ? 1.065   0.430   -3.461  0.23 22.01  ? 107 LEU   A CA  1 
ATOM   1097 C CA  D LEU   A 1 98  ? 1.065   0.430   -3.461  0.23 22.01  ? 107 LEU   A CA  1 
ATOM   1098 C C   A LEU   A 1 98  ? 0.410   0.301   -4.856  0.27 21.50  ? 107 LEU   A C   1 
ATOM   1099 C C   B LEU   A 1 98  ? 0.410   0.301   -4.856  0.27 21.50  ? 107 LEU   A C   1 
ATOM   1100 C C   C LEU   A 1 98  ? 0.301   0.319   -4.778  0.23 22.01  ? 107 LEU   A C   1 
ATOM   1101 C C   D LEU   A 1 98  ? 0.301   0.319   -4.778  0.23 22.01  ? 107 LEU   A C   1 
ATOM   1102 O O   A LEU   A 1 98  ? 0.373   1.299   -5.611  0.27 21.71  ? 107 LEU   A O   1 
ATOM   1103 O O   B LEU   A 1 98  ? 0.373   1.300   -5.611  0.27 21.69  ? 107 LEU   A O   1 
ATOM   1104 O O   C LEU   A 1 98  ? -0.003  1.370   -5.385  0.23 21.99  ? 107 LEU   A O   1 
ATOM   1105 O O   D LEU   A 1 98  ? -0.003  1.370   -5.385  0.23 21.99  ? 107 LEU   A O   1 
ATOM   1106 C CB  A LEU   A 1 98  ? 0.082   0.866   -2.423  0.27 21.39  ? 107 LEU   A CB  1 
ATOM   1107 C CB  B LEU   A 1 98  ? 0.082   0.866   -2.423  0.27 21.40  ? 107 LEU   A CB  1 
ATOM   1108 C CB  C LEU   A 1 98  ? 0.113   0.848   -2.338  0.23 22.63  ? 107 LEU   A CB  1 
ATOM   1109 C CB  D LEU   A 1 98  ? 0.113   0.848   -2.338  0.23 22.63  ? 107 LEU   A CB  1 
ATOM   1110 C CG  A LEU   A 1 98  ? 0.659   0.985   -1.018  0.27 23.62  ? 107 LEU   A CG  1 
ATOM   1111 C CG  B LEU   A 1 98  ? 0.659   0.985   -1.018  0.27 23.60  ? 107 LEU   A CG  1 
ATOM   1112 C CG  C LEU   A 1 98  ? 0.714   0.930   -0.939  0.23 25.02  ? 107 LEU   A CG  1 
ATOM   1113 C CG  D LEU   A 1 98  ? 0.714   0.930   -0.939  0.23 25.02  ? 107 LEU   A CG  1 
ATOM   1114 C CD1 A LEU   A 1 98  ? -0.453  1.232   -0.015  0.27 24.33  ? 107 LEU   A CD1 1 
ATOM   1115 C CD1 B LEU   A 1 98  ? -0.453  1.232   -0.014  0.27 24.32  ? 107 LEU   A CD1 1 
ATOM   1116 C CD1 C LEU   A 1 98  ? -0.334  1.431   0.043   0.23 25.67  ? 107 LEU   A CD1 1 
ATOM   1117 C CD1 D LEU   A 1 98  ? -0.334  1.431   0.043   0.23 25.67  ? 107 LEU   A CD1 1 
ATOM   1118 C CD2 A LEU   A 1 98  ? 1.475   -0.241  -0.647  0.27 21.66  ? 107 LEU   A CD2 1 
ATOM   1119 C CD2 B LEU   A 1 98  ? 1.474   -0.241  -0.646  0.27 21.67  ? 107 LEU   A CD2 1 
ATOM   1120 C CD2 C LEU   A 1 98  ? 1.281   -0.404  -0.489  0.23 24.15  ? 107 LEU   A CD2 1 
ATOM   1121 C CD2 D LEU   A 1 98  ? 1.281   -0.404  -0.489  0.23 24.15  ? 107 LEU   A CD2 1 
ATOM   1122 N N   . VAL   A 1 99  ? -0.058  -0.913  -5.148  1.00 20.96  ? 108 VAL   A N   1 
ATOM   1123 C CA  . VAL   A 1 99  ? -0.860  -1.201  -6.346  1.00 20.24  ? 108 VAL   A CA  1 
ATOM   1124 C C   . VAL   A 1 99  ? -1.878  -2.235  -5.910  1.00 20.21  ? 108 VAL   A C   1 
ATOM   1125 O O   . VAL   A 1 99  ? -1.651  -3.014  -4.987  1.00 20.60  ? 108 VAL   A O   1 
ATOM   1126 C CB  . VAL   A 1 99  ? 0.007   -1.726  -7.518  1.00 19.48  ? 108 VAL   A CB  1 
ATOM   1127 C CG1 . VAL   A 1 99  ? 0.928   -0.647  -8.085  1.00 21.26  ? 108 VAL   A CG1 1 
ATOM   1128 C CG2 . VAL   A 1 99  ? 0.801   -2.959  -7.150  1.00 20.15  ? 108 VAL   A CG2 1 
ATOM   1129 N N   . PRO   A 1 100 ? -2.968  -2.365  -6.664  1.00 18.84  ? 109 PRO   A N   1 
ATOM   1130 C CA  . PRO   A 1 100 ? -3.829  -3.528  -6.507  1.00 21.12  ? 109 PRO   A CA  1 
ATOM   1131 C C   . PRO   A 1 100 ? -3.039  -4.815  -6.747  1.00 20.03  ? 109 PRO   A C   1 
ATOM   1132 O O   . PRO   A 1 100 ? -2.154  -4.856  -7.609  1.00 21.11  ? 109 PRO   A O   1 
ATOM   1133 C CB  . PRO   A 1 100 ? -4.862  -3.363  -7.604  1.00 21.39  ? 109 PRO   A CB  1 
ATOM   1134 C CG  . PRO   A 1 100 ? -4.870  -1.869  -7.900  1.00 20.58  ? 109 PRO   A CG  1 
ATOM   1135 C CD  . PRO   A 1 100 ? -3.462  -1.417  -7.665  1.00 20.35  ? 109 PRO   A CD  1 
ATOM   1136 N N   . HIS   A 1 101 ? -3.375  -5.826  -5.959  1.00 21.24  ? 110 HIS   A N   1 
ATOM   1137 C CA  . HIS   A 1 101 ? -2.920  -7.218  -6.151  1.00 21.79  ? 110 HIS   A CA  1 
ATOM   1138 C C   . HIS   A 1 101 ? -4.087  -8.052  -6.686  1.00 22.31  ? 110 HIS   A C   1 
ATOM   1139 O O   . HIS   A 1 101 ? -5.092  -8.208  -5.980  1.00 22.85  ? 110 HIS   A O   1 
ATOM   1140 C CB  . HIS   A 1 101 ? -2.432  -7.774  -4.813  1.00 22.12  ? 110 HIS   A CB  1 
ATOM   1141 C CG  . HIS   A 1 101 ? -1.789  -9.110  -4.988  1.00 21.20  ? 110 HIS   A CG  1 
ATOM   1142 N ND1 . HIS   A 1 101 ? -1.957  -10.127 -4.070  1.00 26.49  ? 110 HIS   A ND1 1 
ATOM   1143 C CD2 . HIS   A 1 101 ? -0.940  -9.574  -5.923  1.00 19.20  ? 110 HIS   A CD2 1 
ATOM   1144 C CE1 . HIS   A 1 101 ? -1.248  -11.178 -4.475  1.00 29.18  ? 110 HIS   A CE1 1 
ATOM   1145 N NE2 . HIS   A 1 101 ? -0.590  -10.858 -5.586  1.00 21.37  ? 110 HIS   A NE2 1 
ATOM   1146 N N   . VAL   A 1 102 ? -3.890  -8.641  -7.838  1.00 20.98  ? 111 VAL   A N   1 
ATOM   1147 C CA  . VAL   A 1 102 ? -4.914  -9.482  -8.500  1.00 22.81  ? 111 VAL   A CA  1 
ATOM   1148 C C   . VAL   A 1 102 ? -4.354  -10.883 -8.764  1.00 25.81  ? 111 VAL   A C   1 
ATOM   1149 O O   . VAL   A 1 102 ? -4.915  -11.603 -9.645  1.00 30.92  ? 111 VAL   A O   1 
ATOM   1150 C CB  . VAL   A 1 102 ? -5.454  -8.797  -9.767  1.00 23.34  ? 111 VAL   A CB  1 
ATOM   1151 C CG1 . VAL   A 1 102 ? -6.165  -7.494  -9.443  1.00 25.88  ? 111 VAL   A CG1 1 
ATOM   1152 C CG2 . VAL   A 1 102 ? -4.407  -8.537  -10.813 1.00 25.27  ? 111 VAL   A CG2 1 
ATOM   1153 N N   . GLY   A 1 103 ? -3.399  -11.327 -7.958  1.00 23.25  ? 112 GLY   A N   1 
ATOM   1154 C CA  . GLY   A 1 103 ? -2.909  -12.718 -8.035  1.00 24.36  ? 112 GLY   A CA  1 
ATOM   1155 C C   . GLY   A 1 103 ? -1.534  -12.852 -8.609  1.00 25.73  ? 112 GLY   A C   1 
ATOM   1156 O O   . GLY   A 1 103 ? -1.083  -13.993 -8.705  1.00 24.67  ? 112 GLY   A O   1 
ATOM   1157 N N   . GLU   A 1 104 ? -0.849  -11.747 -8.916  1.00 21.61  ? 113 GLU   A N   1 
ATOM   1158 C CA  . GLU   A 1 104 ? 0.571   -11.772 -9.309  1.00 22.45  ? 113 GLU   A CA  1 
ATOM   1159 C C   . GLU   A 1 104 ? 1.403   -12.512 -8.246  1.00 22.75  ? 113 GLU   A C   1 
ATOM   1160 O O   . GLU   A 1 104 ? 1.145   -12.422 -7.053  1.00 22.51  ? 113 GLU   A O   1 
ATOM   1161 C CB  . GLU   A 1 104 ? 1.137   -10.368 -9.511  1.00 21.57  ? 113 GLU   A CB  1 
ATOM   1162 C CG  . GLU   A 1 104 ? 0.418   -9.563  -10.602 1.00 20.40  ? 113 GLU   A CG  1 
ATOM   1163 C CD  . GLU   A 1 104 ? -0.706  -8.686  -10.105 1.00 22.17  ? 113 GLU   A CD  1 
ATOM   1164 O OE1 . GLU   A 1 104 ? -1.340  -9.022  -9.096  1.00 20.91  ? 113 GLU   A OE1 1 
ATOM   1165 O OE2 . GLU   A 1 104 ? -0.944  -7.668  -10.761 1.00 20.96  ? 113 GLU   A OE2 1 
ATOM   1166 N N   . ILE   A 1 105 ? 2.421   -13.241 -8.681  1.00 23.33  ? 114 ILE   A N   1 
ATOM   1167 C CA  . ILE   A 1 105 ? 3.338   -13.953 -7.753  1.00 21.22  ? 114 ILE   A CA  1 
ATOM   1168 C C   . ILE   A 1 105 ? 4.370   -12.970 -7.230  1.00 22.16  ? 114 ILE   A C   1 
ATOM   1169 O O   . ILE   A 1 105 ? 5.093   -12.324 -8.014  1.00 24.83  ? 114 ILE   A O   1 
ATOM   1170 C CB  . ILE   A 1 105 ? 4.016   -15.129 -8.483  1.00 24.74  ? 114 ILE   A CB  1 
ATOM   1171 C CG1 . ILE   A 1 105 ? 2.966   -16.041 -9.129  1.00 25.01  ? 114 ILE   A CG1 1 
ATOM   1172 C CG2 . ILE   A 1 105 ? 4.985   -15.831 -7.552  1.00 24.88  ? 114 ILE   A CG2 1 
ATOM   1173 C CD1 . ILE   A 1 105 ? 1.990   -16.608 -8.198  1.00 25.58  ? 114 ILE   A CD1 1 
ATOM   1174 N N   . PRO   A 1 106 ? 4.485   -12.801 -5.898  1.00 22.35  ? 115 PRO   A N   1 
ATOM   1175 C CA  . PRO   A 1 106 ? 5.461   -11.875 -5.335  1.00 21.83  ? 115 PRO   A CA  1 
ATOM   1176 C C   . PRO   A 1 106 ? 6.871   -12.458 -5.311  1.00 23.12  ? 115 PRO   A C   1 
ATOM   1177 O O   . PRO   A 1 106 ? 7.044   -13.655 -5.511  1.00 23.66  ? 115 PRO   A O   1 
ATOM   1178 C CB  . PRO   A 1 106 ? 4.928   -11.626 -3.938  1.00 23.86  ? 115 PRO   A CB  1 
ATOM   1179 C CG  . PRO   A 1 106 ? 4.352   -12.973 -3.577  1.00 22.29  ? 115 PRO   A CG  1 
ATOM   1180 C CD  . PRO   A 1 106 ? 3.687   -13.450 -4.848  1.00 24.28  ? 115 PRO   A CD  1 
ATOM   1181 N N   . VAL   A 1 107 ? 7.846   -11.574 -5.120  1.00 22.90  ? 116 VAL   A N   1 
ATOM   1182 C CA  . VAL   A 1 107 ? 9.280   -11.943 -4.941  1.00 23.85  ? 116 VAL   A CA  1 
ATOM   1183 C C   . VAL   A 1 107 ? 9.664   -11.928 -3.473  1.00 24.87  ? 116 VAL   A C   1 
ATOM   1184 O O   . VAL   A 1 107 ? 10.731  -12.487 -3.133  1.00 25.05  ? 116 VAL   A O   1 
ATOM   1185 C CB  . VAL   A 1 107 ? 10.167  -10.974 -5.731  1.00 24.50  ? 116 VAL   A CB  1 
ATOM   1186 C CG1 . VAL   A 1 107 ? 9.841   -11.109 -7.211  1.00 26.61  ? 116 VAL   A CG1 1 
ATOM   1187 C CG2 . VAL   A 1 107 ? 10.074  -9.570  -5.208  1.00 24.51  ? 116 VAL   A CG2 1 
ATOM   1188 N N   . ALA   A 1 108 ? 8.820   -11.357 -2.607  1.00 23.91  ? 117 ALA   A N   1 
ATOM   1189 C CA  . ALA   A 1 108 ? 9.074   -11.235 -1.164  1.00 25.40  ? 117 ALA   A CA  1 
ATOM   1190 C C   . ALA   A 1 108 ? 7.787   -10.723 -0.512  1.00 26.90  ? 117 ALA   A C   1 
ATOM   1191 O O   . ALA   A 1 108 ? 6.831   -10.364 -1.231  1.00 22.73  ? 117 ALA   A O   1 
ATOM   1192 C CB  . ALA   A 1 108 ? 10.208  -10.279 -0.909  1.00 28.08  ? 117 ALA   A CB  1 
ATOM   1193 N N   . TYR   A 1 109 ? 7.810   -10.644 0.809   1.00 25.37  ? 118 TYR   A N   1 
ATOM   1194 C CA  . TYR   A 1 109 ? 6.739   -10.035 1.630   1.00 27.87  ? 118 TYR   A CA  1 
ATOM   1195 C C   . TYR   A 1 109 ? 7.402   -8.965  2.459   1.00 31.31  ? 118 TYR   A C   1 
ATOM   1196 O O   . TYR   A 1 109 ? 8.572   -9.207  2.888   1.00 36.30  ? 118 TYR   A O   1 
ATOM   1197 C CB  . TYR   A 1 109 ? 6.029   -11.102 2.459   1.00 26.58  ? 118 TYR   A CB  1 
ATOM   1198 C CG  . TYR   A 1 109 ? 5.099   -11.943 1.653   1.00 26.68  ? 118 TYR   A CG  1 
ATOM   1199 C CD1 . TYR   A 1 109 ? 3.792   -11.556 1.419   1.00 26.44  ? 118 TYR   A CD1 1 
ATOM   1200 C CD2 . TYR   A 1 109 ? 5.543   -13.082 1.026   1.00 26.50  ? 118 TYR   A CD2 1 
ATOM   1201 C CE1 . TYR   A 1 109 ? 2.924   -12.301 0.655   1.00 25.88  ? 118 TYR   A CE1 1 
ATOM   1202 C CE2 . TYR   A 1 109 ? 4.693   -13.824 0.242   1.00 26.63  ? 118 TYR   A CE2 1 
ATOM   1203 C CZ  . TYR   A 1 109 ? 3.395   -13.453 0.051   1.00 25.37  ? 118 TYR   A CZ  1 
ATOM   1204 O OH  . TYR   A 1 109 ? 2.560   -14.228 -0.706  1.00 33.16  ? 118 TYR   A OH  1 
ATOM   1205 N N   . ARG   A 1 110 ? 6.740   -7.824  2.625   1.00 29.55  ? 119 ARG   A N   1 
ATOM   1206 C CA  . ARG   A 1 110 ? 7.185   -6.677  3.437   1.00 34.56  ? 119 ARG   A CA  1 
ATOM   1207 C C   . ARG   A 1 110 ? 6.212   -6.545  4.609   1.00 32.79  ? 119 ARG   A C   1 
ATOM   1208 O O   . ARG   A 1 110 ? 5.031   -6.234  4.372   1.00 28.82  ? 119 ARG   A O   1 
ATOM   1209 C CB  . ARG   A 1 110 ? 7.208   -5.412  2.576   1.00 37.27  ? 119 ARG   A CB  1 
ATOM   1210 C CG  . ARG   A 1 110 ? 7.962   -4.244  3.192   1.00 43.66  ? 119 ARG   A CG  1 
ATOM   1211 C CD  . ARG   A 1 110 ? 9.470   -4.400  3.079   1.00 46.01  ? 119 ARG   A CD  1 
ATOM   1212 N NE  . ARG   A 1 110 ? 10.184  -3.731  4.161   1.00 49.99  ? 119 ARG   A NE  1 
ATOM   1213 C CZ  . ARG   A 1 110 ? 10.917  -2.624  4.056   1.00 51.14  ? 119 ARG   A CZ  1 
ATOM   1214 N NH1 . ARG   A 1 110 ? 11.056  -2.001  2.902   1.00 52.75  ? 119 ARG   A NH1 1 
ATOM   1215 N NH2 . ARG   A 1 110 ? 11.500  -2.128  5.132   1.00 56.01  ? 119 ARG   A NH2 1 
ATOM   1216 N N   . LYS   A 1 111 ? 6.686   -6.765  5.834   1.00 34.23  ? 120 LYS   A N   1 
ATOM   1217 C CA  . LYS   A 1 111 ? 5.859   -6.624  7.063   1.00 34.71  ? 120 LYS   A CA  1 
ATOM   1218 C C   . LYS   A 1 111 ? 5.803   -5.149  7.434   1.00 31.40  ? 120 LYS   A C   1 
ATOM   1219 O O   . LYS   A 1 111 ? 6.858   -4.516  7.556   1.00 35.45  ? 120 LYS   A O   1 
ATOM   1220 C CB  . LYS   A 1 111 ? 6.456   -7.427  8.226   1.00 34.90  ? 120 LYS   A CB  1 
ATOM   1221 C CG  . LYS   A 1 111 ? 6.506   -8.922  7.979   1.00 44.71  ? 120 LYS   A CG  1 
ATOM   1222 C CD  . LYS   A 1 111 ? 6.873   -9.740  9.194   1.00 48.31  ? 120 LYS   A CD  1 
ATOM   1223 C CE  . LYS   A 1 111 ? 8.355   -9.684  9.486   1.00 57.85  ? 120 LYS   A CE  1 
ATOM   1224 N NZ  . LYS   A 1 111 ? 8.666   -10.197 10.843  1.00 59.83  ? 120 LYS   A NZ  1 
ATOM   1225 N N   . VAL   A 1 112 ? 4.598   -4.613  7.588   1.00 28.00  ? 121 VAL   A N   1 
ATOM   1226 C CA  . VAL   A 1 112 ? 4.429   -3.192  7.987   1.00 28.51  ? 121 VAL   A CA  1 
ATOM   1227 C C   . VAL   A 1 112 ? 3.370   -3.101  9.074   1.00 27.62  ? 121 VAL   A C   1 
ATOM   1228 O O   . VAL   A 1 112 ? 2.504   -3.989  9.204   1.00 29.09  ? 121 VAL   A O   1 
ATOM   1229 C CB  . VAL   A 1 112 ? 4.113   -2.270  6.792   1.00 29.79  ? 121 VAL   A CB  1 
ATOM   1230 C CG1 . VAL   A 1 112 ? 5.149   -2.395  5.702   1.00 32.80  ? 121 VAL   A CG1 1 
ATOM   1231 C CG2 . VAL   A 1 112 ? 2.723   -2.524  6.225   1.00 30.77  ? 121 VAL   A CG2 1 
ATOM   1232 N N   . LEU   A 1 113 ? 3.483   -2.051  9.880   1.00 28.82  ? 122 LEU   A N   1 
ATOM   1233 C CA  . LEU   A 1 113 ? 2.444   -1.645  10.854  1.00 28.47  ? 122 LEU   A CA  1 
ATOM   1234 C C   . LEU   A 1 113 ? 1.877   -0.376  10.250  1.00 29.96  ? 122 LEU   A C   1 
ATOM   1235 O O   . LEU   A 1 113 ? 2.553   0.659   10.282  1.00 28.23  ? 122 LEU   A O   1 
ATOM   1236 C CB  . LEU   A 1 113 ? 3.118   -1.400  12.212  1.00 31.17  ? 122 LEU   A CB  1 
ATOM   1237 C CG  . LEU   A 1 113 ? 2.199   -1.203  13.414  1.00 34.55  ? 122 LEU   A CG  1 
ATOM   1238 C CD1 . LEU   A 1 113 ? 1.164   -2.306  13.526  1.00 34.57  ? 122 LEU   A CD1 1 
ATOM   1239 C CD2 . LEU   A 1 113 ? 3.028   -1.155  14.700  1.00 39.51  ? 122 LEU   A CD2 1 
ATOM   1240 N N   A LEU   A 1 114 ? 0.676   -0.462  9.670   0.27 27.94  ? 123 LEU   A N   1 
ATOM   1241 N N   B LEU   A 1 114 ? 0.676   -0.462  9.670   0.27 27.97  ? 123 LEU   A N   1 
ATOM   1242 N N   C LEU   A 1 114 ? 0.691   -0.471  9.652   0.23 28.41  ? 123 LEU   A N   1 
ATOM   1243 N N   D LEU   A 1 114 ? 0.691   -0.471  9.652   0.23 28.41  ? 123 LEU   A N   1 
ATOM   1244 C CA  A LEU   A 1 114 ? 0.036   0.650   8.917   0.27 29.76  ? 123 LEU   A CA  1 
ATOM   1245 C CA  B LEU   A 1 114 ? 0.036   0.650   8.917   0.27 29.78  ? 123 LEU   A CA  1 
ATOM   1246 C CA  C LEU   A 1 114 ? 0.070   0.666   8.933   0.23 30.13  ? 123 LEU   A CA  1 
ATOM   1247 C CA  D LEU   A 1 114 ? 0.070   0.666   8.933   0.23 30.13  ? 123 LEU   A CA  1 
ATOM   1248 C C   A LEU   A 1 114 ? -0.719  1.560   9.886   0.27 30.65  ? 123 LEU   A C   1 
ATOM   1249 C C   B LEU   A 1 114 ? -0.719  1.561   9.887   0.27 30.66  ? 123 LEU   A C   1 
ATOM   1250 C C   C LEU   A 1 114 ? -0.671  1.547   9.937   0.23 30.95  ? 123 LEU   A C   1 
ATOM   1251 C C   D LEU   A 1 114 ? -0.671  1.547   9.937   0.23 30.95  ? 123 LEU   A C   1 
ATOM   1252 O O   A LEU   A 1 114 ? -1.699  1.085   10.492  0.27 30.76  ? 123 LEU   A O   1 
ATOM   1253 O O   B LEU   A 1 114 ? -1.698  1.086   10.493  0.27 30.76  ? 123 LEU   A O   1 
ATOM   1254 O O   C LEU   A 1 114 ? -1.557  1.030   10.637  0.23 30.90  ? 123 LEU   A O   1 
ATOM   1255 O O   D LEU   A 1 114 ? -1.557  1.030   10.637  0.23 30.90  ? 123 LEU   A O   1 
ATOM   1256 C CB  A LEU   A 1 114 ? -0.928  0.087   7.866   0.27 30.93  ? 123 LEU   A CB  1 
ATOM   1257 C CB  B LEU   A 1 114 ? -0.928  0.087   7.866   0.27 30.94  ? 123 LEU   A CB  1 
ATOM   1258 C CB  C LEU   A 1 114 ? -0.890  0.159   7.855   0.23 31.43  ? 123 LEU   A CB  1 
ATOM   1259 C CB  D LEU   A 1 114 ? -0.890  0.159   7.855   0.23 31.43  ? 123 LEU   A CB  1 
ATOM   1260 C CG  A LEU   A 1 114 ? -1.847  1.120   7.212   0.27 32.48  ? 123 LEU   A CG  1 
ATOM   1261 C CG  B LEU   A 1 114 ? -1.847  1.120   7.212   0.27 32.48  ? 123 LEU   A CG  1 
ATOM   1262 C CG  C LEU   A 1 114 ? -1.729  1.256   7.205   0.23 32.84  ? 123 LEU   A CG  1 
ATOM   1263 C CG  D LEU   A 1 114 ? -1.729  1.256   7.205   0.23 32.84  ? 123 LEU   A CG  1 
ATOM   1264 C CD1 A LEU   A 1 114 ? -1.056  2.076   6.331   0.27 33.49  ? 123 LEU   A CD1 1 
ATOM   1265 C CD1 B LEU   A 1 114 ? -1.056  2.076   6.331   0.27 33.48  ? 123 LEU   A CD1 1 
ATOM   1266 C CD1 C LEU   A 1 114 ? -0.872  2.133   6.304   0.23 33.65  ? 123 LEU   A CD1 1 
ATOM   1267 C CD1 D LEU   A 1 114 ? -0.872  2.133   6.304   0.23 33.65  ? 123 LEU   A CD1 1 
ATOM   1268 C CD2 A LEU   A 1 114 ? -2.951  0.441   6.419   0.27 32.86  ? 123 LEU   A CD2 1 
ATOM   1269 C CD2 B LEU   A 1 114 ? -2.950  0.441   6.419   0.27 32.85  ? 123 LEU   A CD2 1 
ATOM   1270 C CD2 C LEU   A 1 114 ? -2.895  0.658   6.440   0.23 33.38  ? 123 LEU   A CD2 1 
ATOM   1271 C CD2 D LEU   A 1 114 ? -2.895  0.658   6.440   0.23 33.38  ? 123 LEU   A CD2 1 
ATOM   1272 N N   . ARG   A 1 115 ? -0.302  2.827   9.986   1.00 31.57  ? 124 ARG   A N   1 
ATOM   1273 C CA  . ARG   A 1 115 ? -1.084  3.851   10.686  1.00 36.01  ? 124 ARG   A CA  1 
ATOM   1274 C C   . ARG   A 1 115 ? -2.300  4.061   9.796   1.00 41.40  ? 124 ARG   A C   1 
ATOM   1275 O O   . ARG   A 1 115 ? -2.158  4.630   8.695   1.00 48.73  ? 124 ARG   A O   1 
ATOM   1276 C CB  . ARG   A 1 115 ? -0.293  5.132   10.918  1.00 40.48  ? 124 ARG   A CB  1 
ATOM   1277 C CG  . ARG   A 1 115 ? -1.118  6.206   11.605  1.00 49.71  ? 124 ARG   A CG  1 
ATOM   1278 C CD  . ARG   A 1 115 ? -0.351  7.523   11.626  1.00 58.54  ? 124 ARG   A CD  1 
ATOM   1279 N NE  . ARG   A 1 115 ? 0.833   7.396   12.466  1.00 65.67  ? 124 ARG   A NE  1 
ATOM   1280 C CZ  . ARG   A 1 115 ? 1.814   8.297   12.574  1.00 73.57  ? 124 ARG   A CZ  1 
ATOM   1281 N NH1 . ARG   A 1 115 ? 1.779   9.418   11.868  1.00 68.33  ? 124 ARG   A NH1 1 
ATOM   1282 N NH2 . ARG   A 1 115 ? 2.827   8.067   13.400  1.00 65.89  ? 124 ARG   A NH2 1 
ATOM   1283 N N   A LYS   A 1 116 ? -3.457  3.580   10.275  0.27 43.24  ? 125 LYS   A N   1 
ATOM   1284 N N   B LYS   A 1 116 ? -3.457  3.580   10.275  0.27 43.25  ? 125 LYS   A N   1 
ATOM   1285 N N   C LYS   A 1 116 ? -4.233  3.913   10.549  0.23 44.08  ? 125 LYS   A N   1 
ATOM   1286 N N   D LYS   A 1 116 ? -4.233  3.913   10.549  0.23 44.08  ? 125 LYS   A N   1 
ATOM   1287 C CA  A LYS   A 1 116 ? -4.779  3.578   9.602   0.27 45.88  ? 125 LYS   A CA  1 
ATOM   1288 C CA  B LYS   A 1 116 ? -4.779  3.578   9.602   0.27 45.86  ? 125 LYS   A CA  1 
ATOM   1289 C CA  C LYS   A 1 116 ? -5.319  3.805   9.533   0.23 44.34  ? 125 LYS   A CA  1 
ATOM   1290 C CA  D LYS   A 1 116 ? -5.319  3.805   9.533   0.23 44.33  ? 125 LYS   A CA  1 
ATOM   1291 C C   A LYS   A 1 116 ? -5.573  4.814   10.049  0.27 48.45  ? 125 LYS   A C   1 
ATOM   1292 C C   B LYS   A 1 116 ? -5.573  4.813   10.049  0.27 48.41  ? 125 LYS   A C   1 
ATOM   1293 C C   C LYS   A 1 116 ? -6.575  4.500   10.084  0.23 45.80  ? 125 LYS   A C   1 
ATOM   1294 C C   D LYS   A 1 116 ? -6.575  4.500   10.084  0.23 45.80  ? 125 LYS   A C   1 
ATOM   1295 O O   A LYS   A 1 116 ? -5.599  5.151   11.245  0.27 47.31  ? 125 LYS   A O   1 
ATOM   1296 O O   B LYS   A 1 116 ? -5.603  5.147   11.246  0.27 47.29  ? 125 LYS   A O   1 
ATOM   1297 O O   C LYS   A 1 116 ? -7.124  5.426   9.435   0.23 43.41  ? 125 LYS   A O   1 
ATOM   1298 O O   D LYS   A 1 116 ? -7.124  5.426   9.435   0.23 43.41  ? 125 LYS   A O   1 
ATOM   1299 C CB  A LYS   A 1 116 ? -5.520  2.296   9.922   0.27 45.41  ? 125 LYS   A CB  1 
ATOM   1300 C CB  B LYS   A 1 116 ? -5.520  2.295   9.922   0.27 45.40  ? 125 LYS   A CB  1 
ATOM   1301 C CB  C LYS   A 1 116 ? -5.588  2.338   9.172   0.23 43.56  ? 125 LYS   A CB  1 
ATOM   1302 C CB  D LYS   A 1 116 ? -5.588  2.338   9.172   0.23 43.56  ? 125 LYS   A CB  1 
ATOM   1303 C CG  C LYS   A 1 116 ? -5.466  1.335   10.312  0.23 40.82  ? 125 LYS   A CG  1 
ATOM   1304 C CG  D LYS   A 1 116 ? -5.466  1.335   10.312  0.23 40.82  ? 125 LYS   A CG  1 
ATOM   1305 C CD  C LYS   A 1 116 ? -6.783  0.858   10.866  0.23 39.11  ? 125 LYS   A CD  1 
ATOM   1306 C CD  D LYS   A 1 116 ? -6.783  0.858   10.866  0.23 39.11  ? 125 LYS   A CD  1 
ATOM   1307 C CE  C LYS   A 1 116 ? -6.755  -0.615  11.201  0.23 38.70  ? 125 LYS   A CE  1 
ATOM   1308 C CE  D LYS   A 1 116 ? -6.755  -0.615  11.201  0.23 38.70  ? 125 LYS   A CE  1 
ATOM   1309 N NZ  C LYS   A 1 116 ? -7.556  -0.922  12.408  0.23 40.37  ? 125 LYS   A NZ  1 
ATOM   1310 N NZ  D LYS   A 1 116 ? -7.556  -0.922  12.408  0.23 40.37  ? 125 LYS   A NZ  1 
HETATM 1311 C C10 C A1CS1 B 2 .   ? -6.770  0.347   6.297   0.23 30.34  ? 201 A1CS1 A C10 1 
HETATM 1312 C C10 D A1CS1 B 2 .   ? -6.770  0.347   6.297   0.23 30.34  ? 201 A1CS1 A C10 1 
HETATM 1313 C C13 C A1CS1 B 2 .   ? -8.564  -0.867  8.023   0.23 31.43  ? 201 A1CS1 A C13 1 
HETATM 1314 C C13 D A1CS1 B 2 .   ? -8.564  -0.867  8.023   0.23 31.43  ? 201 A1CS1 A C13 1 
HETATM 1315 O O01 C A1CS1 B 2 .   ? -5.573  -3.722  6.473   0.23 38.46  ? 201 A1CS1 A O01 1 
HETATM 1316 O O01 D A1CS1 B 2 .   ? -5.573  -3.722  6.473   0.23 38.46  ? 201 A1CS1 A O01 1 
HETATM 1317 C C02 C A1CS1 B 2 .   ? -6.281  -4.083  7.399   0.23 38.30  ? 201 A1CS1 A C02 1 
HETATM 1318 C C02 D A1CS1 B 2 .   ? -6.281  -4.083  7.399   0.23 38.30  ? 201 A1CS1 A C02 1 
HETATM 1319 N N03 C A1CS1 B 2 .   ? -6.171  -5.419  7.872   0.23 39.04  ? 201 A1CS1 A N03 1 
HETATM 1320 N N03 D A1CS1 B 2 .   ? -6.171  -5.419  7.872   0.23 39.04  ? 201 A1CS1 A N03 1 
HETATM 1321 C C04 C A1CS1 B 2 .   ? -6.969  -5.944  8.985   0.23 39.50  ? 201 A1CS1 A C04 1 
HETATM 1322 C C04 D A1CS1 B 2 .   ? -6.969  -5.944  8.985   0.23 39.50  ? 201 A1CS1 A C04 1 
HETATM 1323 C C05 C A1CS1 B 2 .   ? -8.174  -5.045  9.301   0.23 38.45  ? 201 A1CS1 A C05 1 
HETATM 1324 C C05 D A1CS1 B 2 .   ? -8.174  -5.045  9.301   0.23 38.45  ? 201 A1CS1 A C05 1 
HETATM 1325 N N06 C A1CS1 B 2 .   ? -7.851  -3.575  9.123   0.23 39.45  ? 201 A1CS1 A N06 1 
HETATM 1326 N N06 D A1CS1 B 2 .   ? -7.851  -3.575  9.123   0.23 39.45  ? 201 A1CS1 A N06 1 
HETATM 1327 C C07 C A1CS1 B 2 .   ? -7.308  -3.150  8.095   0.23 36.38  ? 201 A1CS1 A C07 1 
HETATM 1328 C C07 D A1CS1 B 2 .   ? -7.308  -3.150  8.095   0.23 36.38  ? 201 A1CS1 A C07 1 
HETATM 1329 C C08 C A1CS1 B 2 .   ? -7.472  -1.659  7.599   0.23 32.43  ? 201 A1CS1 A C08 1 
HETATM 1330 C C08 D A1CS1 B 2 .   ? -7.472  -1.659  7.599   0.23 32.43  ? 201 A1CS1 A C08 1 
HETATM 1331 C C09 C A1CS1 B 2 .   ? -6.590  -0.986  6.717   0.23 32.30  ? 201 A1CS1 A C09 1 
HETATM 1332 C C09 D A1CS1 B 2 .   ? -6.590  -0.986  6.717   0.23 32.30  ? 201 A1CS1 A C09 1 
HETATM 1333 C C11 C A1CS1 B 2 .   ? -7.866  1.102   6.748   0.23 31.21  ? 201 A1CS1 A C11 1 
HETATM 1334 C C11 D A1CS1 B 2 .   ? -7.866  1.102   6.748   0.23 31.21  ? 201 A1CS1 A C11 1 
HETATM 1335 C C12 C A1CS1 B 2 .   ? -8.771  0.468   7.620   0.23 31.21  ? 201 A1CS1 A C12 1 
HETATM 1336 C C12 D A1CS1 B 2 .   ? -8.771  0.468   7.620   0.23 31.21  ? 201 A1CS1 A C12 1 
HETATM 1337 O O14 C A1CS1 B 2 .   ? -8.050  2.401   6.358   0.23 26.38  ? 201 A1CS1 A O14 1 
HETATM 1338 O O14 D A1CS1 B 2 .   ? -8.050  2.401   6.358   0.23 26.38  ? 201 A1CS1 A O14 1 
HETATM 1339 O O   . HOH   C 3 .   ? 0.645   -13.368 -0.956  0.50 46.19  ? 301 HOH   A O   1 
HETATM 1340 O O   . HOH   C 3 .   ? 10.242  -2.373  0.799   1.00 40.96  ? 302 HOH   A O   1 
HETATM 1341 O O   . HOH   C 3 .   ? -4.791  3.685   -12.282 1.00 39.71  ? 303 HOH   A O   1 
HETATM 1342 O O   A HOH   C 3 .   ? -4.938  5.058   6.752   0.27 37.66  ? 304 HOH   A O   1 
HETATM 1343 O O   B HOH   C 3 .   ? -4.941  5.057   6.751   0.27 37.65  ? 304 HOH   A O   1 
HETATM 1344 O O   . HOH   C 3 .   ? -1.438  17.542  -7.539  1.00 34.85  ? 305 HOH   A O   1 
HETATM 1345 O O   . HOH   C 3 .   ? 10.931  -2.734  -7.963  1.00 36.64  ? 306 HOH   A O   1 
HETATM 1346 O O   . HOH   C 3 .   ? 7.706   11.469  -9.059  1.00 50.19  ? 307 HOH   A O   1 
HETATM 1347 O O   . HOH   C 3 .   ? 11.682  7.672   12.849  0.50 65.23  ? 308 HOH   A O   1 
HETATM 1348 O O   . HOH   C 3 .   ? 9.346   -4.823  7.218   1.00 45.59  ? 309 HOH   A O   1 
HETATM 1349 O O   . HOH   C 3 .   ? 3.518   -4.757  20.992  1.00 52.85  ? 310 HOH   A O   1 
HETATM 1350 O O   . HOH   C 3 .   ? -0.168  -11.238 2.716   1.00 56.15  ? 311 HOH   A O   1 
HETATM 1351 O O   . HOH   C 3 .   ? 6.071   14.894  1.062   1.00 37.49  ? 312 HOH   A O   1 
HETATM 1352 O O   . HOH   C 3 .   ? 5.902   -2.233  -17.849 1.00 43.35  ? 313 HOH   A O   1 
HETATM 1353 O O   . HOH   C 3 .   ? 3.613   7.528   -14.343 1.00 35.21  ? 314 HOH   A O   1 
HETATM 1354 O O   . HOH   C 3 .   ? 10.415  -8.695  -14.174 1.00 36.97  ? 315 HOH   A O   1 
HETATM 1355 O O   C HOH   C 3 .   ? -10.108 3.704   7.296   0.23 38.66  ? 316 HOH   A O   1 
HETATM 1356 O O   D HOH   C 3 .   ? -10.108 3.704   7.296   0.23 38.66  ? 316 HOH   A O   1 
HETATM 1357 O O   . HOH   C 3 .   ? 8.231   10.803  -6.046  1.00 46.18  ? 317 HOH   A O   1 
HETATM 1358 O O   . HOH   C 3 .   ? 0.177   10.273  5.809   1.00 53.07  ? 318 HOH   A O   1 
HETATM 1359 O O   . HOH   C 3 .   ? 4.550   13.238  9.398   1.00 52.00  ? 319 HOH   A O   1 
HETATM 1360 O O   . HOH   C 3 .   ? 5.445   -12.321 5.988   1.00 47.39  ? 320 HOH   A O   1 
HETATM 1361 O O   . HOH   C 3 .   ? -8.517  14.296  -4.919  1.00 44.42  ? 321 HOH   A O   1 
HETATM 1362 O O   . HOH   C 3 .   ? 19.401  -2.159  -5.858  1.00 39.92  ? 322 HOH   A O   1 
HETATM 1363 O O   . HOH   C 3 .   ? 4.658   7.297   -17.589 1.00 42.70  ? 323 HOH   A O   1 
HETATM 1364 O O   . HOH   C 3 .   ? -2.536  -7.035  0.716   1.00 25.12  ? 324 HOH   A O   1 
HETATM 1365 O O   . HOH   C 3 .   ? 9.251   -4.528  -6.502  1.00 25.92  ? 325 HOH   A O   1 
HETATM 1366 O O   . HOH   C 3 .   ? -2.448  -5.504  -10.325 1.00 21.00  ? 326 HOH   A O   1 
HETATM 1367 O O   A HOH   C 3 .   ? 2.120   20.397  -10.650 0.50 49.03  ? 327 HOH   A O   1 
HETATM 1368 O O   B HOH   C 3 .   ? 2.120   20.397  -10.650 0.50 49.03  ? 327 HOH   A O   1 
HETATM 1369 O O   . HOH   C 3 .   ? -14.929 0.682   3.727   1.00 49.02  ? 328 HOH   A O   1 
HETATM 1370 O O   . HOH   C 3 .   ? 1.427   -6.000  -16.747 1.00 39.06  ? 329 HOH   A O   1 
HETATM 1371 O O   . HOH   C 3 .   ? -0.087  3.772   -6.617  1.00 21.94  ? 330 HOH   A O   1 
HETATM 1372 O O   . HOH   C 3 .   ? 9.110   2.179   12.009  1.00 46.31  ? 331 HOH   A O   1 
HETATM 1373 O O   . HOH   C 3 .   ? -9.476  9.493   0.573   1.00 34.23  ? 332 HOH   A O   1 
HETATM 1374 O O   . HOH   C 3 .   ? -11.390 10.029  -8.670  1.00 32.86  ? 333 HOH   A O   1 
HETATM 1375 O O   . HOH   C 3 .   ? 7.465   -5.650  -19.572 1.00 38.97  ? 334 HOH   A O   1 
HETATM 1376 O O   A HOH   C 3 .   ? -3.268  -6.196  3.398   0.27 19.61  ? 335 HOH   A O   1 
HETATM 1377 O O   B HOH   C 3 .   ? -3.268  -6.195  3.399   0.27 19.52  ? 335 HOH   A O   1 
HETATM 1378 O O   C HOH   C 3 .   ? -3.278  -6.168  3.309   0.23 30.36  ? 335 HOH   A O   1 
HETATM 1379 O O   D HOH   C 3 .   ? -3.277  -6.170  3.310   0.23 30.35  ? 335 HOH   A O   1 
HETATM 1380 O O   . HOH   C 3 .   ? -10.319 -10.469 -0.323  1.00 45.04  ? 336 HOH   A O   1 
HETATM 1381 O O   . HOH   C 3 .   ? -2.334  -9.713  -1.127  1.00 40.48  ? 337 HOH   A O   1 
HETATM 1382 O O   . HOH   C 3 .   ? 8.787   -14.946 -7.181  1.00 34.33  ? 338 HOH   A O   1 
HETATM 1383 O O   . HOH   C 3 .   ? 4.691   -5.624  -18.379 1.00 46.80  ? 339 HOH   A O   1 
HETATM 1384 O O   . HOH   C 3 .   ? 9.816   8.695   14.563  0.50 52.75  ? 340 HOH   A O   1 
HETATM 1385 O O   . HOH   C 3 .   ? 5.743   -9.952  -9.254  1.00 27.52  ? 341 HOH   A O   1 
HETATM 1386 O O   . HOH   C 3 .   ? -0.327  8.146   -15.038 1.00 42.63  ? 342 HOH   A O   1 
HETATM 1387 O O   . HOH   C 3 .   ? 11.675  -5.942  -5.303  1.00 33.89  ? 343 HOH   A O   1 
HETATM 1388 O O   . HOH   C 3 .   ? 0.411   3.731   -9.302  1.00 22.97  ? 344 HOH   A O   1 
HETATM 1389 O O   . HOH   C 3 .   ? 4.254   13.063  -9.922  1.00 35.38  ? 345 HOH   A O   1 
HETATM 1390 O O   . HOH   C 3 .   ? -1.764  6.457   6.652   1.00 31.52  ? 346 HOH   A O   1 
HETATM 1391 O O   . HOH   C 3 .   ? 11.007  5.279   -10.312 1.00 37.09  ? 347 HOH   A O   1 
HETATM 1392 O O   . HOH   C 3 .   ? 9.369   -7.480  6.262   1.00 36.96  ? 348 HOH   A O   1 
HETATM 1393 O O   . HOH   C 3 .   ? -2.679  4.655   -7.334  1.00 21.70  ? 349 HOH   A O   1 
HETATM 1394 O O   . HOH   C 3 .   ? -3.541  5.577   -10.397 1.00 28.55  ? 350 HOH   A O   1 
HETATM 1395 O O   . HOH   C 3 .   ? 10.872  1.608   -2.403  1.00 39.75  ? 351 HOH   A O   1 
HETATM 1396 O O   . HOH   C 3 .   ? 1.800   -9.965  9.197   1.00 40.59  ? 352 HOH   A O   1 
HETATM 1397 O O   . HOH   C 3 .   ? -2.446  -16.460 -8.834  1.00 39.90  ? 353 HOH   A O   1 
HETATM 1398 O O   . HOH   C 3 .   ? -13.426 4.625   -6.112  1.00 42.02  ? 354 HOH   A O   1 
HETATM 1399 O O   . HOH   C 3 .   ? -11.638 17.187  -0.956  1.00 55.50  ? 355 HOH   A O   1 
HETATM 1400 O O   . HOH   C 3 .   ? -7.104  -6.215  -6.168  1.00 43.56  ? 356 HOH   A O   1 
HETATM 1401 O O   . HOH   C 3 .   ? 7.544   -13.262 -9.157  1.00 41.58  ? 357 HOH   A O   1 
HETATM 1402 O O   . HOH   C 3 .   ? -6.538  14.673  -7.424  1.00 34.09  ? 358 HOH   A O   1 
HETATM 1403 O O   . HOH   C 3 .   ? 10.058  -3.935  -9.945  1.00 39.91  ? 359 HOH   A O   1 
HETATM 1404 O O   . HOH   C 3 .   ? 1.423   -11.021 -13.988 1.00 39.91  ? 360 HOH   A O   1 
HETATM 1405 O O   . HOH   C 3 .   ? 10.169  -11.654 2.178   1.00 41.12  ? 361 HOH   A O   1 
HETATM 1406 O O   . HOH   C 3 .   ? 11.975  8.457   0.170   1.00 37.85  ? 362 HOH   A O   1 
HETATM 1407 O O   . HOH   C 3 .   ? -12.041 -1.662  -3.743  1.00 46.33  ? 363 HOH   A O   1 
HETATM 1408 O O   . HOH   C 3 .   ? -1.270  -9.493  6.254   1.00 43.05  ? 364 HOH   A O   1 
HETATM 1409 O O   . HOH   C 3 .   ? 9.214   11.749  2.332   1.00 54.64  ? 365 HOH   A O   1 
HETATM 1410 O O   . HOH   C 3 .   ? -5.654  -10.983 -5.103  1.00 54.59  ? 366 HOH   A O   1 
HETATM 1411 O O   . HOH   C 3 .   ? 3.211   -12.872 -11.541 1.00 36.15  ? 367 HOH   A O   1 
HETATM 1412 O O   . HOH   C 3 .   ? -3.283  -0.804  -15.445 1.00 37.64  ? 368 HOH   A O   1 
HETATM 1413 O O   . HOH   C 3 .   ? 9.842   -5.952  -13.348 1.00 27.89  ? 369 HOH   A O   1 
HETATM 1414 O O   . HOH   C 3 .   ? 7.832   -2.530  -21.779 1.00 31.21  ? 370 HOH   A O   1 
HETATM 1415 O O   . HOH   C 3 .   ? 7.440   13.749  2.908   1.00 39.37  ? 371 HOH   A O   1 
HETATM 1416 O O   . HOH   C 3 .   ? 8.377   -0.774  -20.274 1.00 44.59  ? 372 HOH   A O   1 
HETATM 1417 O O   . HOH   C 3 .   ? -5.197  0.040   -14.908 1.00 50.03  ? 373 HOH   A O   1 
HETATM 1418 O O   . HOH   C 3 .   ? -10.485 15.168  -6.416  1.00 49.21  ? 374 HOH   A O   1 
HETATM 1419 O O   . HOH   C 3 .   ? -2.134  -9.441  1.552   1.00 45.37  ? 375 HOH   A O   1 
HETATM 1420 O O   A HOH   C 3 .   ? -6.572  1.074   5.784   0.27 55.18  ? 376 HOH   A O   1 
HETATM 1421 O O   B HOH   C 3 .   ? -6.576  1.073   5.786   0.27 55.17  ? 376 HOH   A O   1 
HETATM 1422 O O   . HOH   C 3 .   ? -7.578  14.583  -9.790  1.00 45.52  ? 377 HOH   A O   1 
HETATM 1423 O O   . HOH   C 3 .   ? 12.382  7.159   -12.587 1.00 76.45  ? 378 HOH   A O   1 
HETATM 1424 O O   . HOH   C 3 .   ? 8.510   13.993  -6.219  1.00 41.40  ? 379 HOH   A O   1 
HETATM 1425 O O   . HOH   C 3 .   ? 2.271   18.013  3.170   1.00 60.61  ? 380 HOH   A O   1 
HETATM 1426 O O   . HOH   C 3 .   ? -5.426  17.045  -6.317  1.00 47.13  ? 381 HOH   A O   1 
HETATM 1427 O O   . HOH   C 3 .   ? -0.030  -4.516  -18.315 1.00 53.07  ? 382 HOH   A O   1 
HETATM 1428 O O   C HOH   C 3 .   ? -7.124  -9.111  6.178   0.23 40.09  ? 383 HOH   A O   1 
HETATM 1429 O O   D HOH   C 3 .   ? -7.122  -9.114  6.174   0.23 40.09  ? 383 HOH   A O   1 
# 
